data_7MD5
#
_entry.id   7MD5
#
loop_
_entity.id
_entity.type
_entity.pdbx_description
1 polymer 'Isoform Short of Insulin receptor'
2 polymer 'Isoform Short of Insulin receptor alpha'
3 polymer 'Insulin chain A'
4 polymer 'Insulin B chain'
5 branched 2-acetamido-2-deoxy-beta-D-glucopyranose-(1-4)-[alpha-L-fucopyranose-(1-6)]2-acetamido-2-deoxy-beta-D-glucopyranose
6 branched beta-D-mannopyranose-(1-4)-2-acetamido-2-deoxy-beta-D-glucopyranose-(1-4)-2-acetamido-2-deoxy-beta-D-glucopyranose
7 branched 2-acetamido-2-deoxy-beta-D-glucopyranose-(1-4)-2-acetamido-2-deoxy-beta-D-glucopyranose
8 branched alpha-L-fucopyranose-(1-6)-2-acetamido-2-deoxy-beta-D-glucopyranose
9 non-polymer 2-acetamido-2-deoxy-beta-D-glucopyranose
#
loop_
_entity_poly.entity_id
_entity_poly.type
_entity_poly.pdbx_seq_one_letter_code
_entity_poly.pdbx_strand_id
1 'polypeptide(L)'
;HLYPGEVCPGMDIRNNLTRLHELENCSVIEGHLQILLMFKTRPEDFRDLSFPKLIMITDYLLLFRVYGLESLKDLFPNLT
VIRGSRLFFNYALVIFEMVHLKELGLYNLMNITRGSVRIEKNNELCYLATIDWSRILDSVEDNYIVLNKDDNEECGDICP
GTAKGKTNCPATVINGQFVERCWTHSHCQKVCPTICKSHGCTAEGLCCHSECLGNCSQPDDPTKCVACRNFYLDGRCVET
CPPPYYHFQDWRCVNFSFCQDLHHKCKNSRRQGCHQYVIHNNKCIPECPSGYTMNSSNLLCTPCLGPCPKVCHLLEGEKT
IDSVTSAQELRGCTVINGSLIINIRGGNNLAAELEANLGLIEEISGYLKIRRSYALVSLSFFRKLRLIRGETLEIGNYSF
YALDNQNLRQLWDWSKHNLTITQGKLFFHYNPKLCLSEIHKMEEVSGTKGRQERNDIALKTNGDQASCENELLKFSYIRT
SFDKILLRWEPYWPPDFRDLLGFMLFYKEAPYQNVTEFDGQDACGSNSWTVVDIDPPLRSNDPKSQNHPGWLMRGLKPWT
QYAIFVKTLVTFSDERRTYGAKSDIIYVQTDATNPSVPLDPISVSNSSSQIILKWKPPSDPNGNITHYLVFWERQAEDSE
LFELDYCLKGLKLPSRTWSPPFESEDSQKHNQSEYEDSAGECCSCPKTDSQILKELEESSFRKTFEDYLHNVVFVPRPSR
KRRSLGDVGNVTVAVPTVAAFPNTSSTSVPTSPEEHRPFEKVVNKESLVISGLRHFTGYRIELQACNQDTPEERCSVAAY
VSARTMPEAKADDIVGPVTHEIFENNVVHLMWQEPKEPNGLIVLYEVSYRRYGDEELHLCVSRKHFALERGCRLRGLSPG
NYSVRIRATSLAGNGSWTEPTYFYVTDYLDVPSNIAKHHHHHHHHHH
;
A,B
2 'polypeptide(L)' AAAKELEESSFRKTFEDYLHNVVFVPSPSR M,N
3 'polypeptide(L)' GIVEQCCTSICSLYQLENYCN S,O,Q,U
4 'polypeptide(L)' FVNQHLCGSHLVEALYLVCGERGFFYTPKT T,P,R,V
#
loop_
_chem_comp.id
_chem_comp.type
_chem_comp.name
_chem_comp.formula
BMA D-saccharide, beta linking beta-D-mannopyranose 'C6 H12 O6'
FUC L-saccharide, alpha linking alpha-L-fucopyranose 'C6 H12 O5'
NAG D-saccharide, beta linking 2-acetamido-2-deoxy-beta-D-glucopyranose 'C8 H15 N O6'
#
# COMPACT_ATOMS: atom_id res chain seq x y z
N HIS A 1 -34.97 11.41 53.73
CA HIS A 1 -33.57 11.49 54.11
C HIS A 1 -32.73 10.80 53.04
N LEU A 2 -31.45 11.18 52.99
CA LEU A 2 -30.39 10.92 52.01
C LEU A 2 -30.58 11.69 50.70
N TYR A 3 -31.78 12.22 50.48
CA TYR A 3 -32.20 12.86 49.23
C TYR A 3 -33.42 13.71 49.54
N PRO A 4 -33.22 14.92 50.07
CA PRO A 4 -34.38 15.74 50.49
C PRO A 4 -35.20 16.26 49.34
N GLY A 5 -34.60 16.44 48.17
CA GLY A 5 -35.32 16.96 47.02
C GLY A 5 -36.11 15.88 46.31
N GLU A 6 -36.36 16.12 45.03
CA GLU A 6 -37.24 15.29 44.23
C GLU A 6 -36.50 14.80 42.98
N VAL A 7 -37.26 14.17 42.10
CA VAL A 7 -36.70 13.57 40.90
C VAL A 7 -36.51 14.64 39.83
N CYS A 8 -37.63 15.20 39.36
CA CYS A 8 -37.71 16.24 38.34
C CYS A 8 -36.95 15.82 37.08
N PRO A 9 -37.54 14.96 36.26
CA PRO A 9 -36.82 14.37 35.12
C PRO A 9 -36.34 15.41 34.11
N GLY A 10 -35.27 15.04 33.41
CA GLY A 10 -34.41 15.97 32.71
C GLY A 10 -35.00 16.82 31.61
N MET A 11 -34.97 18.14 31.80
CA MET A 11 -35.35 19.09 30.77
C MET A 11 -34.20 20.06 30.57
N ASP A 12 -33.97 20.41 29.31
CA ASP A 12 -32.76 21.11 28.90
C ASP A 12 -33.08 22.57 28.62
N ILE A 13 -32.13 23.44 28.94
CA ILE A 13 -32.40 24.85 29.16
C ILE A 13 -31.61 25.68 28.14
N ARG A 14 -32.31 26.67 27.55
CA ARG A 14 -31.81 27.45 26.42
C ARG A 14 -32.11 28.94 26.59
N ASN A 15 -31.22 29.74 26.01
CA ASN A 15 -31.42 31.12 25.58
C ASN A 15 -31.52 32.17 26.68
N ASN A 16 -31.72 31.77 27.92
CA ASN A 16 -31.81 32.60 29.11
C ASN A 16 -32.03 31.70 30.32
N LEU A 17 -31.78 32.26 31.49
CA LEU A 17 -31.83 31.52 32.74
C LEU A 17 -33.22 31.51 33.36
N THR A 18 -34.26 31.78 32.56
CA THR A 18 -35.59 31.93 33.11
C THR A 18 -36.21 30.59 33.48
N ARG A 19 -36.09 29.60 32.61
CA ARG A 19 -36.61 28.27 32.89
C ARG A 19 -35.73 27.49 33.86
N LEU A 20 -34.59 28.04 34.26
CA LEU A 20 -33.70 27.35 35.19
C LEU A 20 -34.33 27.22 36.57
N HIS A 21 -35.21 28.14 36.96
CA HIS A 21 -35.87 28.06 38.25
C HIS A 21 -36.93 26.97 38.32
N GLU A 22 -37.26 26.35 37.19
CA GLU A 22 -38.11 25.16 37.21
C GLU A 22 -37.41 23.95 37.80
N LEU A 23 -36.08 23.98 37.89
CA LEU A 23 -35.31 22.81 38.30
C LEU A 23 -34.49 23.09 39.54
N GLU A 24 -35.10 23.69 40.55
CA GLU A 24 -34.37 24.13 41.73
C GLU A 24 -34.30 23.06 42.82
N ASN A 25 -35.47 22.60 43.27
CA ASN A 25 -35.59 21.82 44.50
C ASN A 25 -35.04 20.41 44.39
N CYS A 26 -34.89 19.87 43.19
CA CYS A 26 -34.89 18.43 43.00
C CYS A 26 -33.49 17.86 43.16
N SER A 27 -33.39 16.74 43.87
CA SER A 27 -32.08 16.30 44.35
C SER A 27 -31.34 15.40 43.36
N VAL A 28 -32.04 14.53 42.65
CA VAL A 28 -31.41 13.66 41.66
C VAL A 28 -32.26 13.68 40.40
N ILE A 29 -31.70 14.22 39.33
CA ILE A 29 -32.42 14.34 38.07
C ILE A 29 -32.36 13.02 37.33
N GLU A 30 -33.53 12.45 37.05
CA GLU A 30 -33.61 11.33 36.14
C GLU A 30 -33.44 11.85 34.72
N GLY A 31 -32.62 11.17 33.94
CA GLY A 31 -32.34 11.63 32.60
C GLY A 31 -31.08 12.46 32.56
N HIS A 32 -31.10 13.53 31.77
CA HIS A 32 -29.92 14.32 31.49
C HIS A 32 -30.24 15.80 31.60
N LEU A 33 -29.19 16.61 31.60
CA LEU A 33 -29.33 18.05 31.63
C LEU A 33 -28.40 18.67 30.61
N GLN A 34 -28.94 19.53 29.76
CA GLN A 34 -28.14 20.29 28.82
C GLN A 34 -28.42 21.77 29.05
N ILE A 35 -27.38 22.58 29.02
CA ILE A 35 -27.48 24.02 29.14
C ILE A 35 -26.78 24.60 27.93
N LEU A 36 -27.53 25.36 27.13
CA LEU A 36 -26.98 25.69 25.83
C LEU A 36 -27.50 27.02 25.31
N LEU A 37 -26.60 27.70 24.58
CA LEU A 37 -26.90 28.77 23.63
C LEU A 37 -27.55 29.98 24.32
N MET A 38 -26.77 30.57 25.22
CA MET A 38 -27.18 31.79 25.90
C MET A 38 -26.09 32.81 25.63
N PHE A 39 -26.30 33.64 24.61
CA PHE A 39 -25.29 34.58 24.19
C PHE A 39 -25.45 35.92 24.90
N LYS A 40 -26.65 36.20 25.39
CA LYS A 40 -26.94 37.47 26.05
C LYS A 40 -26.96 37.36 27.56
N THR A 41 -26.12 36.51 28.13
CA THR A 41 -26.00 36.41 29.57
C THR A 41 -24.79 37.20 30.07
N ARG A 42 -24.76 37.39 31.37
CA ARG A 42 -23.78 38.21 32.06
C ARG A 42 -23.15 37.41 33.18
N PRO A 43 -21.95 37.77 33.63
CA PRO A 43 -21.40 37.16 34.85
C PRO A 43 -22.21 37.48 36.09
N GLU A 44 -22.89 38.63 36.12
CA GLU A 44 -23.78 38.95 37.22
C GLU A 44 -25.04 38.10 37.21
N ASP A 45 -25.35 37.44 36.11
CA ASP A 45 -26.51 36.57 36.03
C ASP A 45 -26.27 35.22 36.70
N PHE A 46 -25.05 34.97 37.18
CA PHE A 46 -24.72 33.72 37.84
C PHE A 46 -24.36 33.88 39.30
N ARG A 47 -24.01 35.09 39.76
CA ARG A 47 -23.64 35.29 41.15
C ARG A 47 -24.84 35.14 42.08
N ASP A 48 -26.03 35.44 41.58
CA ASP A 48 -27.26 35.27 42.34
C ASP A 48 -27.94 33.95 41.97
N LEU A 49 -27.14 32.92 41.73
CA LEU A 49 -27.65 31.72 41.11
C LEU A 49 -26.82 30.54 41.58
N SER A 50 -27.48 29.58 42.23
CA SER A 50 -26.79 28.43 42.82
C SER A 50 -27.78 27.29 43.00
N PHE A 51 -27.29 26.06 42.86
CA PHE A 51 -28.12 24.88 43.04
C PHE A 51 -27.28 23.81 43.74
N PRO A 52 -27.28 23.81 45.07
CA PRO A 52 -26.57 22.76 45.81
C PRO A 52 -27.38 21.49 45.97
N LYS A 53 -28.66 21.51 45.60
CA LYS A 53 -29.56 20.41 45.92
C LYS A 53 -29.28 19.19 45.07
N LEU A 54 -28.78 19.40 43.85
CA LEU A 54 -28.49 18.29 42.96
C LEU A 54 -27.23 17.57 43.41
N ILE A 55 -27.31 16.24 43.44
CA ILE A 55 -26.22 15.40 43.91
C ILE A 55 -25.80 14.39 42.84
N MET A 56 -26.78 13.75 42.21
CA MET A 56 -26.52 12.73 41.20
C MET A 56 -27.35 13.01 39.95
N ILE A 57 -26.76 12.78 38.79
CA ILE A 57 -27.48 12.74 37.53
C ILE A 57 -27.36 11.34 36.97
N THR A 58 -28.48 10.80 36.51
CA THR A 58 -28.49 9.48 35.89
C THR A 58 -27.68 9.44 34.60
N ASP A 59 -28.10 10.19 33.58
CA ASP A 59 -27.56 9.89 32.25
C ASP A 59 -26.36 10.76 31.84
N TYR A 60 -26.55 12.07 31.64
CA TYR A 60 -25.44 12.90 31.21
C TYR A 60 -25.72 14.37 31.48
N LEU A 61 -24.81 15.21 30.99
CA LEU A 61 -24.74 16.62 31.34
C LEU A 61 -23.93 17.34 30.28
N LEU A 62 -24.40 18.53 29.89
CA LEU A 62 -23.87 19.19 28.70
C LEU A 62 -23.85 20.70 28.88
N LEU A 63 -22.76 21.33 28.43
CA LEU A 63 -22.57 22.77 28.49
C LEU A 63 -22.07 23.27 27.14
N PHE A 64 -22.84 24.15 26.51
CA PHE A 64 -22.59 24.46 25.10
C PHE A 64 -22.90 25.93 24.81
N ARG A 65 -21.84 26.74 24.67
CA ARG A 65 -21.92 28.09 24.11
C ARG A 65 -22.83 29.02 24.91
N VAL A 66 -22.49 29.23 26.17
CA VAL A 66 -23.18 30.19 27.01
C VAL A 66 -22.15 31.20 27.49
N TYR A 67 -22.43 32.47 27.25
CA TYR A 67 -21.46 33.52 27.52
C TYR A 67 -21.56 34.00 28.96
N GLY A 68 -20.48 34.65 29.42
CA GLY A 68 -20.46 35.27 30.73
C GLY A 68 -20.14 34.35 31.89
N LEU A 69 -20.23 33.03 31.70
CA LEU A 69 -20.00 32.09 32.78
C LEU A 69 -18.52 31.73 32.84
N GLU A 70 -18.00 31.66 34.06
CA GLU A 70 -16.59 31.38 34.28
C GLU A 70 -16.32 30.18 35.17
N SER A 71 -17.30 29.71 35.93
CA SER A 71 -17.10 28.63 36.88
C SER A 71 -18.35 27.78 36.98
N LEU A 72 -18.24 26.71 37.78
CA LEU A 72 -19.36 25.85 38.10
C LEU A 72 -19.44 25.54 39.58
N LYS A 73 -18.53 26.08 40.39
CA LYS A 73 -18.53 25.83 41.83
C LYS A 73 -19.74 26.44 42.50
N ASP A 74 -20.38 27.43 41.90
CA ASP A 74 -21.56 28.05 42.47
C ASP A 74 -22.85 27.40 41.98
N LEU A 75 -22.94 27.19 40.66
CA LEU A 75 -24.16 26.67 40.06
C LEU A 75 -24.42 25.25 40.50
N PHE A 76 -23.37 24.44 40.57
CA PHE A 76 -23.45 23.07 41.04
C PHE A 76 -22.27 22.81 41.95
N PRO A 77 -22.37 23.18 43.22
CA PRO A 77 -21.31 22.85 44.16
C PRO A 77 -21.28 21.39 44.54
N ASN A 78 -22.41 20.69 44.46
CA ASN A 78 -22.56 19.42 45.15
C ASN A 78 -23.01 18.29 44.25
N LEU A 79 -22.79 18.40 42.95
CA LEU A 79 -23.00 17.25 42.08
C LEU A 79 -21.91 16.22 42.34
N THR A 80 -22.29 14.97 42.45
CA THR A 80 -21.31 14.02 42.94
C THR A 80 -21.15 12.78 42.07
N VAL A 81 -22.24 12.24 41.54
CA VAL A 81 -22.24 10.93 40.89
C VAL A 81 -22.92 11.07 39.53
N ILE A 82 -22.30 10.48 38.51
CA ILE A 82 -22.92 10.33 37.21
C ILE A 82 -23.01 8.85 36.91
N ARG A 83 -24.23 8.35 36.72
CA ARG A 83 -24.43 6.93 36.46
C ARG A 83 -24.15 6.59 35.00
N GLY A 84 -24.71 7.36 34.08
CA GLY A 84 -24.40 7.17 32.69
C GLY A 84 -25.09 5.99 32.04
N SER A 85 -26.42 5.94 32.15
CA SER A 85 -27.17 4.94 31.41
C SER A 85 -27.29 5.34 29.95
N ARG A 86 -27.85 6.51 29.68
CA ARG A 86 -27.88 7.07 28.33
C ARG A 86 -26.61 7.89 28.16
N LEU A 87 -25.73 7.44 27.27
CA LEU A 87 -24.44 8.11 27.11
C LEU A 87 -24.48 9.02 25.88
N PHE A 88 -23.30 9.54 25.53
CA PHE A 88 -23.22 10.57 24.51
C PHE A 88 -21.86 10.43 23.81
N PHE A 89 -21.83 9.62 22.75
CA PHE A 89 -20.60 9.20 22.06
C PHE A 89 -19.57 8.64 23.02
N ASN A 90 -20.06 7.81 23.94
CA ASN A 90 -19.33 7.37 25.14
C ASN A 90 -18.78 8.57 25.90
N TYR A 91 -19.65 9.54 26.16
CA TYR A 91 -19.34 10.54 27.15
C TYR A 91 -20.59 10.78 27.97
N ALA A 92 -20.39 11.42 29.11
CA ALA A 92 -21.49 11.89 29.93
C ALA A 92 -21.33 13.32 30.40
N LEU A 93 -20.16 13.93 30.19
CA LEU A 93 -19.94 15.32 30.56
C LEU A 93 -19.41 16.07 29.35
N VAL A 94 -20.18 17.04 28.89
CA VAL A 94 -19.83 17.83 27.72
C VAL A 94 -19.46 19.22 28.22
N ILE A 95 -18.20 19.59 28.00
CA ILE A 95 -17.72 20.93 28.29
C ILE A 95 -17.22 21.49 26.97
N PHE A 96 -18.03 22.29 26.29
CA PHE A 96 -17.69 22.51 24.90
C PHE A 96 -18.09 23.90 24.44
N GLU A 97 -17.12 24.59 23.83
CA GLU A 97 -17.31 25.90 23.18
C GLU A 97 -17.85 26.93 24.15
N MET A 98 -17.38 26.88 25.37
CA MET A 98 -17.86 27.73 26.45
C MET A 98 -16.92 28.92 26.57
N VAL A 99 -17.36 30.07 26.08
CA VAL A 99 -16.58 31.29 26.17
C VAL A 99 -16.63 31.81 27.60
N HIS A 100 -15.45 32.19 28.11
CA HIS A 100 -15.11 32.75 29.42
C HIS A 100 -15.07 31.70 30.52
N LEU A 101 -15.45 30.46 30.24
CA LEU A 101 -15.42 29.41 31.26
C LEU A 101 -13.97 29.06 31.56
N LYS A 102 -13.48 29.51 32.71
CA LYS A 102 -12.07 29.39 33.02
C LYS A 102 -11.76 28.38 34.11
N GLU A 103 -12.75 27.96 34.88
CA GLU A 103 -12.52 27.02 35.96
C GLU A 103 -13.80 26.23 36.19
N LEU A 104 -13.70 25.20 37.03
CA LEU A 104 -14.81 24.32 37.31
C LEU A 104 -15.25 24.38 38.77
N GLY A 105 -14.33 24.13 39.70
CA GLY A 105 -14.70 23.97 41.09
C GLY A 105 -15.55 22.74 41.35
N LEU A 106 -15.36 21.69 40.56
CA LEU A 106 -16.20 20.49 40.66
C LEU A 106 -15.55 19.45 41.57
N TYR A 107 -15.22 19.91 42.77
CA TYR A 107 -14.55 19.06 43.75
C TYR A 107 -15.49 17.96 44.27
N ASN A 108 -16.79 18.24 44.38
CA ASN A 108 -17.70 17.25 44.93
C ASN A 108 -18.01 16.11 43.98
N LEU A 109 -17.69 16.25 42.70
CA LEU A 109 -17.79 15.13 41.79
C LEU A 109 -16.79 14.06 42.17
N MET A 110 -17.27 12.85 42.44
CA MET A 110 -16.40 11.79 42.96
C MET A 110 -16.29 10.59 42.04
N ASN A 111 -17.41 10.05 41.57
CA ASN A 111 -17.37 8.89 40.69
C ASN A 111 -18.33 9.13 39.54
N ILE A 112 -17.82 8.98 38.32
CA ILE A 112 -18.65 8.85 37.13
C ILE A 112 -18.64 7.39 36.74
N THR A 113 -19.81 6.77 36.73
CA THR A 113 -19.88 5.32 36.62
C THR A 113 -19.57 4.86 35.21
N ARG A 114 -20.36 5.32 34.24
CA ARG A 114 -20.27 4.83 32.87
C ARG A 114 -20.21 6.02 31.93
N GLY A 115 -19.29 5.96 30.96
CA GLY A 115 -19.11 7.06 30.04
C GLY A 115 -17.73 7.69 30.10
N SER A 116 -17.56 8.88 29.57
CA SER A 116 -16.29 9.59 29.65
C SER A 116 -16.55 11.09 29.61
N VAL A 117 -15.49 11.87 29.47
CA VAL A 117 -15.55 13.34 29.51
C VAL A 117 -14.75 13.87 28.34
N ARG A 118 -15.37 14.73 27.53
CA ARG A 118 -14.69 15.40 26.44
C ARG A 118 -14.74 16.89 26.68
N ILE A 119 -13.59 17.55 26.50
CA ILE A 119 -13.45 18.99 26.73
C ILE A 119 -12.80 19.59 25.51
N GLU A 120 -13.47 20.57 24.91
CA GLU A 120 -12.95 21.07 23.64
C GLU A 120 -13.40 22.50 23.43
N LYS A 121 -12.50 23.27 22.80
CA LYS A 121 -12.78 24.62 22.28
C LYS A 121 -13.16 25.58 23.39
N ASN A 122 -12.46 25.47 24.51
CA ASN A 122 -12.75 26.27 25.70
C ASN A 122 -11.45 26.96 26.07
N ASN A 123 -11.20 28.08 25.42
CA ASN A 123 -9.91 28.78 25.45
C ASN A 123 -9.68 29.59 26.71
N GLU A 124 -10.49 29.39 27.76
CA GLU A 124 -10.25 30.01 29.04
C GLU A 124 -10.00 29.00 30.15
N LEU A 125 -10.34 27.74 29.95
CA LEU A 125 -10.35 26.76 31.03
C LEU A 125 -8.96 26.31 31.40
N CYS A 126 -8.70 26.23 32.70
CA CYS A 126 -7.44 25.74 33.25
C CYS A 126 -7.79 24.90 34.47
N TYR A 127 -6.79 24.65 35.32
CA TYR A 127 -6.86 23.75 36.49
C TYR A 127 -7.18 22.32 36.09
N LEU A 128 -6.74 21.91 34.90
CA LEU A 128 -7.15 20.63 34.32
C LEU A 128 -6.17 19.51 34.58
N ALA A 129 -4.87 19.81 34.55
CA ALA A 129 -3.85 18.81 34.85
C ALA A 129 -3.89 18.36 36.30
N THR A 130 -4.51 19.15 37.17
CA THR A 130 -4.68 18.84 38.58
C THR A 130 -5.86 17.92 38.85
N ILE A 131 -6.40 17.25 37.84
CA ILE A 131 -7.61 16.46 37.96
C ILE A 131 -7.27 15.02 37.64
N ASP A 132 -7.27 14.16 38.66
CA ASP A 132 -7.05 12.73 38.46
C ASP A 132 -8.37 12.11 38.06
N TRP A 133 -8.44 11.68 36.80
CA TRP A 133 -9.67 11.10 36.30
C TRP A 133 -9.80 9.64 36.73
N SER A 134 -8.68 9.01 37.06
CA SER A 134 -8.70 7.62 37.47
C SER A 134 -9.41 7.43 38.80
N ARG A 135 -9.41 8.46 39.65
CA ARG A 135 -10.21 8.42 40.87
C ARG A 135 -11.69 8.49 40.55
N ILE A 136 -12.06 9.12 39.44
CA ILE A 136 -13.45 9.32 39.10
C ILE A 136 -13.92 8.37 38.01
N LEU A 137 -13.04 7.98 37.10
CA LEU A 137 -13.40 7.14 35.97
C LEU A 137 -12.50 5.91 35.94
N ASP A 138 -12.95 4.92 35.17
CA ASP A 138 -12.18 3.70 34.97
C ASP A 138 -11.33 3.77 33.70
N SER A 139 -11.97 3.97 32.55
CA SER A 139 -11.24 4.04 31.28
C SER A 139 -10.89 5.49 31.02
N VAL A 140 -9.73 5.91 31.53
CA VAL A 140 -9.30 7.29 31.38
C VAL A 140 -8.74 7.58 30.00
N GLU A 141 -8.51 6.56 29.19
CA GLU A 141 -7.96 6.75 27.86
C GLU A 141 -9.03 7.10 26.83
N ASP A 142 -10.24 7.42 27.26
CA ASP A 142 -11.31 7.81 26.37
C ASP A 142 -11.74 9.25 26.65
N ASN A 143 -10.81 10.07 27.13
CA ASN A 143 -11.10 11.43 27.51
C ASN A 143 -10.31 12.37 26.62
N TYR A 144 -11.01 13.07 25.74
CA TYR A 144 -10.39 13.93 24.74
C TYR A 144 -10.45 15.37 25.22
N ILE A 145 -9.28 15.98 25.37
CA ILE A 145 -9.15 17.34 25.86
C ILE A 145 -8.22 18.10 24.93
N VAL A 146 -8.73 19.14 24.28
CA VAL A 146 -7.95 19.88 23.29
C VAL A 146 -8.57 21.26 23.14
N LEU A 147 -7.81 22.18 22.55
CA LEU A 147 -8.23 23.54 22.17
C LEU A 147 -8.68 24.35 23.39
N ASN A 148 -7.80 24.39 24.38
CA ASN A 148 -8.16 25.01 25.64
C ASN A 148 -7.04 25.96 26.03
N LYS A 149 -7.27 26.70 27.12
CA LYS A 149 -6.27 27.66 27.57
C LYS A 149 -5.02 26.98 28.08
N ASP A 150 -5.15 25.76 28.60
CA ASP A 150 -3.98 25.01 29.02
C ASP A 150 -3.10 24.58 27.85
N ASP A 151 -3.67 24.49 26.64
CA ASP A 151 -2.91 24.11 25.46
C ASP A 151 -1.91 25.18 25.02
N ASN A 152 -2.07 26.42 25.48
CA ASN A 152 -1.03 27.44 25.40
C ASN A 152 -0.62 27.72 26.84
N GLU A 153 0.51 27.16 27.25
CA GLU A 153 0.85 26.96 28.66
C GLU A 153 1.08 28.30 29.36
N GLU A 154 0.05 28.77 30.04
CA GLU A 154 0.10 30.06 30.72
C GLU A 154 -0.41 30.00 32.15
N CYS A 155 -1.34 29.10 32.46
CA CYS A 155 -2.02 29.11 33.74
C CYS A 155 -1.14 28.53 34.84
N GLY A 156 -0.91 29.33 35.89
CA GLY A 156 -0.37 28.81 37.12
C GLY A 156 -1.52 28.37 38.00
N ASP A 157 -1.83 27.09 37.95
CA ASP A 157 -3.03 26.53 38.58
C ASP A 157 -2.68 25.94 39.94
N ILE A 158 -2.25 26.83 40.84
CA ILE A 158 -1.55 26.42 42.04
C ILE A 158 -2.43 26.66 43.26
N CYS A 159 -2.01 26.06 44.37
CA CYS A 159 -2.60 26.19 45.69
C CYS A 159 -1.49 26.57 46.66
N PRO A 160 -1.81 27.27 47.77
CA PRO A 160 -0.73 27.84 48.61
C PRO A 160 0.17 26.84 49.30
N GLY A 161 -0.37 25.73 49.78
CA GLY A 161 0.49 24.75 50.42
C GLY A 161 -0.31 23.72 51.18
N THR A 162 0.36 23.06 52.11
CA THR A 162 -0.23 21.99 52.89
C THR A 162 -0.49 22.44 54.33
N ASN A 168 -2.40 19.40 52.25
CA ASN A 168 -3.71 19.69 51.68
C ASN A 168 -3.91 18.97 50.36
N CYS A 169 -3.54 19.62 49.27
CA CYS A 169 -3.73 19.04 47.94
C CYS A 169 -2.71 17.94 47.69
N PRO A 170 -3.15 16.75 47.28
CA PRO A 170 -2.21 15.61 47.13
C PRO A 170 -1.35 15.76 45.88
N ALA A 171 -0.04 15.73 46.08
CA ALA A 171 0.93 15.78 44.98
C ALA A 171 1.36 14.36 44.66
N THR A 172 0.62 13.71 43.77
CA THR A 172 0.79 12.30 43.47
C THR A 172 1.58 12.15 42.18
N VAL A 173 2.55 11.22 42.18
CA VAL A 173 3.29 10.94 40.97
C VAL A 173 2.41 10.15 40.00
N ILE A 174 2.42 10.56 38.74
CA ILE A 174 1.66 9.86 37.71
C ILE A 174 2.62 9.36 36.66
N ASN A 175 3.28 10.28 35.96
CA ASN A 175 4.13 9.95 34.83
C ASN A 175 5.57 10.34 35.05
N GLY A 176 5.85 11.59 35.39
CA GLY A 176 7.21 12.04 35.58
C GLY A 176 7.52 12.50 36.98
N GLN A 177 6.54 13.10 37.65
CA GLN A 177 6.74 13.64 38.99
C GLN A 177 5.38 13.79 39.65
N PHE A 178 5.41 14.37 40.85
CA PHE A 178 4.21 14.60 41.65
C PHE A 178 3.26 15.56 40.96
N VAL A 179 2.00 15.19 40.88
CA VAL A 179 0.96 16.04 40.31
C VAL A 179 0.08 16.50 41.46
N GLU A 180 0.17 17.79 41.78
CA GLU A 180 -0.70 18.36 42.80
C GLU A 180 -2.14 18.36 42.31
N ARG A 181 -3.02 17.77 43.10
CA ARG A 181 -4.39 17.52 42.67
C ARG A 181 -5.32 18.52 43.33
N CYS A 182 -5.96 19.36 42.51
CA CYS A 182 -6.87 20.37 43.03
C CYS A 182 -7.92 20.67 41.97
N TRP A 183 -8.86 21.52 42.35
CA TRP A 183 -9.92 22.00 41.47
C TRP A 183 -9.83 23.50 41.27
N THR A 184 -9.75 24.26 42.36
CA THR A 184 -9.43 25.66 42.30
C THR A 184 -8.07 25.88 42.97
N HIS A 185 -7.72 27.16 43.12
CA HIS A 185 -6.65 27.52 44.03
C HIS A 185 -6.99 27.20 45.48
N SER A 186 -8.28 27.14 45.80
CA SER A 186 -8.74 26.75 47.13
C SER A 186 -9.02 25.26 47.19
N HIS A 187 -9.89 24.76 46.31
CA HIS A 187 -10.40 23.40 46.44
C HIS A 187 -9.38 22.38 45.96
N CYS A 188 -8.89 21.57 46.89
CA CYS A 188 -8.07 20.42 46.55
C CYS A 188 -8.94 19.32 45.95
N GLN A 189 -8.28 18.34 45.36
CA GLN A 189 -8.96 17.14 44.89
C GLN A 189 -8.84 16.08 45.98
N LYS A 190 -9.99 15.62 46.48
CA LYS A 190 -10.03 14.67 47.59
C LYS A 190 -9.58 13.30 47.13
N VAL A 191 -8.75 12.65 47.94
CA VAL A 191 -8.30 11.29 47.68
C VAL A 191 -8.73 10.42 48.85
N CYS A 192 -9.59 9.46 48.58
CA CYS A 192 -9.88 8.41 49.54
C CYS A 192 -8.75 7.38 49.55
N PRO A 193 -8.51 6.73 50.69
CA PRO A 193 -7.41 5.74 50.75
C PRO A 193 -7.69 4.49 49.93
N THR A 194 -6.70 3.60 49.89
CA THR A 194 -6.72 2.45 48.97
C THR A 194 -7.55 1.27 49.49
N ILE A 195 -8.42 1.49 50.47
CA ILE A 195 -9.38 0.47 50.88
C ILE A 195 -10.82 0.97 50.84
N CYS A 196 -11.05 2.28 50.95
CA CYS A 196 -12.39 2.86 50.90
C CYS A 196 -12.78 3.26 49.48
N LYS A 197 -12.18 2.60 48.49
CA LYS A 197 -12.31 3.05 47.10
C LYS A 197 -13.69 2.72 46.53
N SER A 198 -14.29 1.64 47.01
CA SER A 198 -15.54 1.17 46.42
C SER A 198 -16.70 2.08 46.78
N HIS A 199 -16.87 2.37 48.06
CA HIS A 199 -18.04 3.09 48.51
C HIS A 199 -17.72 4.52 48.93
N GLY A 200 -16.49 4.96 48.73
CA GLY A 200 -16.08 6.26 49.19
C GLY A 200 -15.57 6.23 50.62
N CYS A 201 -15.08 7.39 51.05
CA CYS A 201 -14.58 7.56 52.40
C CYS A 201 -15.19 8.81 53.00
N THR A 202 -15.13 8.90 54.32
CA THR A 202 -15.60 10.05 55.06
C THR A 202 -14.45 11.06 55.19
N ALA A 203 -14.62 12.04 56.08
CA ALA A 203 -13.69 13.17 56.17
C ALA A 203 -12.34 12.71 56.72
N GLU A 204 -12.34 11.93 57.80
CA GLU A 204 -11.09 11.43 58.34
C GLU A 204 -10.51 10.29 57.50
N GLY A 205 -11.30 9.71 56.60
CA GLY A 205 -10.81 8.68 55.71
C GLY A 205 -11.31 7.29 56.00
N LEU A 206 -12.23 7.12 56.93
CA LEU A 206 -12.77 5.81 57.23
C LEU A 206 -13.70 5.35 56.11
N CYS A 207 -13.76 4.04 55.91
CA CYS A 207 -14.62 3.49 54.87
C CYS A 207 -16.09 3.63 55.24
N CYS A 208 -16.90 3.84 54.23
CA CYS A 208 -18.31 4.03 54.41
C CYS A 208 -19.01 2.68 54.47
N HIS A 209 -20.34 2.70 54.46
CA HIS A 209 -21.11 1.48 54.42
C HIS A 209 -20.99 0.83 53.04
N SER A 210 -21.24 -0.47 53.00
CA SER A 210 -21.18 -1.29 51.79
C SER A 210 -22.24 -0.93 50.75
N GLU A 211 -23.14 0.01 51.01
CA GLU A 211 -24.05 0.51 50.00
C GLU A 211 -23.89 1.99 49.72
N CYS A 212 -22.99 2.67 50.42
CA CYS A 212 -22.68 4.07 50.11
C CYS A 212 -21.90 4.16 48.80
N LEU A 213 -21.63 5.38 48.36
CA LEU A 213 -20.86 5.59 47.14
C LEU A 213 -20.24 6.97 47.18
N GLY A 214 -18.92 7.04 47.04
CA GLY A 214 -18.24 8.32 46.91
C GLY A 214 -18.12 9.11 48.19
N ASN A 215 -19.25 9.54 48.74
CA ASN A 215 -19.28 10.25 50.00
C ASN A 215 -20.27 9.56 50.93
N CYS A 216 -20.00 9.68 52.23
CA CYS A 216 -20.95 9.31 53.25
C CYS A 216 -20.86 10.32 54.37
N SER A 217 -22.01 10.67 54.95
CA SER A 217 -22.01 11.60 56.06
C SER A 217 -21.43 10.98 57.32
N GLN A 218 -21.67 9.69 57.53
CA GLN A 218 -21.09 8.97 58.64
C GLN A 218 -20.42 7.71 58.12
N PRO A 219 -19.24 7.36 58.65
CA PRO A 219 -18.57 6.13 58.19
C PRO A 219 -19.34 4.90 58.64
N ASP A 220 -19.56 3.99 57.68
CA ASP A 220 -20.28 2.73 57.85
C ASP A 220 -21.69 2.96 58.36
N ASP A 221 -22.50 3.65 57.55
CA ASP A 221 -23.91 3.81 57.91
C ASP A 221 -24.76 3.85 56.64
N PRO A 222 -25.63 2.87 56.42
CA PRO A 222 -26.54 2.93 55.27
C PRO A 222 -27.57 4.03 55.38
N THR A 223 -27.91 4.44 56.60
CA THR A 223 -28.82 5.54 56.82
C THR A 223 -28.13 6.89 56.82
N LYS A 224 -26.80 6.91 56.80
CA LYS A 224 -26.04 8.15 56.80
C LYS A 224 -24.94 8.08 55.74
N CYS A 225 -25.32 7.66 54.53
CA CYS A 225 -24.47 7.79 53.35
C CYS A 225 -24.56 9.21 52.80
N VAL A 226 -24.10 9.40 51.57
CA VAL A 226 -24.51 10.52 50.74
C VAL A 226 -25.13 10.03 49.44
N ALA A 227 -24.44 9.13 48.74
CA ALA A 227 -24.93 8.56 47.50
C ALA A 227 -24.95 7.05 47.58
N CYS A 228 -26.00 6.44 47.03
CA CYS A 228 -26.11 4.99 47.00
C CYS A 228 -25.17 4.42 45.94
N ARG A 229 -24.65 3.21 46.22
CA ARG A 229 -23.87 2.52 45.21
C ARG A 229 -24.76 1.97 44.12
N ASN A 230 -25.82 1.26 44.51
CA ASN A 230 -26.69 0.64 43.53
C ASN A 230 -28.10 1.21 43.58
N PHE A 231 -28.76 1.13 44.73
CA PHE A 231 -30.20 1.25 44.83
C PHE A 231 -30.53 2.10 46.04
N TYR A 232 -31.68 2.76 45.99
CA TYR A 232 -32.14 3.57 47.12
C TYR A 232 -33.51 3.11 47.56
N LEU A 233 -33.70 3.03 48.88
CA LEU A 233 -35.02 2.71 49.43
C LEU A 233 -35.15 3.39 50.79
N ASP A 234 -35.73 4.59 50.78
CA ASP A 234 -36.37 5.23 51.94
C ASP A 234 -35.39 5.45 53.10
N GLY A 235 -34.39 6.29 52.85
CA GLY A 235 -33.36 6.55 53.82
C GLY A 235 -32.33 5.46 53.98
N ARG A 236 -32.35 4.44 53.12
CA ARG A 236 -31.36 3.39 53.13
C ARG A 236 -30.95 3.08 51.71
N CYS A 237 -29.65 3.10 51.45
CA CYS A 237 -29.14 2.52 50.22
C CYS A 237 -29.12 1.01 50.37
N VAL A 238 -29.72 0.31 49.41
CA VAL A 238 -29.94 -1.12 49.56
C VAL A 238 -29.23 -1.88 48.45
N GLU A 239 -28.91 -3.14 48.72
CA GLU A 239 -28.28 -3.98 47.70
C GLU A 239 -29.29 -4.46 46.68
N THR A 240 -30.53 -4.69 47.09
CA THR A 240 -31.56 -5.17 46.18
C THR A 240 -32.92 -4.71 46.68
N CYS A 241 -33.93 -4.94 45.85
CA CYS A 241 -35.30 -4.66 46.23
C CYS A 241 -35.90 -5.88 46.93
N PRO A 242 -36.30 -5.76 48.19
CA PRO A 242 -37.08 -6.82 48.80
C PRO A 242 -38.48 -6.85 48.22
N PRO A 243 -39.15 -7.99 48.29
CA PRO A 243 -40.54 -8.04 47.81
C PRO A 243 -41.44 -7.23 48.72
N PRO A 244 -42.50 -6.63 48.17
CA PRO A 244 -42.91 -6.63 46.76
C PRO A 244 -42.41 -5.42 46.00
N TYR A 245 -41.14 -5.07 46.11
CA TYR A 245 -40.63 -3.89 45.43
C TYR A 245 -39.79 -4.29 44.22
N TYR A 246 -39.53 -3.30 43.39
CA TYR A 246 -39.06 -3.53 42.02
C TYR A 246 -37.96 -2.54 41.68
N HIS A 247 -36.94 -3.03 41.01
CA HIS A 247 -35.84 -2.18 40.59
C HIS A 247 -36.27 -1.29 39.44
N PHE A 248 -36.21 0.02 39.67
CA PHE A 248 -36.61 0.97 38.63
C PHE A 248 -35.38 1.74 38.19
N GLN A 249 -35.00 1.56 36.92
CA GLN A 249 -33.93 2.29 36.25
C GLN A 249 -32.60 2.18 36.98
N ASP A 250 -32.39 1.02 37.61
CA ASP A 250 -31.14 0.61 38.26
C ASP A 250 -30.80 1.52 39.44
N TRP A 251 -31.78 2.20 40.04
CA TRP A 251 -31.43 3.03 41.18
C TRP A 251 -32.38 3.00 42.37
N ARG A 252 -33.55 2.37 42.28
CA ARG A 252 -34.47 2.42 43.41
C ARG A 252 -35.41 1.23 43.39
N CYS A 253 -36.21 1.15 44.45
CA CYS A 253 -37.23 0.12 44.63
C CYS A 253 -38.58 0.81 44.71
N VAL A 254 -39.50 0.40 43.82
CA VAL A 254 -40.84 0.97 43.78
C VAL A 254 -41.85 -0.14 44.00
N ASN A 255 -43.04 0.23 44.45
CA ASN A 255 -44.06 -0.77 44.68
C ASN A 255 -44.78 -1.09 43.37
N PHE A 256 -45.73 -2.03 43.43
CA PHE A 256 -46.46 -2.45 42.25
C PHE A 256 -47.35 -1.34 41.70
N SER A 257 -47.92 -0.54 42.59
CA SER A 257 -48.89 0.47 42.18
C SER A 257 -48.22 1.57 41.36
N PHE A 258 -46.95 1.86 41.65
CA PHE A 258 -46.21 2.91 40.96
C PHE A 258 -46.04 2.60 39.48
N CYS A 259 -45.32 1.53 39.17
CA CYS A 259 -45.11 1.12 37.78
C CYS A 259 -46.41 0.64 37.14
N GLN A 260 -47.38 0.21 37.95
CA GLN A 260 -48.73 -0.03 37.47
C GLN A 260 -49.33 1.23 36.86
N ASP A 261 -49.39 2.30 37.63
CA ASP A 261 -50.04 3.52 37.18
C ASP A 261 -49.20 4.29 36.18
N LEU A 262 -47.91 4.00 36.08
CA LEU A 262 -47.10 4.58 35.00
C LEU A 262 -47.58 4.12 33.64
N HIS A 263 -48.11 2.90 33.55
CA HIS A 263 -48.64 2.38 32.31
C HIS A 263 -49.88 3.13 31.86
N HIS A 264 -50.63 3.69 32.80
CA HIS A 264 -51.94 4.24 32.52
C HIS A 264 -51.89 5.68 32.04
N LYS A 265 -50.78 6.15 31.49
CA LYS A 265 -50.64 7.56 31.15
C LYS A 265 -50.34 7.83 29.70
N CYS A 266 -50.24 6.80 28.86
CA CYS A 266 -50.10 6.99 27.42
C CYS A 266 -51.41 6.90 26.69
N LYS A 267 -52.52 7.07 27.39
CA LYS A 267 -53.83 6.89 26.80
C LYS A 267 -54.40 8.23 26.38
N CYS A 274 -43.57 6.97 24.25
CA CYS A 274 -44.33 7.33 25.44
C CYS A 274 -44.00 6.37 26.58
N HIS A 275 -43.49 5.19 26.19
CA HIS A 275 -42.89 4.20 27.08
C HIS A 275 -43.88 3.71 28.14
N GLN A 276 -44.89 2.99 27.67
CA GLN A 276 -45.65 2.14 28.58
C GLN A 276 -44.75 1.02 29.11
N TYR A 277 -44.98 0.63 30.34
CA TYR A 277 -44.05 -0.22 31.07
C TYR A 277 -44.65 -1.58 31.38
N VAL A 278 -43.77 -2.54 31.57
CA VAL A 278 -44.10 -3.88 32.04
C VAL A 278 -43.14 -4.23 33.18
N ILE A 279 -43.27 -5.45 33.68
CA ILE A 279 -42.49 -5.93 34.82
C ILE A 279 -41.82 -7.22 34.41
N HIS A 280 -40.53 -7.36 34.73
CA HIS A 280 -39.87 -8.65 34.68
C HIS A 280 -38.67 -8.62 35.60
N ASN A 281 -38.41 -9.78 36.24
CA ASN A 281 -37.22 -10.03 37.05
C ASN A 281 -37.14 -9.05 38.21
N ASN A 282 -38.31 -8.79 38.82
CA ASN A 282 -38.50 -7.77 39.86
C ASN A 282 -38.03 -6.40 39.42
N LYS A 283 -38.31 -6.05 38.16
CA LYS A 283 -37.82 -4.81 37.58
C LYS A 283 -38.92 -4.19 36.75
N CYS A 284 -39.19 -2.90 36.98
CA CYS A 284 -40.06 -2.13 36.10
C CYS A 284 -39.27 -1.74 34.84
N ILE A 285 -39.65 -2.33 33.72
CA ILE A 285 -38.89 -2.24 32.48
C ILE A 285 -39.80 -1.65 31.41
N PRO A 286 -39.23 -1.11 30.33
CA PRO A 286 -40.08 -0.67 29.20
C PRO A 286 -40.83 -1.79 28.51
N GLU A 287 -40.12 -2.79 27.99
CA GLU A 287 -40.73 -3.80 27.14
C GLU A 287 -40.14 -5.17 27.43
N CYS A 288 -40.82 -6.20 26.91
CA CYS A 288 -40.50 -7.61 26.94
C CYS A 288 -39.75 -8.02 25.67
N PRO A 289 -38.75 -8.88 25.76
CA PRO A 289 -38.12 -9.44 24.56
C PRO A 289 -39.01 -10.54 23.95
N SER A 290 -38.46 -11.19 22.93
CA SER A 290 -39.21 -12.18 22.15
C SER A 290 -39.58 -13.39 22.99
N GLY A 291 -40.61 -14.09 22.53
CA GLY A 291 -41.16 -15.20 23.27
C GLY A 291 -41.91 -14.82 24.53
N TYR A 292 -42.12 -13.54 24.77
CA TYR A 292 -42.81 -13.06 25.96
C TYR A 292 -44.09 -12.36 25.57
N THR A 293 -44.91 -12.12 26.59
CA THR A 293 -46.25 -11.59 26.43
C THR A 293 -46.52 -10.70 27.63
N MET A 294 -47.31 -9.66 27.42
CA MET A 294 -47.80 -8.82 28.51
C MET A 294 -48.75 -9.61 29.41
N ASN A 295 -49.15 -8.99 30.51
CA ASN A 295 -50.18 -9.54 31.35
C ASN A 295 -51.20 -8.45 31.65
N SER A 296 -52.48 -8.78 31.51
CA SER A 296 -53.52 -7.83 31.87
C SER A 296 -53.59 -7.62 33.38
N SER A 297 -53.13 -8.59 34.16
CA SER A 297 -53.18 -8.44 35.61
C SER A 297 -52.03 -7.59 36.12
N ASN A 298 -50.79 -7.99 35.83
CA ASN A 298 -49.66 -7.35 36.47
C ASN A 298 -48.54 -6.92 35.51
N LEU A 299 -48.77 -7.02 34.19
CA LEU A 299 -47.81 -6.62 33.15
C LEU A 299 -46.48 -7.34 33.30
N LEU A 300 -46.55 -8.66 33.44
CA LEU A 300 -45.37 -9.48 33.60
C LEU A 300 -45.00 -10.12 32.28
N CYS A 301 -43.71 -10.13 31.97
CA CYS A 301 -43.21 -10.68 30.70
C CYS A 301 -43.28 -12.21 30.77
N THR A 302 -44.47 -12.73 30.47
CA THR A 302 -44.70 -14.16 30.55
C THR A 302 -44.12 -14.86 29.32
N PRO A 303 -43.55 -16.05 29.48
CA PRO A 303 -43.11 -16.79 28.30
C PRO A 303 -44.28 -17.34 27.51
N CYS A 304 -44.08 -17.38 26.19
CA CYS A 304 -45.09 -17.91 25.28
C CYS A 304 -44.38 -18.51 24.08
N LEU A 305 -45.14 -18.75 23.01
CA LEU A 305 -44.61 -19.38 21.81
C LEU A 305 -44.20 -18.33 20.79
N GLY A 306 -43.27 -18.72 19.92
CA GLY A 306 -42.79 -17.83 18.88
C GLY A 306 -41.55 -17.06 19.26
N LYS A 310 -39.57 -9.97 18.90
CA LYS A 310 -39.24 -8.56 19.01
C LYS A 310 -38.66 -8.04 17.70
N VAL A 311 -39.50 -7.32 16.97
CA VAL A 311 -39.15 -6.77 15.66
C VAL A 311 -38.87 -5.29 15.85
N CYS A 312 -37.61 -4.90 15.75
CA CYS A 312 -37.23 -3.50 15.86
C CYS A 312 -37.17 -2.91 14.44
N HIS A 313 -38.34 -2.49 13.96
CA HIS A 313 -38.43 -1.88 12.65
C HIS A 313 -37.83 -0.48 12.68
N LEU A 314 -36.91 -0.21 11.77
CA LEU A 314 -36.14 1.02 11.80
C LEU A 314 -36.94 2.17 11.19
N LEU A 315 -36.41 3.38 11.37
CA LEU A 315 -36.87 4.53 10.61
C LEU A 315 -36.21 4.47 9.24
N GLU A 316 -37.05 4.38 8.20
CA GLU A 316 -36.66 4.19 6.80
C GLU A 316 -35.85 2.91 6.58
N GLY A 317 -36.00 1.93 7.47
CA GLY A 317 -35.28 0.66 7.37
C GLY A 317 -33.77 0.80 7.43
N GLU A 318 -33.27 1.82 8.12
CA GLU A 318 -31.88 2.21 7.97
C GLU A 318 -31.44 2.96 9.20
N LYS A 319 -30.21 2.70 9.65
CA LYS A 319 -29.65 3.43 10.77
C LYS A 319 -28.14 3.47 10.65
N THR A 320 -27.60 4.68 10.62
CA THR A 320 -26.17 4.84 10.79
C THR A 320 -25.81 4.61 12.25
N ILE A 321 -24.88 3.71 12.49
CA ILE A 321 -24.52 3.31 13.85
C ILE A 321 -23.09 3.78 14.09
N ASP A 322 -22.91 4.58 15.13
CA ASP A 322 -21.60 5.15 15.40
C ASP A 322 -21.16 5.11 16.85
N SER A 323 -22.04 4.89 17.82
CA SER A 323 -21.62 4.86 19.21
C SER A 323 -22.63 4.09 20.04
N VAL A 324 -22.43 4.18 21.35
CA VAL A 324 -23.35 3.59 22.32
C VAL A 324 -24.69 4.31 22.25
N THR A 325 -24.66 5.61 21.95
CA THR A 325 -25.89 6.37 21.79
C THR A 325 -26.72 5.81 20.64
N SER A 326 -26.06 5.42 19.55
CA SER A 326 -26.73 4.66 18.51
C SER A 326 -27.07 3.26 18.99
N ALA A 327 -26.21 2.66 19.83
CA ALA A 327 -26.31 1.23 20.08
C ALA A 327 -27.48 0.87 20.99
N GLN A 328 -27.72 1.69 22.01
CA GLN A 328 -28.77 1.38 22.98
C GLN A 328 -30.16 1.49 22.42
N GLU A 329 -30.32 2.13 21.26
CA GLU A 329 -31.62 2.12 20.59
C GLU A 329 -31.99 0.74 20.08
N LEU A 330 -30.99 -0.10 19.80
CA LEU A 330 -31.21 -1.48 19.39
C LEU A 330 -30.79 -2.46 20.47
N ARG A 331 -30.76 -1.98 21.71
CA ARG A 331 -30.44 -2.86 22.83
C ARG A 331 -31.57 -3.86 23.04
N GLY A 332 -31.23 -5.14 23.05
CA GLY A 332 -32.19 -6.17 23.33
C GLY A 332 -33.06 -6.58 22.17
N CYS A 333 -32.87 -6.00 20.98
CA CYS A 333 -33.68 -6.36 19.83
C CYS A 333 -33.36 -7.76 19.35
N THR A 334 -34.35 -8.38 18.71
CA THR A 334 -34.19 -9.72 18.17
C THR A 334 -34.34 -9.77 16.66
N VAL A 335 -35.21 -8.95 16.10
CA VAL A 335 -35.47 -8.92 14.67
C VAL A 335 -35.30 -7.47 14.21
N ILE A 336 -34.52 -7.27 13.16
CA ILE A 336 -34.27 -5.95 12.60
C ILE A 336 -34.96 -5.87 11.25
N ASN A 337 -36.03 -5.09 11.17
CA ASN A 337 -36.79 -4.94 9.93
C ASN A 337 -36.22 -3.73 9.17
N GLY A 338 -35.01 -3.92 8.66
CA GLY A 338 -34.34 -2.87 7.92
C GLY A 338 -32.92 -3.23 7.51
N SER A 339 -32.08 -2.22 7.28
CA SER A 339 -30.68 -2.40 6.93
C SER A 339 -29.82 -1.65 7.93
N LEU A 340 -28.58 -2.10 8.07
CA LEU A 340 -27.67 -1.57 9.07
C LEU A 340 -26.45 -0.97 8.39
N ILE A 341 -25.95 0.11 8.95
CA ILE A 341 -24.76 0.78 8.46
C ILE A 341 -23.81 0.94 9.64
N ILE A 342 -22.61 0.42 9.49
CA ILE A 342 -21.59 0.47 10.52
C ILE A 342 -20.51 1.42 10.06
N ASN A 343 -20.47 2.60 10.69
CA ASN A 343 -19.42 3.56 10.42
C ASN A 343 -19.05 4.18 11.76
N ILE A 344 -17.84 3.88 12.22
CA ILE A 344 -17.29 4.46 13.45
C ILE A 344 -15.91 4.95 13.09
N ARG A 345 -15.79 6.22 12.78
CA ARG A 345 -14.49 6.85 12.80
C ARG A 345 -14.06 6.96 14.24
N GLY A 346 -13.28 6.00 14.70
CA GLY A 346 -13.08 5.89 16.12
C GLY A 346 -11.68 6.25 16.58
N GLY A 347 -11.00 5.25 17.13
CA GLY A 347 -9.70 5.47 17.72
C GLY A 347 -9.68 4.80 19.07
N ASN A 348 -10.83 4.26 19.47
CA ASN A 348 -10.97 3.56 20.74
C ASN A 348 -11.87 2.36 20.54
N ASN A 349 -11.45 1.22 21.07
CA ASN A 349 -12.24 0.00 20.96
C ASN A 349 -13.42 0.08 21.90
N LEU A 350 -14.62 0.13 21.35
CA LEU A 350 -15.82 0.08 22.16
C LEU A 350 -16.42 -1.31 22.16
N ALA A 351 -15.64 -2.31 21.73
CA ALA A 351 -16.16 -3.57 21.23
C ALA A 351 -16.91 -4.35 22.30
N ALA A 352 -16.44 -4.30 23.54
CA ALA A 352 -17.14 -4.96 24.62
C ALA A 352 -18.47 -4.28 24.91
N GLU A 353 -18.43 -2.96 25.03
CA GLU A 353 -19.67 -2.19 25.18
C GLU A 353 -20.50 -2.26 23.91
N LEU A 354 -19.83 -2.37 22.76
CA LEU A 354 -20.54 -2.65 21.52
C LEU A 354 -21.25 -3.98 21.61
N GLU A 355 -20.57 -5.00 22.14
CA GLU A 355 -21.17 -6.32 22.24
C GLU A 355 -22.34 -6.33 23.22
N ALA A 356 -22.25 -5.51 24.27
CA ALA A 356 -23.13 -5.55 25.43
C ALA A 356 -24.57 -5.19 25.11
N ASN A 357 -24.83 -4.57 23.98
CA ASN A 357 -26.18 -4.18 23.60
C ASN A 357 -26.45 -4.45 22.13
N LEU A 358 -25.78 -5.43 21.54
CA LEU A 358 -25.90 -5.74 20.13
C LEU A 358 -26.29 -7.19 19.89
N GLY A 359 -25.99 -7.68 18.69
CA GLY A 359 -26.85 -8.56 17.94
C GLY A 359 -27.12 -9.90 18.54
N LEU A 360 -27.94 -9.89 19.59
CA LEU A 360 -28.72 -11.04 20.01
C LEU A 360 -29.90 -11.18 19.06
N ILE A 361 -29.60 -11.47 17.80
CA ILE A 361 -30.52 -11.46 16.68
C ILE A 361 -30.11 -12.62 15.81
N GLU A 362 -30.83 -12.84 14.72
CA GLU A 362 -30.30 -13.74 13.72
C GLU A 362 -30.34 -13.07 12.36
N GLU A 363 -31.36 -12.25 12.13
CA GLU A 363 -31.75 -11.80 10.80
C GLU A 363 -31.53 -10.30 10.64
N ILE A 364 -31.21 -9.92 9.40
CA ILE A 364 -31.33 -8.55 8.93
C ILE A 364 -32.18 -8.61 7.67
N SER A 365 -33.29 -7.87 7.66
CA SER A 365 -34.22 -7.96 6.54
C SER A 365 -33.62 -7.36 5.28
N GLY A 366 -32.93 -6.23 5.41
CA GLY A 366 -32.23 -5.62 4.31
C GLY A 366 -30.77 -6.01 4.27
N TYR A 367 -29.94 -5.10 3.77
CA TYR A 367 -28.55 -5.40 3.56
C TYR A 367 -27.75 -5.10 4.83
N LEU A 368 -26.44 -5.21 4.71
CA LEU A 368 -25.50 -4.83 5.76
C LEU A 368 -24.38 -4.02 5.15
N LYS A 369 -24.00 -2.93 5.81
CA LYS A 369 -22.97 -2.04 5.30
C LYS A 369 -21.92 -1.81 6.37
N ILE A 370 -20.65 -1.88 6.00
CA ILE A 370 -19.55 -1.55 6.90
C ILE A 370 -18.59 -0.65 6.13
N ARG A 371 -18.54 0.62 6.52
CA ARG A 371 -17.77 1.61 5.77
C ARG A 371 -16.88 2.38 6.71
N ARG A 372 -15.58 2.38 6.41
CA ARG A 372 -14.58 3.33 6.92
C ARG A 372 -14.44 3.31 8.43
N SER A 373 -14.86 2.24 9.08
CA SER A 373 -14.63 2.12 10.52
C SER A 373 -13.17 1.76 10.75
N TYR A 374 -12.59 2.33 11.80
CA TYR A 374 -11.14 2.23 12.00
C TYR A 374 -10.73 1.06 12.88
N ALA A 375 -11.18 1.04 14.12
CA ALA A 375 -10.60 0.17 15.13
C ALA A 375 -11.32 -1.16 15.27
N LEU A 376 -12.30 -1.45 14.43
CA LEU A 376 -13.04 -2.70 14.57
C LEU A 376 -12.21 -3.88 14.10
N VAL A 377 -11.54 -4.55 15.03
CA VAL A 377 -10.65 -5.66 14.70
C VAL A 377 -11.42 -6.91 14.31
N SER A 378 -12.66 -7.06 14.77
CA SER A 378 -13.37 -8.31 14.60
C SER A 378 -14.85 -8.01 14.46
N LEU A 379 -15.62 -9.09 14.28
CA LEU A 379 -17.06 -9.04 14.20
C LEU A 379 -17.72 -10.01 15.17
N SER A 380 -16.96 -10.53 16.13
CA SER A 380 -17.44 -11.54 17.05
C SER A 380 -18.52 -11.02 17.98
N PHE A 381 -18.62 -9.70 18.12
CA PHE A 381 -19.70 -9.10 18.89
C PHE A 381 -21.07 -9.37 18.27
N PHE A 382 -21.11 -9.64 16.97
CA PHE A 382 -22.30 -10.28 16.42
C PHE A 382 -22.34 -11.71 16.94
N ARG A 383 -23.10 -11.92 18.01
CA ARG A 383 -23.04 -13.18 18.71
C ARG A 383 -23.87 -14.25 18.01
N LYS A 384 -25.17 -14.01 17.87
CA LYS A 384 -26.09 -15.01 17.35
C LYS A 384 -26.44 -14.79 15.88
N LEU A 385 -25.72 -13.91 15.20
CA LEU A 385 -26.11 -13.48 13.85
C LEU A 385 -26.01 -14.60 12.83
N ARG A 386 -27.14 -14.98 12.24
CA ARG A 386 -27.18 -16.12 11.33
C ARG A 386 -27.57 -15.76 9.91
N LEU A 387 -28.71 -15.09 9.73
CA LEU A 387 -29.34 -14.95 8.43
C LEU A 387 -29.22 -13.52 7.92
N ILE A 388 -28.94 -13.38 6.64
CA ILE A 388 -29.05 -12.11 5.94
C ILE A 388 -30.12 -12.28 4.88
N ARG A 389 -31.26 -11.61 5.06
CA ARG A 389 -32.31 -11.67 4.06
C ARG A 389 -31.94 -10.85 2.84
N GLY A 390 -31.52 -9.60 3.05
CA GLY A 390 -31.16 -8.74 1.94
C GLY A 390 -32.31 -8.39 1.04
N GLU A 391 -33.51 -8.21 1.61
CA GLU A 391 -34.69 -7.92 0.80
C GLU A 391 -34.61 -6.53 0.19
N THR A 392 -33.85 -5.62 0.80
CA THR A 392 -33.42 -4.39 0.15
C THR A 392 -31.91 -4.44 0.03
N LEU A 393 -31.42 -4.36 -1.20
CA LEU A 393 -30.00 -4.50 -1.44
C LEU A 393 -29.30 -3.16 -1.44
N GLU A 394 -28.01 -3.20 -1.14
CA GLU A 394 -27.14 -2.07 -1.40
C GLU A 394 -27.04 -1.86 -2.91
N ILE A 395 -26.92 -0.58 -3.31
CA ILE A 395 -26.74 -0.21 -4.70
C ILE A 395 -25.48 -0.87 -5.26
N GLY A 396 -25.54 -1.28 -6.52
CA GLY A 396 -24.57 -2.18 -7.07
C GLY A 396 -24.92 -3.64 -6.86
N ASN A 397 -26.14 -3.93 -6.37
CA ASN A 397 -26.64 -5.28 -6.08
C ASN A 397 -25.73 -6.01 -5.10
N TYR A 398 -25.72 -5.47 -3.89
CA TYR A 398 -25.01 -6.11 -2.80
C TYR A 398 -25.94 -6.24 -1.61
N SER A 399 -25.82 -7.36 -0.90
CA SER A 399 -26.36 -7.49 0.44
C SER A 399 -25.30 -7.20 1.49
N PHE A 400 -24.06 -7.04 1.07
CA PHE A 400 -22.97 -6.85 2.00
C PHE A 400 -22.03 -5.79 1.46
N TYR A 401 -21.42 -5.05 2.38
CA TYR A 401 -20.50 -3.98 2.03
C TYR A 401 -19.33 -4.05 2.97
N ALA A 402 -18.15 -3.67 2.48
CA ALA A 402 -16.97 -3.59 3.31
C ALA A 402 -15.98 -2.61 2.69
N LEU A 403 -15.56 -1.62 3.47
CA LEU A 403 -14.57 -0.67 2.99
C LEU A 403 -13.80 -0.08 4.15
N ASP A 404 -12.47 0.00 3.97
CA ASP A 404 -11.58 0.90 4.72
C ASP A 404 -11.57 0.57 6.21
N ASN A 405 -11.11 -0.63 6.52
CA ASN A 405 -11.14 -1.13 7.88
C ASN A 405 -9.72 -1.53 8.27
N GLN A 406 -9.00 -0.58 8.86
CA GLN A 406 -7.56 -0.66 9.05
C GLN A 406 -7.14 -1.70 10.09
N ASN A 407 -8.05 -2.18 10.91
CA ASN A 407 -7.65 -3.14 11.94
C ASN A 407 -8.42 -4.45 11.84
N LEU A 408 -9.36 -4.57 10.92
CA LEU A 408 -10.19 -5.76 10.83
C LEU A 408 -9.36 -6.93 10.31
N ARG A 409 -9.23 -7.97 11.13
CA ARG A 409 -8.54 -9.18 10.73
C ARG A 409 -9.46 -10.38 10.67
N GLN A 410 -10.14 -10.69 11.75
CA GLN A 410 -11.03 -11.84 11.78
C GLN A 410 -12.45 -11.37 11.58
N LEU A 411 -13.23 -12.17 10.86
CA LEU A 411 -14.66 -11.92 10.81
C LEU A 411 -15.35 -12.74 11.89
N TRP A 412 -15.25 -14.06 11.78
CA TRP A 412 -15.64 -14.97 12.85
C TRP A 412 -14.75 -16.20 12.78
N ASP A 413 -14.75 -16.97 13.86
CA ASP A 413 -14.35 -18.36 13.80
C ASP A 413 -15.51 -19.11 13.18
N TRP A 414 -15.25 -19.82 12.08
CA TRP A 414 -16.32 -20.57 11.46
C TRP A 414 -16.46 -21.97 12.02
N SER A 415 -15.89 -22.20 13.21
CA SER A 415 -16.15 -23.44 13.94
C SER A 415 -17.63 -23.58 14.25
N LYS A 416 -18.15 -22.68 15.07
CA LYS A 416 -19.56 -22.73 15.44
C LYS A 416 -20.38 -21.57 14.88
N HIS A 417 -19.75 -20.45 14.55
CA HIS A 417 -20.48 -19.39 13.90
C HIS A 417 -20.83 -19.81 12.48
N ASN A 418 -22.04 -19.47 12.07
CA ASN A 418 -22.54 -19.84 10.76
C ASN A 418 -23.01 -18.57 10.05
N LEU A 419 -23.37 -18.70 8.78
CA LEU A 419 -23.86 -17.57 8.02
C LEU A 419 -24.72 -18.06 6.86
N THR A 420 -25.92 -17.49 6.75
CA THR A 420 -26.82 -17.78 5.64
C THR A 420 -27.18 -16.47 4.97
N ILE A 421 -26.89 -16.37 3.67
CA ILE A 421 -27.12 -15.15 2.90
C ILE A 421 -28.08 -15.48 1.78
N THR A 422 -29.22 -14.79 1.76
CA THR A 422 -30.28 -15.11 0.80
C THR A 422 -29.95 -14.56 -0.59
N GLN A 423 -29.74 -13.24 -0.69
CA GLN A 423 -29.51 -12.61 -1.97
C GLN A 423 -28.29 -11.69 -1.90
N GLY A 424 -28.02 -10.93 -2.96
CA GLY A 424 -26.95 -9.96 -2.94
C GLY A 424 -25.57 -10.57 -3.07
N LYS A 425 -24.57 -9.71 -3.07
CA LYS A 425 -23.18 -10.11 -3.26
C LYS A 425 -22.28 -9.45 -2.23
N LEU A 426 -20.99 -9.70 -2.39
CA LEU A 426 -19.95 -9.28 -1.47
C LEU A 426 -19.10 -8.17 -2.08
N PHE A 427 -18.62 -7.27 -1.22
CA PHE A 427 -17.95 -6.07 -1.69
C PHE A 427 -16.75 -5.81 -0.80
N PHE A 428 -15.57 -6.20 -1.26
CA PHE A 428 -14.37 -6.22 -0.44
C PHE A 428 -13.32 -5.30 -1.05
N HIS A 429 -13.01 -4.21 -0.34
CA HIS A 429 -12.09 -3.21 -0.85
C HIS A 429 -11.36 -2.55 0.30
N TYR A 430 -10.05 -2.40 0.12
CA TYR A 430 -9.18 -1.57 0.97
C TYR A 430 -9.17 -2.06 2.41
N ASN A 431 -8.81 -3.34 2.57
CA ASN A 431 -8.91 -4.04 3.84
C ASN A 431 -7.56 -4.67 4.13
N PRO A 432 -6.57 -3.84 4.51
CA PRO A 432 -5.16 -4.27 4.44
C PRO A 432 -4.76 -5.32 5.45
N LYS A 433 -5.62 -5.70 6.38
CA LYS A 433 -5.34 -6.77 7.31
C LYS A 433 -6.36 -7.89 7.21
N LEU A 434 -6.97 -8.06 6.04
CA LEU A 434 -8.02 -9.04 5.82
C LEU A 434 -7.62 -9.91 4.63
N CYS A 435 -6.95 -11.03 4.90
CA CYS A 435 -6.48 -11.86 3.81
C CYS A 435 -7.62 -12.70 3.24
N LEU A 436 -7.35 -13.26 2.06
CA LEU A 436 -8.38 -13.87 1.23
C LEU A 436 -8.87 -15.21 1.74
N SER A 437 -8.17 -15.79 2.73
CA SER A 437 -8.49 -17.13 3.20
C SER A 437 -9.86 -17.15 3.86
N GLU A 438 -10.05 -16.35 4.90
CA GLU A 438 -11.34 -16.28 5.57
C GLU A 438 -12.40 -15.64 4.69
N ILE A 439 -11.96 -14.85 3.70
CA ILE A 439 -12.87 -14.33 2.68
C ILE A 439 -13.51 -15.46 1.90
N HIS A 440 -12.69 -16.38 1.40
CA HIS A 440 -13.23 -17.51 0.65
C HIS A 440 -13.94 -18.49 1.58
N LYS A 441 -13.55 -18.54 2.84
CA LYS A 441 -14.30 -19.33 3.82
C LYS A 441 -15.68 -18.76 4.05
N MET A 442 -15.79 -17.43 4.05
CA MET A 442 -17.09 -16.80 4.18
C MET A 442 -17.92 -17.02 2.93
N GLU A 443 -17.27 -17.04 1.77
CA GLU A 443 -17.92 -17.44 0.53
C GLU A 443 -18.46 -18.86 0.64
N GLU A 444 -17.68 -19.75 1.26
CA GLU A 444 -18.05 -21.15 1.36
C GLU A 444 -19.21 -21.34 2.31
N VAL A 445 -19.10 -20.79 3.52
CA VAL A 445 -20.14 -20.97 4.53
C VAL A 445 -21.40 -20.22 4.13
N SER A 446 -21.26 -19.11 3.41
CA SER A 446 -22.41 -18.43 2.84
C SER A 446 -23.08 -19.28 1.76
N GLY A 447 -22.30 -20.08 1.04
CA GLY A 447 -22.83 -20.84 -0.06
C GLY A 447 -23.19 -20.02 -1.28
N THR A 448 -22.77 -18.75 -1.31
CA THR A 448 -23.12 -17.83 -2.36
C THR A 448 -21.91 -17.56 -3.26
N LYS A 449 -21.07 -18.58 -3.42
CA LYS A 449 -19.84 -18.42 -4.19
C LYS A 449 -20.10 -18.26 -5.67
N GLY A 450 -21.22 -18.79 -6.16
CA GLY A 450 -21.59 -18.64 -7.56
C GLY A 450 -22.33 -17.36 -7.86
N ARG A 451 -21.92 -16.27 -7.24
CA ARG A 451 -22.49 -14.95 -7.47
C ARG A 451 -21.45 -13.91 -7.79
N GLN A 452 -20.28 -13.98 -7.17
CA GLN A 452 -19.36 -12.86 -7.15
C GLN A 452 -18.57 -12.79 -8.45
N GLU A 453 -18.58 -11.62 -9.07
CA GLU A 453 -17.89 -11.39 -10.32
C GLU A 453 -16.47 -10.92 -10.04
N ARG A 454 -15.78 -10.47 -11.08
CA ARG A 454 -14.49 -9.83 -10.90
C ARG A 454 -14.68 -8.48 -10.23
N ASN A 455 -13.71 -8.10 -9.39
CA ASN A 455 -13.64 -6.83 -8.67
C ASN A 455 -14.78 -6.67 -7.66
N ASP A 456 -15.43 -7.77 -7.28
CA ASP A 456 -16.19 -7.79 -6.05
C ASP A 456 -15.27 -7.92 -4.85
N ILE A 457 -14.03 -8.34 -5.09
CA ILE A 457 -12.97 -8.37 -4.10
C ILE A 457 -11.79 -7.61 -4.68
N ALA A 458 -11.32 -6.60 -3.96
CA ALA A 458 -10.09 -5.91 -4.35
C ALA A 458 -8.93 -6.86 -4.12
N LEU A 459 -8.38 -7.40 -5.21
CA LEU A 459 -7.35 -8.40 -5.14
C LEU A 459 -5.95 -7.82 -5.04
N LYS A 460 -5.84 -6.55 -4.67
CA LYS A 460 -4.55 -5.91 -4.46
C LYS A 460 -4.42 -5.20 -3.12
N THR A 461 -5.52 -4.90 -2.44
CA THR A 461 -5.47 -4.16 -1.19
C THR A 461 -5.90 -4.96 0.02
N ASN A 462 -6.59 -6.08 -0.17
CA ASN A 462 -7.21 -6.77 0.94
C ASN A 462 -6.20 -7.73 1.57
N GLY A 463 -5.72 -7.40 2.75
CA GLY A 463 -4.79 -8.26 3.45
C GLY A 463 -3.36 -8.15 2.97
N ASP A 464 -2.95 -6.97 2.51
CA ASP A 464 -1.62 -6.78 1.94
C ASP A 464 -0.63 -6.19 2.94
N GLN A 465 -0.74 -6.55 4.21
CA GLN A 465 0.23 -6.13 5.20
C GLN A 465 0.90 -7.28 5.92
N ALA A 466 0.44 -8.51 5.70
CA ALA A 466 1.07 -9.69 6.30
C ALA A 466 0.80 -10.89 5.41
N SER A 467 1.81 -11.73 5.23
CA SER A 467 1.61 -12.99 4.52
C SER A 467 0.79 -13.92 5.39
N CYS A 468 -0.30 -14.44 4.85
CA CYS A 468 -1.29 -15.12 5.66
C CYS A 468 -1.40 -16.62 5.36
N GLU A 469 -1.67 -16.97 4.11
CA GLU A 469 -2.64 -18.01 3.80
C GLU A 469 -2.32 -19.42 4.27
N ASN A 470 -1.39 -20.11 3.59
CA ASN A 470 -1.22 -21.51 3.90
C ASN A 470 0.22 -22.01 3.99
N GLU A 471 1.08 -21.57 3.08
CA GLU A 471 2.31 -22.30 2.82
C GLU A 471 3.39 -21.96 3.83
N LEU A 472 3.95 -22.99 4.44
CA LEU A 472 4.89 -22.88 5.54
C LEU A 472 6.23 -23.45 5.12
N LEU A 473 7.28 -22.69 5.37
CA LEU A 473 8.65 -23.14 5.16
C LEU A 473 9.07 -24.05 6.30
N LYS A 474 9.94 -25.00 5.99
CA LYS A 474 10.46 -25.91 7.01
C LYS A 474 11.97 -26.02 6.85
N PHE A 475 12.68 -25.75 7.94
CA PHE A 475 14.13 -25.73 7.90
C PHE A 475 14.70 -27.13 7.97
N SER A 476 15.64 -27.42 7.06
CA SER A 476 16.25 -28.74 7.03
C SER A 476 17.46 -28.82 7.95
N TYR A 477 18.31 -27.80 7.91
CA TYR A 477 19.56 -27.82 8.65
C TYR A 477 19.84 -26.46 9.27
N ILE A 478 20.51 -26.48 10.41
CA ILE A 478 20.90 -25.28 11.13
C ILE A 478 22.38 -25.39 11.45
N ARG A 479 23.15 -24.38 11.05
CA ARG A 479 24.55 -24.27 11.40
C ARG A 479 24.77 -22.98 12.17
N THR A 480 25.32 -23.09 13.36
CA THR A 480 25.51 -21.96 14.25
C THR A 480 26.99 -21.76 14.50
N SER A 481 27.33 -20.54 14.93
CA SER A 481 28.67 -20.19 15.35
C SER A 481 28.56 -18.99 16.27
N PHE A 482 29.71 -18.47 16.69
CA PHE A 482 29.74 -17.20 17.41
C PHE A 482 29.73 -16.02 16.46
N ASP A 483 30.05 -16.25 15.18
CA ASP A 483 30.08 -15.19 14.18
C ASP A 483 29.50 -15.62 12.84
N LYS A 484 28.96 -16.83 12.71
CA LYS A 484 28.38 -17.32 11.47
C LYS A 484 27.01 -17.94 11.73
N ILE A 485 26.09 -17.73 10.79
CA ILE A 485 24.78 -18.39 10.82
C ILE A 485 24.47 -18.91 9.43
N LEU A 486 24.15 -20.19 9.33
CA LEU A 486 23.63 -20.76 8.08
C LEU A 486 22.34 -21.50 8.37
N LEU A 487 21.31 -21.21 7.58
CA LEU A 487 20.09 -21.98 7.61
C LEU A 487 19.91 -22.71 6.30
N ARG A 488 19.28 -23.86 6.37
CA ARG A 488 18.96 -24.65 5.19
C ARG A 488 17.53 -25.14 5.34
N TRP A 489 16.76 -25.01 4.27
CA TRP A 489 15.35 -25.31 4.33
C TRP A 489 14.93 -25.89 3.00
N GLU A 490 13.73 -26.43 2.97
CA GLU A 490 13.22 -27.04 1.75
C GLU A 490 12.91 -25.95 0.73
N PRO A 491 13.49 -26.00 -0.45
CA PRO A 491 13.15 -25.00 -1.47
C PRO A 491 11.76 -25.21 -2.03
N TYR A 492 10.82 -24.37 -1.63
CA TYR A 492 9.49 -24.44 -2.21
C TYR A 492 9.48 -23.81 -3.58
N TRP A 493 8.67 -24.37 -4.47
CA TRP A 493 8.48 -23.81 -5.81
C TRP A 493 6.98 -23.77 -6.09
N PRO A 494 6.45 -22.62 -6.50
CA PRO A 494 5.06 -22.57 -6.97
C PRO A 494 4.90 -23.37 -8.25
N PRO A 495 3.68 -23.75 -8.62
CA PRO A 495 3.49 -24.61 -9.81
C PRO A 495 3.94 -23.97 -11.11
N ASP A 496 4.06 -22.66 -11.19
CA ASP A 496 4.94 -22.04 -12.15
C ASP A 496 6.21 -21.63 -11.43
N PHE A 497 7.29 -22.37 -11.68
CA PHE A 497 8.55 -22.18 -10.99
C PHE A 497 9.24 -20.87 -11.35
N ARG A 498 8.85 -20.25 -12.46
CA ARG A 498 9.44 -18.97 -12.82
C ARG A 498 8.96 -17.84 -11.92
N ASP A 499 7.85 -18.03 -11.21
CA ASP A 499 7.25 -16.97 -10.42
C ASP A 499 8.04 -16.65 -9.16
N LEU A 500 8.89 -17.56 -8.71
CA LEU A 500 9.67 -17.29 -7.51
C LEU A 500 10.73 -16.25 -7.82
N LEU A 501 10.61 -15.10 -7.16
CA LEU A 501 11.50 -13.98 -7.38
C LEU A 501 12.68 -14.00 -6.44
N GLY A 502 12.47 -14.40 -5.20
CA GLY A 502 13.53 -14.37 -4.20
C GLY A 502 12.96 -14.73 -2.85
N PHE A 503 13.82 -14.56 -1.85
CA PHE A 503 13.51 -14.96 -0.48
C PHE A 503 13.66 -13.77 0.43
N MET A 504 12.58 -13.41 1.10
CA MET A 504 12.54 -12.32 2.05
C MET A 504 12.86 -12.89 3.43
N LEU A 505 13.85 -12.31 4.11
CA LEU A 505 14.26 -12.82 5.40
C LEU A 505 14.24 -11.68 6.41
N PHE A 506 13.67 -11.95 7.58
CA PHE A 506 13.63 -10.99 8.67
C PHE A 506 14.37 -11.57 9.86
N TYR A 507 15.30 -10.80 10.41
CA TYR A 507 16.00 -11.23 11.60
C TYR A 507 16.16 -10.06 12.56
N LYS A 508 16.33 -10.41 13.83
CA LYS A 508 16.59 -9.48 14.91
C LYS A 508 16.98 -10.29 16.13
N GLU A 509 17.52 -9.59 17.13
CA GLU A 509 17.79 -10.19 18.42
C GLU A 509 16.56 -10.06 19.31
N ALA A 510 16.45 -10.96 20.28
CA ALA A 510 15.26 -10.98 21.12
C ALA A 510 15.58 -11.56 22.50
N PRO A 511 15.81 -10.72 23.50
CA PRO A 511 15.93 -11.25 24.88
C PRO A 511 14.62 -11.82 25.39
N TYR A 512 13.49 -11.26 24.96
CA TYR A 512 12.19 -11.88 25.19
C TYR A 512 11.96 -12.93 24.10
N GLN A 513 10.77 -13.54 24.13
CA GLN A 513 10.30 -14.39 23.05
C GLN A 513 8.86 -14.06 22.68
N ASN A 514 8.45 -12.83 22.96
CA ASN A 514 7.07 -12.39 22.77
C ASN A 514 6.85 -11.73 21.41
N VAL A 515 7.25 -12.39 20.34
CA VAL A 515 7.02 -11.83 19.02
C VAL A 515 6.14 -12.77 18.20
N VAL A 531 16.84 -7.90 8.10
CA VAL A 531 16.17 -7.97 6.82
C VAL A 531 17.18 -8.18 5.70
N VAL A 532 17.00 -9.24 4.91
CA VAL A 532 17.89 -9.53 3.78
C VAL A 532 17.09 -10.31 2.75
N ASP A 533 17.67 -10.48 1.55
CA ASP A 533 17.05 -11.20 0.46
C ASP A 533 18.01 -12.19 -0.14
N ILE A 534 17.44 -13.30 -0.63
CA ILE A 534 18.21 -14.44 -1.11
C ILE A 534 17.71 -14.79 -2.51
N ASP A 535 18.64 -14.92 -3.46
CA ASP A 535 18.28 -15.32 -4.80
C ASP A 535 17.87 -16.78 -4.83
N PRO A 536 16.86 -17.14 -5.62
CA PRO A 536 16.48 -18.53 -5.73
C PRO A 536 17.48 -19.30 -6.57
N PRO A 537 17.70 -20.57 -6.27
CA PRO A 537 18.67 -21.38 -7.02
C PRO A 537 18.01 -22.01 -8.24
N LEU A 538 18.80 -22.80 -8.96
CA LEU A 538 18.31 -23.48 -10.15
C LEU A 538 17.45 -24.65 -9.75
N ARG A 539 16.24 -24.72 -10.29
CA ARG A 539 15.36 -25.83 -9.97
C ARG A 539 15.81 -27.08 -10.71
N SER A 540 15.65 -27.07 -12.04
CA SER A 540 16.34 -27.88 -13.04
C SER A 540 16.09 -29.39 -12.98
N ASN A 541 15.52 -29.91 -11.89
CA ASN A 541 15.20 -31.31 -11.63
C ASN A 541 14.57 -31.41 -10.25
N ASP A 542 13.95 -32.56 -9.99
CA ASP A 542 13.89 -33.06 -8.62
C ASP A 542 13.95 -34.57 -8.41
N PRO A 543 14.85 -35.36 -9.08
CA PRO A 543 15.30 -36.59 -8.39
C PRO A 543 16.23 -36.23 -7.25
N LYS A 544 17.27 -35.46 -7.54
CA LYS A 544 18.14 -34.86 -6.54
C LYS A 544 18.23 -33.38 -6.89
N SER A 545 17.25 -32.63 -6.42
CA SER A 545 17.28 -31.18 -6.56
C SER A 545 18.27 -30.69 -5.51
N GLN A 546 19.54 -30.56 -5.92
CA GLN A 546 20.60 -30.12 -5.02
C GLN A 546 20.58 -28.60 -4.99
N ASN A 547 19.51 -28.07 -4.40
CA ASN A 547 19.27 -26.65 -4.43
C ASN A 547 18.68 -26.16 -3.10
N HIS A 548 19.07 -26.78 -2.00
CA HIS A 548 18.61 -26.37 -0.68
C HIS A 548 19.18 -25.01 -0.34
N PRO A 549 18.37 -23.95 -0.34
CA PRO A 549 18.90 -22.60 -0.30
C PRO A 549 19.33 -22.20 1.10
N GLY A 550 20.22 -21.22 1.15
CA GLY A 550 20.84 -20.85 2.41
C GLY A 550 21.42 -19.46 2.37
N TRP A 551 21.69 -18.94 3.57
CA TRP A 551 22.36 -17.66 3.68
C TRP A 551 23.27 -17.64 4.89
N LEU A 552 24.44 -17.03 4.72
CA LEU A 552 25.38 -16.85 5.81
C LEU A 552 25.22 -15.47 6.44
N MET A 553 25.05 -15.44 7.74
CA MET A 553 25.14 -14.22 8.53
C MET A 553 26.51 -14.13 9.18
N ARG A 554 27.11 -12.94 9.07
CA ARG A 554 28.33 -12.59 9.78
C ARG A 554 28.05 -11.79 11.05
N GLY A 555 27.03 -10.94 11.05
CA GLY A 555 26.80 -9.98 12.11
C GLY A 555 26.20 -10.61 13.35
N LEU A 556 27.02 -11.33 14.09
CA LEU A 556 26.58 -12.06 15.27
C LEU A 556 27.24 -11.49 16.52
N LYS A 557 26.49 -11.46 17.59
CA LYS A 557 27.09 -11.18 18.88
C LYS A 557 27.20 -12.48 19.68
N PRO A 558 28.23 -12.65 20.50
CA PRO A 558 28.37 -13.92 21.23
C PRO A 558 27.34 -14.06 22.32
N TRP A 559 26.91 -15.31 22.55
CA TRP A 559 26.03 -15.72 23.65
C TRP A 559 24.63 -15.10 23.50
N THR A 560 24.28 -14.66 22.29
CA THR A 560 23.20 -13.71 22.10
C THR A 560 22.03 -14.38 21.39
N GLN A 561 20.84 -14.22 21.97
CA GLN A 561 19.63 -14.81 21.43
C GLN A 561 19.10 -13.98 20.27
N TYR A 562 18.78 -14.65 19.17
CA TYR A 562 18.32 -14.03 17.93
C TYR A 562 16.97 -14.63 17.51
N ALA A 563 16.17 -13.83 16.80
CA ALA A 563 14.87 -14.27 16.31
C ALA A 563 14.81 -14.05 14.81
N ILE A 564 14.58 -15.12 14.05
CA ILE A 564 14.70 -15.09 12.59
C ILE A 564 13.47 -15.76 11.99
N PHE A 565 12.94 -15.20 10.90
CA PHE A 565 11.97 -15.90 10.07
C PHE A 565 12.05 -15.40 8.63
N VAL A 566 11.58 -16.24 7.71
CA VAL A 566 11.80 -16.10 6.27
C VAL A 566 10.44 -16.11 5.56
N LYS A 567 10.31 -15.24 4.55
CA LYS A 567 9.11 -15.19 3.71
C LYS A 567 9.53 -15.37 2.25
N THR A 568 8.64 -15.95 1.46
CA THR A 568 8.92 -16.19 0.05
C THR A 568 8.38 -15.05 -0.80
N LEU A 569 9.26 -14.47 -1.62
CA LEU A 569 8.88 -13.40 -2.54
C LEU A 569 8.55 -14.01 -3.90
N VAL A 570 7.29 -13.91 -4.30
CA VAL A 570 6.89 -14.50 -5.57
C VAL A 570 6.14 -13.48 -6.42
N THR A 571 5.92 -13.83 -7.69
CA THR A 571 5.28 -12.92 -8.63
C THR A 571 3.78 -12.91 -8.41
N PHE A 572 3.19 -11.73 -8.38
CA PHE A 572 1.73 -11.63 -8.34
C PHE A 572 1.14 -12.05 -9.68
N SER A 573 0.02 -12.76 -9.60
CA SER A 573 -0.78 -13.07 -10.77
C SER A 573 -2.20 -12.62 -10.52
N ASP A 574 -2.89 -12.24 -11.60
CA ASP A 574 -4.27 -11.78 -11.51
C ASP A 574 -5.25 -12.88 -11.16
N GLU A 575 -4.89 -14.14 -11.41
CA GLU A 575 -5.77 -15.27 -11.12
C GLU A 575 -5.71 -15.61 -9.63
N ARG A 576 -6.20 -16.80 -9.27
CA ARG A 576 -5.98 -17.31 -7.92
C ARG A 576 -4.50 -17.63 -7.80
N ARG A 577 -3.77 -16.68 -7.23
CA ARG A 577 -2.33 -16.73 -7.19
C ARG A 577 -1.88 -17.76 -6.17
N THR A 578 -0.77 -18.46 -6.45
CA THR A 578 -0.22 -19.41 -5.51
C THR A 578 0.32 -18.67 -4.29
N TYR A 579 -0.31 -18.93 -3.14
CA TYR A 579 -0.32 -18.02 -1.98
C TYR A 579 1.06 -17.71 -1.41
N GLY A 580 2.06 -18.55 -1.67
CA GLY A 580 3.39 -18.27 -1.20
C GLY A 580 3.60 -18.65 0.25
N ALA A 581 4.86 -18.83 0.61
CA ALA A 581 5.20 -19.39 1.90
C ALA A 581 5.86 -18.37 2.80
N LYS A 582 5.76 -18.65 4.10
CA LYS A 582 6.52 -17.95 5.11
C LYS A 582 7.01 -18.99 6.10
N SER A 583 8.06 -18.64 6.83
CA SER A 583 8.63 -19.58 7.79
C SER A 583 8.14 -19.26 9.19
N ASP A 584 8.41 -20.20 10.09
CA ASP A 584 8.18 -19.98 11.50
C ASP A 584 9.21 -19.00 12.06
N ILE A 585 8.78 -18.23 13.05
CA ILE A 585 9.72 -17.45 13.84
C ILE A 585 10.50 -18.42 14.72
N ILE A 586 11.83 -18.38 14.61
CA ILE A 586 12.64 -19.27 15.42
C ILE A 586 13.63 -18.45 16.25
N TYR A 587 14.08 -19.05 17.35
CA TYR A 587 14.99 -18.40 18.28
C TYR A 587 16.26 -19.23 18.36
N VAL A 588 17.39 -18.59 18.10
CA VAL A 588 18.69 -19.24 18.17
C VAL A 588 19.64 -18.35 18.95
N GLN A 589 20.14 -18.83 20.07
CA GLN A 589 21.20 -18.15 20.78
C GLN A 589 22.52 -18.51 20.12
N THR A 590 23.43 -17.55 20.07
CA THR A 590 24.79 -17.82 19.62
C THR A 590 25.55 -18.57 20.71
N ASP A 591 26.84 -18.81 20.48
CA ASP A 591 27.64 -19.68 21.34
C ASP A 591 27.80 -19.13 22.76
N ALA A 592 30.17 -17.14 22.19
CA ALA A 592 30.97 -16.98 23.38
C ALA A 592 32.44 -16.95 23.01
N THR A 593 33.06 -15.81 23.28
CA THR A 593 34.49 -15.65 23.05
C THR A 593 35.17 -15.25 24.34
N ASN A 594 36.43 -14.85 24.25
CA ASN A 594 37.16 -14.45 25.43
C ASN A 594 36.56 -13.18 26.03
N PRO A 595 36.33 -13.15 27.33
CA PRO A 595 35.76 -11.95 27.95
C PRO A 595 36.75 -10.78 27.94
N SER A 596 36.21 -9.60 28.21
CA SER A 596 36.98 -8.36 28.09
C SER A 596 37.88 -8.18 29.31
N VAL A 597 38.50 -7.01 29.38
CA VAL A 597 39.42 -6.66 30.46
C VAL A 597 38.63 -6.48 31.74
N PRO A 598 39.02 -7.17 32.83
CA PRO A 598 38.38 -6.93 34.13
C PRO A 598 38.61 -5.52 34.62
N LEU A 599 37.53 -4.74 34.67
CA LEU A 599 37.65 -3.30 34.77
C LEU A 599 37.97 -2.87 36.20
N ASP A 600 38.84 -1.86 36.29
CA ASP A 600 39.30 -1.19 37.50
C ASP A 600 39.85 -2.13 38.56
N PRO A 601 41.03 -2.71 38.38
CA PRO A 601 41.64 -3.47 39.48
C PRO A 601 42.20 -2.52 40.54
N ILE A 602 41.60 -2.55 41.73
CA ILE A 602 42.07 -1.77 42.86
C ILE A 602 42.65 -2.73 43.89
N SER A 603 43.91 -2.54 44.22
CA SER A 603 44.67 -3.45 45.05
C SER A 603 45.11 -2.71 46.31
N VAL A 604 44.31 -2.85 47.36
CA VAL A 604 44.57 -2.18 48.63
C VAL A 604 45.02 -3.25 49.61
N SER A 605 45.95 -2.91 50.49
CA SER A 605 46.43 -3.83 51.51
C SER A 605 46.00 -3.30 52.87
N ASN A 606 44.85 -3.78 53.35
CA ASN A 606 44.33 -3.35 54.64
C ASN A 606 45.06 -3.96 55.84
N SER A 607 45.96 -4.91 55.61
CA SER A 607 46.75 -5.48 56.69
C SER A 607 48.16 -5.72 56.17
N SER A 608 48.99 -6.35 57.02
CA SER A 608 50.38 -6.61 56.66
C SER A 608 50.54 -7.84 55.78
N SER A 609 49.49 -8.66 55.65
CA SER A 609 49.52 -9.83 54.80
C SER A 609 48.22 -10.01 54.02
N GLN A 610 47.27 -9.10 54.18
CA GLN A 610 45.98 -9.16 53.50
C GLN A 610 45.97 -8.12 52.40
N ILE A 611 45.63 -8.51 51.18
CA ILE A 611 45.43 -7.56 50.09
C ILE A 611 44.06 -7.80 49.47
N ILE A 612 43.16 -6.85 49.64
CA ILE A 612 41.91 -6.85 48.90
C ILE A 612 42.21 -6.38 47.48
N LEU A 613 41.76 -7.15 46.51
CA LEU A 613 41.71 -6.74 45.12
C LEU A 613 40.26 -6.71 44.71
N LYS A 614 39.78 -5.56 44.27
CA LYS A 614 38.41 -5.44 43.81
C LYS A 614 38.41 -4.98 42.37
N TRP A 615 37.34 -5.29 41.66
CA TRP A 615 37.26 -4.99 40.25
C TRP A 615 35.81 -4.89 39.83
N LYS A 616 35.60 -4.29 38.70
CA LYS A 616 34.33 -4.25 38.02
C LYS A 616 34.24 -5.41 37.05
N PRO A 617 33.02 -5.77 36.62
CA PRO A 617 32.90 -6.73 35.54
C PRO A 617 33.46 -6.16 34.25
N PRO A 618 33.91 -7.02 33.33
CA PRO A 618 34.42 -6.52 32.05
C PRO A 618 33.30 -5.96 31.19
N SER A 619 33.71 -5.23 30.15
CA SER A 619 32.76 -4.62 29.24
C SER A 619 32.02 -5.65 28.42
N ASP A 620 32.67 -6.77 28.09
CA ASP A 620 32.07 -7.85 27.32
C ASP A 620 32.30 -9.15 28.08
N PRO A 621 31.28 -9.66 28.78
CA PRO A 621 31.43 -10.97 29.42
C PRO A 621 31.57 -12.11 28.43
N ASN A 622 30.88 -12.00 27.28
CA ASN A 622 31.02 -12.91 26.14
C ASN A 622 30.66 -14.34 26.52
N GLY A 623 29.54 -14.49 27.22
CA GLY A 623 29.14 -15.76 27.80
C GLY A 623 28.92 -15.58 29.28
N ASN A 624 28.32 -16.58 29.91
CA ASN A 624 28.15 -16.56 31.36
C ASN A 624 29.52 -16.76 32.00
N ILE A 625 29.93 -15.79 32.82
CA ILE A 625 31.27 -15.82 33.42
C ILE A 625 31.33 -16.92 34.47
N THR A 626 32.24 -17.87 34.27
CA THR A 626 32.42 -18.92 35.25
C THR A 626 33.15 -18.39 36.50
N HIS A 627 34.32 -17.81 36.32
CA HIS A 627 35.08 -17.35 37.46
C HIS A 627 36.02 -16.22 37.06
N TYR A 628 36.94 -15.90 37.96
CA TYR A 628 37.98 -14.90 37.74
C TYR A 628 39.31 -15.54 38.07
N LEU A 629 40.19 -15.58 37.08
CA LEU A 629 41.54 -16.12 37.23
C LEU A 629 42.42 -15.04 37.85
N VAL A 630 42.96 -15.32 39.02
CA VAL A 630 43.72 -14.35 39.80
C VAL A 630 45.14 -14.87 39.94
N PHE A 631 46.10 -14.04 39.55
CA PHE A 631 47.52 -14.32 39.70
C PHE A 631 48.12 -13.22 40.55
N TRP A 632 48.78 -13.59 41.63
CA TRP A 632 49.60 -12.65 42.37
C TRP A 632 51.04 -13.16 42.37
N GLU A 633 51.97 -12.26 42.05
CA GLU A 633 53.35 -12.64 41.83
C GLU A 633 54.23 -11.80 42.73
N ARG A 634 55.14 -12.47 43.45
CA ARG A 634 56.01 -11.80 44.39
C ARG A 634 57.14 -11.09 43.65
N GLN A 635 57.06 -9.76 43.55
CA GLN A 635 58.11 -8.95 42.94
C GLN A 635 59.12 -8.62 44.03
N ALA A 636 60.37 -9.00 43.79
CA ALA A 636 61.41 -8.68 44.76
C ALA A 636 61.73 -7.19 44.71
N GLU A 637 62.49 -6.73 45.71
CA GLU A 637 62.95 -5.35 45.74
C GLU A 637 63.95 -5.11 44.62
N ASP A 638 64.05 -3.85 44.20
CA ASP A 638 64.84 -3.50 43.02
C ASP A 638 66.32 -3.61 43.34
N SER A 639 67.07 -4.22 42.42
CA SER A 639 68.42 -4.70 42.72
C SER A 639 69.46 -3.59 42.77
N GLU A 640 69.14 -2.39 42.26
CA GLU A 640 70.10 -1.30 42.29
C GLU A 640 70.28 -0.70 43.68
N LEU A 641 69.36 -0.98 44.60
CA LEU A 641 69.38 -0.41 45.94
C LEU A 641 70.40 -1.08 46.85
N PHE A 642 70.93 -2.24 46.47
CA PHE A 642 71.82 -3.00 47.34
C PHE A 642 73.25 -2.50 47.34
N GLU A 643 73.64 -1.66 46.38
CA GLU A 643 75.02 -1.18 46.27
C GLU A 643 75.05 0.33 46.26
N LEU A 644 74.31 0.96 47.16
CA LEU A 644 74.27 2.40 47.26
C LEU A 644 74.62 2.82 48.68
N ASP A 645 75.35 3.94 48.80
CA ASP A 645 75.88 4.41 50.06
C ASP A 645 74.87 5.39 50.67
N TYR A 646 73.97 4.87 51.50
CA TYR A 646 72.98 5.68 52.20
C TYR A 646 73.58 6.47 53.36
N CYS A 647 74.77 6.09 53.84
CA CYS A 647 75.48 6.90 54.82
C CYS A 647 75.98 8.20 54.22
N LEU A 648 76.28 8.22 52.92
CA LEU A 648 76.43 9.49 52.21
C LEU A 648 75.09 10.20 52.16
N LYS A 649 75.15 11.53 52.13
CA LYS A 649 73.94 12.33 52.05
C LYS A 649 73.26 12.12 50.69
N GLY A 650 71.93 12.09 50.70
CA GLY A 650 71.17 11.59 49.58
C GLY A 650 70.43 10.35 50.02
N LEU A 651 70.07 10.33 51.30
CA LEU A 651 69.44 9.20 51.97
C LEU A 651 67.92 9.18 51.84
N LYS A 652 67.37 9.85 50.83
CA LYS A 652 65.93 9.94 50.63
C LYS A 652 65.39 8.58 50.20
N LEU A 653 64.83 7.84 51.15
CA LEU A 653 64.24 6.53 50.86
C LEU A 653 62.75 6.70 50.56
N PRO A 654 62.29 6.18 49.43
CA PRO A 654 60.85 6.27 49.11
C PRO A 654 60.04 5.33 49.99
N SER A 655 59.04 5.89 50.67
CA SER A 655 58.09 5.08 51.42
C SER A 655 57.15 4.40 50.45
N ARG A 656 57.56 3.25 49.90
CA ARG A 656 56.79 2.54 48.89
C ARG A 656 55.47 1.99 49.45
N GLU A 754 57.13 -22.65 31.43
CA GLU A 754 56.01 -22.41 32.35
C GLU A 754 56.49 -22.36 33.79
N GLU A 755 55.94 -21.42 34.56
CA GLU A 755 56.17 -21.34 35.99
C GLU A 755 54.84 -21.11 36.69
N HIS A 756 54.59 -21.90 37.73
CA HIS A 756 53.32 -21.85 38.44
C HIS A 756 53.37 -20.75 39.49
N ARG A 757 52.62 -19.68 39.27
CA ARG A 757 52.42 -18.59 40.19
C ARG A 757 51.22 -18.88 41.08
N PRO A 758 51.19 -18.38 42.32
CA PRO A 758 50.02 -18.61 43.16
C PRO A 758 48.79 -17.88 42.65
N PHE A 759 47.66 -18.55 42.72
CA PHE A 759 46.52 -18.27 41.85
C PHE A 759 45.22 -18.56 42.59
N GLU A 760 44.13 -18.12 41.98
CA GLU A 760 42.80 -18.32 42.56
C GLU A 760 41.75 -18.25 41.46
N LYS A 761 40.73 -19.09 41.58
CA LYS A 761 39.55 -19.02 40.72
C LYS A 761 38.41 -18.44 41.55
N VAL A 762 38.30 -17.12 41.56
CA VAL A 762 37.27 -16.44 42.33
C VAL A 762 35.93 -16.65 41.63
N VAL A 763 35.03 -17.37 42.28
CA VAL A 763 33.73 -17.71 41.70
C VAL A 763 32.67 -16.83 42.34
N ASN A 764 31.90 -16.13 41.49
CA ASN A 764 30.73 -15.33 41.88
C ASN A 764 31.07 -14.23 42.87
N LYS A 765 32.20 -13.57 42.67
CA LYS A 765 32.61 -12.46 43.52
C LYS A 765 33.51 -11.54 42.72
N GLU A 766 33.33 -10.23 42.90
CA GLU A 766 34.13 -9.24 42.21
C GLU A 766 35.27 -8.73 43.08
N SER A 767 35.68 -9.51 44.07
CA SER A 767 36.73 -9.13 45.00
C SER A 767 37.47 -10.37 45.45
N LEU A 768 38.66 -10.15 46.01
CA LEU A 768 39.46 -11.21 46.59
C LEU A 768 40.51 -10.64 47.53
N VAL A 769 40.43 -10.98 48.81
CA VAL A 769 41.51 -10.69 49.73
C VAL A 769 42.50 -11.86 49.68
N ILE A 770 43.79 -11.52 49.69
CA ILE A 770 44.86 -12.49 49.55
C ILE A 770 45.64 -12.50 50.86
N SER A 771 45.89 -13.70 51.38
CA SER A 771 46.56 -13.91 52.65
C SER A 771 47.93 -14.54 52.42
N GLY A 772 48.65 -14.74 53.52
CA GLY A 772 49.97 -15.35 53.50
C GLY A 772 50.99 -14.54 52.73
N LEU A 773 50.99 -13.23 52.93
CA LEU A 773 51.78 -12.33 52.11
C LEU A 773 52.89 -11.68 52.95
N ARG A 774 53.99 -11.34 52.27
CA ARG A 774 55.13 -10.73 52.94
C ARG A 774 54.86 -9.28 53.28
N HIS A 775 55.30 -8.87 54.46
CA HIS A 775 55.45 -7.45 54.74
C HIS A 775 56.65 -6.93 53.96
N PHE A 776 56.49 -5.72 53.41
CA PHE A 776 57.52 -5.00 52.64
C PHE A 776 57.99 -5.83 51.44
N THR A 777 57.04 -6.10 50.53
CA THR A 777 57.34 -6.76 49.27
C THR A 777 56.29 -6.33 48.27
N GLY A 778 56.71 -5.71 47.17
CA GLY A 778 55.79 -5.34 46.12
C GLY A 778 55.29 -6.55 45.35
N TYR A 779 54.05 -6.49 44.90
CA TYR A 779 53.40 -7.61 44.24
C TYR A 779 52.83 -7.17 42.90
N ARG A 780 53.12 -7.97 41.87
CA ARG A 780 52.46 -7.90 40.58
C ARG A 780 51.18 -8.73 40.65
N ILE A 781 50.10 -8.22 40.08
CA ILE A 781 48.83 -8.93 40.03
C ILE A 781 48.33 -8.94 38.59
N GLU A 782 48.06 -10.14 38.10
CA GLU A 782 47.48 -10.38 36.78
C GLU A 782 46.09 -10.98 36.96
N LEU A 783 45.08 -10.23 36.56
CA LEU A 783 43.68 -10.62 36.72
C LEU A 783 43.03 -10.84 35.36
N GLN A 784 42.30 -11.95 35.23
CA GLN A 784 41.48 -12.22 34.07
C GLN A 784 40.12 -12.71 34.55
N ALA A 785 39.14 -12.63 33.66
CA ALA A 785 37.86 -13.29 33.87
C ALA A 785 37.79 -14.54 32.99
N CYS A 786 36.80 -15.39 33.27
CA CYS A 786 36.69 -16.67 32.58
C CYS A 786 35.23 -17.02 32.42
N ASN A 787 34.76 -17.09 31.18
CA ASN A 787 33.40 -17.51 30.88
C ASN A 787 33.29 -19.01 30.59
N GLN A 788 34.40 -19.75 30.62
CA GLN A 788 34.38 -21.19 30.46
C GLN A 788 35.41 -21.79 31.40
N ASP A 789 35.03 -22.87 32.07
CA ASP A 789 35.95 -23.41 33.07
C ASP A 789 36.24 -24.90 32.89
N THR A 790 35.23 -25.71 32.59
CA THR A 790 35.48 -27.15 32.77
C THR A 790 36.27 -27.74 31.59
N PRO A 791 35.90 -27.57 30.28
CA PRO A 791 36.93 -27.85 29.27
C PRO A 791 37.66 -26.60 28.77
N GLU A 792 38.99 -26.61 28.87
CA GLU A 792 39.90 -25.76 28.08
C GLU A 792 39.57 -24.27 28.19
N GLU A 793 39.81 -23.75 29.40
CA GLU A 793 39.23 -22.50 29.90
C GLU A 793 39.33 -21.33 28.94
N ARG A 794 38.19 -20.92 28.41
CA ARG A 794 38.09 -19.68 27.67
C ARG A 794 38.09 -18.55 28.68
N CYS A 795 39.11 -17.70 28.62
CA CYS A 795 39.32 -16.70 29.65
C CYS A 795 39.71 -15.39 29.01
N SER A 796 39.71 -14.34 29.84
CA SER A 796 39.94 -12.99 29.36
C SER A 796 41.42 -12.74 29.09
N VAL A 797 41.70 -11.51 28.68
CA VAL A 797 43.07 -11.03 28.53
C VAL A 797 43.52 -10.46 29.86
N ALA A 798 44.82 -10.27 30.00
CA ALA A 798 45.41 -9.95 31.29
C ALA A 798 45.25 -8.46 31.62
N ALA A 799 44.76 -8.18 32.83
CA ALA A 799 44.81 -6.85 33.42
C ALA A 799 45.83 -6.88 34.54
N TYR A 800 46.56 -5.78 34.71
CA TYR A 800 47.68 -5.75 35.63
C TYR A 800 47.53 -4.63 36.66
N VAL A 801 48.00 -4.91 37.87
CA VAL A 801 48.17 -3.86 38.86
C VAL A 801 49.37 -4.25 39.73
N SER A 802 49.83 -3.34 40.59
CA SER A 802 50.85 -3.67 41.56
C SER A 802 50.49 -3.04 42.89
N ALA A 803 50.90 -3.70 43.97
CA ALA A 803 50.51 -3.29 45.31
C ALA A 803 51.64 -3.57 46.29
N ARG A 804 51.45 -3.11 47.53
CA ARG A 804 52.38 -3.39 48.60
C ARG A 804 51.64 -3.60 49.92
N THR A 805 51.98 -4.68 50.62
CA THR A 805 51.42 -4.93 51.93
C THR A 805 51.92 -3.89 52.94
N MET A 806 51.18 -3.77 54.02
CA MET A 806 51.61 -2.92 55.11
C MET A 806 52.83 -3.52 55.79
N PRO A 807 53.72 -2.69 56.30
CA PRO A 807 54.76 -3.19 57.21
C PRO A 807 54.14 -3.57 58.55
N GLU A 808 54.83 -4.47 59.24
CA GLU A 808 54.31 -5.02 60.49
C GLU A 808 54.45 -4.03 61.63
N HIS B 1 26.54 -10.91 -61.34
CA HIS B 1 27.50 -10.21 -60.47
C HIS B 1 26.71 -9.41 -59.44
N LEU B 2 27.41 -9.10 -58.33
CA LEU B 2 27.00 -8.54 -57.04
C LEU B 2 26.26 -9.53 -56.17
N TYR B 3 25.70 -10.58 -56.76
CA TYR B 3 24.85 -11.60 -56.13
C TYR B 3 24.80 -12.79 -57.06
N PRO B 4 25.86 -13.60 -57.15
CA PRO B 4 25.85 -14.70 -58.13
C PRO B 4 24.93 -15.84 -57.75
N GLY B 5 24.53 -15.95 -56.49
CA GLY B 5 23.62 -16.99 -56.07
C GLY B 5 22.18 -16.66 -56.39
N GLU B 6 21.29 -17.21 -55.58
CA GLU B 6 19.86 -17.08 -55.81
C GLU B 6 19.16 -16.52 -54.58
N VAL B 7 17.84 -16.52 -54.64
CA VAL B 7 17.02 -15.97 -53.56
C VAL B 7 16.81 -17.04 -52.50
N CYS B 8 16.11 -18.12 -52.89
CA CYS B 8 15.76 -19.26 -52.05
C CYS B 8 15.06 -18.81 -50.77
N PRO B 9 13.77 -18.47 -50.85
CA PRO B 9 13.09 -17.85 -49.70
C PRO B 9 13.02 -18.74 -48.47
N GLY B 10 12.76 -18.10 -47.33
CA GLY B 10 13.03 -18.66 -46.03
C GLY B 10 12.26 -19.88 -45.59
N MET B 11 12.99 -20.95 -45.30
CA MET B 11 12.45 -22.13 -44.62
C MET B 11 13.37 -22.49 -43.48
N ASP B 12 12.78 -22.99 -42.40
CA ASP B 12 13.49 -23.14 -41.13
C ASP B 12 13.78 -24.61 -40.87
N ILE B 13 14.88 -24.86 -40.18
CA ILE B 13 15.55 -26.16 -40.18
C ILE B 13 15.53 -26.75 -38.78
N ARG B 14 15.18 -28.03 -38.69
CA ARG B 14 14.93 -28.73 -37.44
C ARG B 14 15.55 -30.12 -37.45
N ASN B 15 16.02 -30.52 -36.26
CA ASN B 15 16.28 -31.89 -35.81
C ASN B 15 17.48 -32.60 -36.40
N ASN B 16 18.09 -32.08 -37.47
CA ASN B 16 19.32 -32.57 -38.10
C ASN B 16 19.68 -31.69 -39.28
N LEU B 17 20.94 -31.79 -39.68
CA LEU B 17 21.53 -30.97 -40.73
C LEU B 17 21.24 -31.47 -42.13
N THR B 18 20.24 -32.34 -42.29
CA THR B 18 19.96 -32.94 -43.58
C THR B 18 19.36 -31.94 -44.57
N ARG B 19 18.37 -31.18 -44.13
CA ARG B 19 17.72 -30.20 -44.99
C ARG B 19 18.54 -28.94 -45.19
N LEU B 20 19.71 -28.83 -44.57
CA LEU B 20 20.52 -27.63 -44.69
C LEU B 20 21.09 -27.48 -46.08
N HIS B 21 21.33 -28.59 -46.78
CA HIS B 21 21.87 -28.53 -48.13
C HIS B 21 20.88 -28.00 -49.15
N GLU B 22 19.61 -27.86 -48.78
CA GLU B 22 18.64 -27.15 -49.60
C GLU B 22 18.99 -25.68 -49.75
N LEU B 23 19.72 -25.11 -48.80
CA LEU B 23 19.95 -23.66 -48.76
C LEU B 23 21.42 -23.34 -48.96
N GLU B 24 22.05 -23.97 -49.95
CA GLU B 24 23.49 -23.80 -50.11
C GLU B 24 23.85 -22.57 -50.94
N ASN B 25 23.47 -22.56 -52.22
CA ASN B 25 24.05 -21.64 -53.19
C ASN B 25 23.54 -20.22 -53.06
N CYS B 26 22.46 -20.01 -52.31
CA CYS B 26 21.59 -18.88 -52.55
C CYS B 26 22.16 -17.62 -51.92
N SER B 27 22.07 -16.51 -52.67
CA SER B 27 22.83 -15.32 -52.31
C SER B 27 22.18 -14.54 -51.19
N VAL B 28 20.89 -14.24 -51.30
CA VAL B 28 20.18 -13.46 -50.30
C VAL B 28 18.83 -14.13 -50.06
N ILE B 29 18.60 -14.61 -48.85
CA ILE B 29 17.36 -15.30 -48.53
C ILE B 29 16.28 -14.28 -48.23
N GLU B 30 15.22 -14.33 -49.02
CA GLU B 30 14.03 -13.55 -48.72
C GLU B 30 13.30 -14.19 -47.55
N GLY B 31 12.84 -13.35 -46.63
CA GLY B 31 12.16 -13.86 -45.46
C GLY B 31 13.12 -14.03 -44.31
N HIS B 32 12.97 -15.13 -43.57
CA HIS B 32 13.69 -15.32 -42.33
C HIS B 32 14.30 -16.71 -42.32
N LEU B 33 15.15 -16.93 -41.33
CA LEU B 33 15.82 -18.22 -41.17
C LEU B 33 15.88 -18.56 -39.69
N GLN B 34 15.42 -19.76 -39.33
CA GLN B 34 15.51 -20.26 -37.98
C GLN B 34 16.14 -21.64 -38.00
N ILE B 35 17.03 -21.88 -37.04
CA ILE B 35 17.65 -23.18 -36.86
C ILE B 35 17.39 -23.59 -35.42
N LEU B 36 16.73 -24.74 -35.24
CA LEU B 36 16.24 -25.02 -33.90
C LEU B 36 16.23 -26.51 -33.60
N LEU B 37 16.45 -26.80 -32.31
CA LEU B 37 16.15 -28.08 -31.66
C LEU B 37 16.92 -29.24 -32.29
N MET B 38 18.24 -29.18 -32.11
CA MET B 38 19.13 -30.26 -32.55
C MET B 38 20.00 -30.64 -31.36
N PHE B 39 19.57 -31.70 -30.67
CA PHE B 39 20.28 -32.17 -29.49
C PHE B 39 21.47 -33.04 -29.86
N LYS B 40 21.30 -33.91 -30.86
CA LYS B 40 22.27 -34.95 -31.16
C LYS B 40 23.36 -34.48 -32.11
N THR B 41 23.60 -33.18 -32.19
CA THR B 41 24.65 -32.68 -33.05
C THR B 41 25.99 -32.70 -32.34
N ARG B 42 27.05 -32.67 -33.15
CA ARG B 42 28.42 -32.82 -32.71
C ARG B 42 29.22 -31.66 -33.24
N PRO B 43 30.33 -31.31 -32.59
CA PRO B 43 31.24 -30.30 -33.17
C PRO B 43 31.87 -30.73 -34.46
N GLU B 44 32.00 -32.04 -34.70
CA GLU B 44 32.50 -32.54 -35.98
C GLU B 44 31.50 -32.34 -37.11
N ASP B 45 30.25 -32.07 -36.80
CA ASP B 45 29.20 -31.90 -37.80
C ASP B 45 29.21 -30.51 -38.42
N PHE B 46 30.20 -29.70 -38.12
CA PHE B 46 30.26 -28.32 -38.61
C PHE B 46 31.56 -27.96 -39.30
N ARG B 47 32.63 -28.73 -39.10
CA ARG B 47 33.89 -28.41 -39.75
C ARG B 47 33.86 -28.69 -41.23
N ASP B 48 33.00 -29.60 -41.66
CA ASP B 48 32.75 -29.87 -43.07
C ASP B 48 31.48 -29.17 -43.53
N LEU B 49 31.23 -27.97 -43.00
CA LEU B 49 29.95 -27.32 -43.24
C LEU B 49 30.17 -25.81 -43.18
N SER B 50 29.86 -25.14 -44.29
CA SER B 50 30.10 -23.71 -44.42
C SER B 50 29.22 -23.16 -45.53
N PHE B 51 28.82 -21.90 -45.38
CA PHE B 51 28.01 -21.23 -46.39
C PHE B 51 28.47 -19.78 -46.49
N PRO B 52 29.44 -19.49 -47.36
CA PRO B 52 29.77 -18.10 -47.67
C PRO B 52 28.84 -17.49 -48.69
N LYS B 53 27.86 -18.25 -49.18
CA LYS B 53 27.02 -17.79 -50.29
C LYS B 53 26.02 -16.74 -49.83
N LEU B 54 25.65 -16.76 -48.55
CA LEU B 54 24.66 -15.84 -48.04
C LEU B 54 25.31 -14.56 -47.56
N ILE B 55 24.74 -13.42 -47.97
CA ILE B 55 25.27 -12.10 -47.65
C ILE B 55 24.25 -11.27 -46.87
N MET B 56 23.00 -11.31 -47.29
CA MET B 56 21.96 -10.54 -46.65
C MET B 56 20.76 -11.44 -46.36
N ILE B 57 20.11 -11.20 -45.23
CA ILE B 57 18.79 -11.73 -44.95
C ILE B 57 17.86 -10.55 -44.81
N THR B 58 16.69 -10.65 -45.42
CA THR B 58 15.68 -9.61 -45.31
C THR B 58 15.17 -9.45 -43.88
N ASP B 59 14.51 -10.46 -43.33
CA ASP B 59 13.70 -10.21 -42.15
C ASP B 59 14.39 -10.52 -40.82
N TYR B 60 14.69 -11.79 -40.53
CA TYR B 60 15.31 -12.11 -39.25
C TYR B 60 16.02 -13.45 -39.32
N LEU B 61 16.54 -13.86 -38.17
CA LEU B 61 17.44 -14.99 -38.03
C LEU B 61 17.44 -15.44 -36.58
N LEU B 62 17.37 -16.76 -36.37
CA LEU B 62 17.13 -17.31 -35.05
C LEU B 62 17.91 -18.59 -34.86
N LEU B 63 18.53 -18.73 -33.68
CA LEU B 63 19.32 -19.89 -33.30
C LEU B 63 18.87 -20.35 -31.92
N PHE B 64 18.40 -21.60 -31.84
CA PHE B 64 17.70 -22.02 -30.62
C PHE B 64 18.00 -23.49 -30.34
N ARG B 65 18.80 -23.74 -29.31
CA ARG B 65 19.00 -25.06 -28.71
C ARG B 65 19.53 -26.09 -29.72
N VAL B 66 20.73 -25.83 -30.22
CA VAL B 66 21.44 -26.76 -31.07
C VAL B 66 22.81 -27.01 -30.45
N TYR B 67 23.15 -28.27 -30.22
CA TYR B 67 24.31 -28.59 -29.41
C TYR B 67 25.54 -28.77 -30.29
N GLY B 68 26.70 -28.78 -29.64
CA GLY B 68 27.96 -29.01 -30.32
C GLY B 68 28.53 -27.83 -31.07
N LEU B 69 27.73 -26.83 -31.39
CA LEU B 69 28.20 -25.67 -32.13
C LEU B 69 28.82 -24.68 -31.16
N GLU B 70 29.97 -24.13 -31.54
CA GLU B 70 30.71 -23.20 -30.70
C GLU B 70 30.95 -21.85 -31.35
N SER B 71 30.90 -21.75 -32.67
CA SER B 71 31.15 -20.51 -33.37
C SER B 71 30.19 -20.39 -34.55
N LEU B 72 30.29 -19.29 -35.27
CA LEU B 72 29.48 -19.05 -36.45
C LEU B 72 30.27 -18.50 -37.62
N LYS B 73 31.57 -18.28 -37.47
CA LYS B 73 32.38 -17.71 -38.53
C LYS B 73 32.58 -18.68 -39.69
N ASP B 74 32.30 -19.96 -39.50
CA ASP B 74 32.39 -20.93 -40.57
C ASP B 74 31.07 -21.09 -41.31
N LEU B 75 29.96 -21.21 -40.58
CA LEU B 75 28.66 -21.43 -41.19
C LEU B 75 28.23 -20.24 -42.02
N PHE B 76 28.53 -19.04 -41.55
CA PHE B 76 28.18 -17.81 -42.24
C PHE B 76 29.35 -16.84 -42.09
N PRO B 77 30.38 -17.00 -42.92
CA PRO B 77 31.50 -16.05 -42.86
C PRO B 77 31.18 -14.72 -43.49
N ASN B 78 30.16 -14.64 -44.35
CA ASN B 78 29.99 -13.48 -45.21
C ASN B 78 28.58 -12.92 -45.17
N LEU B 79 27.79 -13.27 -44.17
CA LEU B 79 26.52 -12.58 -43.94
C LEU B 79 26.82 -11.15 -43.50
N THR B 80 26.11 -10.22 -44.10
CA THR B 80 26.55 -8.83 -43.95
C THR B 80 25.47 -7.88 -43.48
N VAL B 81 24.24 -8.04 -43.98
CA VAL B 81 23.19 -7.06 -43.77
C VAL B 81 21.93 -7.81 -43.33
N ILE B 82 21.24 -7.25 -42.34
CA ILE B 82 19.88 -7.65 -42.03
C ILE B 82 18.99 -6.43 -42.21
N ARG B 83 18.02 -6.55 -43.10
CA ARG B 83 17.11 -5.43 -43.34
C ARG B 83 16.09 -5.31 -42.23
N GLY B 84 15.35 -6.37 -41.96
CA GLY B 84 14.46 -6.38 -40.83
C GLY B 84 13.10 -5.80 -41.11
N SER B 85 12.42 -6.33 -42.13
CA SER B 85 11.05 -5.92 -42.38
C SER B 85 10.11 -6.64 -41.43
N ARG B 86 10.06 -7.96 -41.52
CA ARG B 86 9.32 -8.76 -40.54
C ARG B 86 10.24 -8.96 -39.35
N LEU B 87 9.89 -8.40 -38.21
CA LEU B 87 10.76 -8.48 -37.05
C LEU B 87 10.26 -9.55 -36.08
N PHE B 88 10.92 -9.65 -34.93
CA PHE B 88 10.61 -10.67 -33.95
C PHE B 88 10.77 -10.01 -32.57
N PHE B 89 9.66 -9.47 -32.06
CA PHE B 89 9.62 -8.70 -30.82
C PHE B 89 10.62 -7.56 -30.81
N ASN B 90 10.70 -6.87 -31.95
CA ASN B 90 11.72 -5.88 -32.25
C ASN B 90 13.11 -6.49 -32.08
N TYR B 91 13.27 -7.69 -32.61
CA TYR B 91 14.60 -8.24 -32.78
C TYR B 91 14.64 -8.92 -34.14
N ALA B 92 15.83 -8.93 -34.72
CA ALA B 92 16.06 -9.68 -35.93
C ALA B 92 17.15 -10.73 -35.77
N LEU B 93 17.83 -10.77 -34.63
CA LEU B 93 18.89 -11.73 -34.38
C LEU B 93 18.63 -12.38 -33.03
N VAL B 94 18.26 -13.64 -33.04
CA VAL B 94 17.95 -14.37 -31.83
C VAL B 94 19.07 -15.39 -31.61
N ILE B 95 19.79 -15.23 -30.51
CA ILE B 95 20.79 -16.19 -30.09
C ILE B 95 20.37 -16.67 -28.71
N PHE B 96 19.80 -17.87 -28.62
CA PHE B 96 19.13 -18.16 -27.36
C PHE B 96 19.21 -19.63 -27.01
N GLU B 97 19.58 -19.89 -25.75
CA GLU B 97 19.65 -21.23 -25.15
C GLU B 97 20.55 -22.15 -25.95
N MET B 98 21.71 -21.65 -26.33
CA MET B 98 22.63 -22.37 -27.21
C MET B 98 23.76 -22.93 -26.36
N VAL B 99 23.67 -24.22 -26.07
CA VAL B 99 24.72 -24.91 -25.34
C VAL B 99 25.94 -25.05 -26.25
N HIS B 100 27.12 -24.77 -25.68
CA HIS B 100 28.48 -24.82 -26.21
C HIS B 100 28.81 -23.62 -27.10
N LEU B 101 27.85 -22.76 -27.42
CA LEU B 101 28.12 -21.64 -28.32
C LEU B 101 28.93 -20.59 -27.59
N LYS B 102 30.21 -20.45 -27.97
CA LYS B 102 31.13 -19.65 -27.20
C LYS B 102 31.59 -18.37 -27.89
N GLU B 103 31.54 -18.31 -29.21
CA GLU B 103 31.92 -17.10 -29.92
C GLU B 103 31.11 -17.00 -31.21
N LEU B 104 31.31 -15.91 -31.93
CA LEU B 104 30.56 -15.65 -33.15
C LEU B 104 31.45 -15.63 -34.39
N GLY B 105 32.46 -14.78 -34.39
CA GLY B 105 33.21 -14.50 -35.61
C GLY B 105 32.37 -13.91 -36.72
N LEU B 106 31.38 -13.08 -36.39
CA LEU B 106 30.47 -12.55 -37.40
C LEU B 106 30.95 -11.18 -37.88
N TYR B 107 32.21 -11.18 -38.31
CA TYR B 107 32.91 -9.95 -38.66
C TYR B 107 32.33 -9.29 -39.91
N ASN B 108 31.84 -10.08 -40.86
CA ASN B 108 31.32 -9.50 -42.09
C ASN B 108 29.96 -8.84 -41.92
N LEU B 109 29.26 -9.09 -40.83
CA LEU B 109 28.03 -8.36 -40.54
C LEU B 109 28.35 -6.89 -40.30
N MET B 110 27.74 -6.01 -41.09
CA MET B 110 28.09 -4.60 -41.02
C MET B 110 26.94 -3.73 -40.55
N ASN B 111 25.76 -3.86 -41.15
CA ASN B 111 24.63 -3.04 -40.76
C ASN B 111 23.43 -3.95 -40.55
N ILE B 112 22.71 -3.71 -39.47
CA ILE B 112 21.37 -4.25 -39.30
C ILE B 112 20.43 -3.05 -39.31
N THR B 113 19.57 -3.00 -40.32
CA THR B 113 18.82 -1.79 -40.60
C THR B 113 17.72 -1.58 -39.57
N ARG B 114 16.86 -2.56 -39.41
CA ARG B 114 15.67 -2.42 -38.57
C ARG B 114 15.53 -3.64 -37.67
N GLY B 115 15.30 -3.39 -36.39
CA GLY B 115 15.23 -4.47 -35.41
C GLY B 115 16.32 -4.36 -34.36
N SER B 116 16.49 -5.39 -33.53
CA SER B 116 17.55 -5.36 -32.53
C SER B 116 18.09 -6.78 -32.34
N VAL B 117 18.91 -6.94 -31.30
CA VAL B 117 19.59 -8.20 -31.02
C VAL B 117 19.37 -8.54 -29.55
N ARG B 118 18.93 -9.77 -29.28
CA ARG B 118 18.70 -10.25 -27.92
C ARG B 118 19.53 -11.50 -27.69
N ILE B 119 20.26 -11.52 -26.59
CA ILE B 119 21.15 -12.63 -26.24
C ILE B 119 20.81 -13.09 -24.83
N GLU B 120 20.54 -14.37 -24.66
CA GLU B 120 20.10 -14.86 -23.36
C GLU B 120 20.38 -16.35 -23.25
N LYS B 121 20.75 -16.77 -22.03
CA LYS B 121 20.83 -18.17 -21.62
C LYS B 121 21.88 -18.93 -22.43
N ASN B 122 23.02 -18.29 -22.65
CA ASN B 122 24.08 -18.88 -23.44
C ASN B 122 25.35 -18.77 -22.61
N ASN B 123 25.54 -19.74 -21.72
CA ASN B 123 26.56 -19.72 -20.69
C ASN B 123 27.94 -20.10 -21.19
N GLU B 124 28.16 -20.09 -22.49
CA GLU B 124 29.48 -20.28 -23.08
C GLU B 124 29.98 -19.08 -23.83
N LEU B 125 29.11 -18.14 -24.17
CA LEU B 125 29.43 -17.08 -25.10
C LEU B 125 30.27 -15.99 -24.46
N CYS B 126 31.28 -15.55 -25.20
CA CYS B 126 32.15 -14.44 -24.80
C CYS B 126 32.40 -13.59 -26.04
N TYR B 127 33.43 -12.75 -25.97
CA TYR B 127 33.76 -11.72 -26.98
C TYR B 127 32.63 -10.71 -27.14
N LEU B 128 31.87 -10.48 -26.08
CA LEU B 128 30.65 -9.68 -26.16
C LEU B 128 30.88 -8.20 -25.98
N ALA B 129 31.80 -7.80 -25.09
CA ALA B 129 32.07 -6.38 -24.88
C ALA B 129 32.84 -5.78 -26.05
N THR B 130 33.42 -6.61 -26.91
CA THR B 130 34.19 -6.17 -28.06
C THR B 130 33.35 -5.88 -29.27
N ILE B 131 32.04 -5.68 -29.11
CA ILE B 131 31.12 -5.52 -30.21
C ILE B 131 30.43 -4.17 -30.07
N ASP B 132 30.79 -3.22 -30.93
CA ASP B 132 30.12 -1.93 -30.97
C ASP B 132 28.84 -2.08 -31.77
N TRP B 133 27.71 -2.03 -31.09
CA TRP B 133 26.44 -2.15 -31.78
C TRP B 133 26.06 -0.88 -32.50
N SER B 134 26.62 0.25 -32.08
CA SER B 134 26.31 1.53 -32.71
C SER B 134 26.84 1.59 -34.13
N ARG B 135 27.91 0.84 -34.42
CA ARG B 135 28.38 0.72 -35.79
C ARG B 135 27.39 -0.06 -36.65
N ILE B 136 26.63 -0.97 -36.03
CA ILE B 136 25.74 -1.84 -36.78
C ILE B 136 24.28 -1.46 -36.61
N LEU B 137 23.89 -0.99 -35.43
CA LEU B 137 22.51 -0.67 -35.12
C LEU B 137 22.42 0.78 -34.69
N ASP B 138 21.19 1.28 -34.62
CA ASP B 138 20.93 2.64 -34.17
C ASP B 138 20.43 2.67 -32.73
N SER B 139 19.34 1.97 -32.44
CA SER B 139 18.76 1.95 -31.10
C SER B 139 19.45 0.84 -30.30
N VAL B 140 20.67 1.13 -29.87
CA VAL B 140 21.46 0.17 -29.10
C VAL B 140 20.90 -0.05 -27.70
N GLU B 141 20.00 0.81 -27.24
CA GLU B 141 19.35 0.68 -25.95
C GLU B 141 18.21 -0.32 -25.96
N ASP B 142 18.06 -1.10 -27.02
CA ASP B 142 17.03 -2.11 -27.11
C ASP B 142 17.64 -3.50 -27.27
N ASN B 143 18.83 -3.68 -26.72
CA ASN B 143 19.55 -4.94 -26.86
C ASN B 143 19.70 -5.58 -25.48
N TYR B 144 19.23 -6.80 -25.35
CA TYR B 144 19.09 -7.47 -24.07
C TYR B 144 20.12 -8.59 -23.99
N ILE B 145 21.04 -8.49 -23.05
CA ILE B 145 22.15 -9.43 -22.90
C ILE B 145 22.22 -9.85 -21.44
N VAL B 146 21.97 -11.13 -21.17
CA VAL B 146 21.96 -11.66 -19.81
C VAL B 146 22.19 -13.16 -19.88
N LEU B 147 22.61 -13.74 -18.76
CA LEU B 147 22.76 -15.19 -18.54
C LEU B 147 23.76 -15.81 -19.52
N ASN B 148 25.01 -15.35 -19.40
CA ASN B 148 26.04 -15.76 -20.33
C ASN B 148 27.31 -16.06 -19.57
N LYS B 149 28.29 -16.62 -20.30
CA LYS B 149 29.62 -16.80 -19.74
C LYS B 149 30.28 -15.46 -19.46
N ASP B 150 29.92 -14.43 -20.23
CA ASP B 150 30.40 -13.08 -19.96
C ASP B 150 29.85 -12.54 -18.64
N ASP B 151 28.70 -13.04 -18.18
CA ASP B 151 28.11 -12.56 -16.94
C ASP B 151 28.80 -13.12 -15.70
N ASN B 152 29.71 -14.07 -15.85
CA ASN B 152 30.63 -14.47 -14.79
C ASN B 152 32.02 -14.23 -15.34
N GLU B 153 32.65 -13.14 -14.91
CA GLU B 153 33.73 -12.48 -15.66
C GLU B 153 34.97 -13.35 -15.67
N GLU B 154 35.16 -14.08 -16.76
CA GLU B 154 36.28 -14.99 -16.92
C GLU B 154 37.05 -14.79 -18.22
N CYS B 155 36.36 -14.47 -19.31
CA CYS B 155 36.97 -14.52 -20.64
C CYS B 155 37.89 -13.32 -20.86
N GLY B 156 39.16 -13.62 -21.12
CA GLY B 156 40.06 -12.61 -21.64
C GLY B 156 39.96 -12.64 -23.15
N ASP B 157 39.15 -11.73 -23.68
CA ASP B 157 38.76 -11.76 -25.09
C ASP B 157 39.62 -10.81 -25.91
N ILE B 158 40.90 -11.12 -25.97
CA ILE B 158 41.90 -10.19 -26.48
C ILE B 158 42.41 -10.68 -27.83
N CYS B 159 43.20 -9.83 -28.47
CA CYS B 159 43.84 -10.04 -29.75
C CYS B 159 45.31 -9.64 -29.60
N PRO B 160 46.22 -10.23 -30.39
CA PRO B 160 47.65 -10.11 -30.06
C PRO B 160 48.22 -8.71 -30.18
N GLY B 161 47.65 -7.84 -30.99
CA GLY B 161 48.13 -6.47 -31.04
C GLY B 161 47.73 -5.79 -32.33
N THR B 162 48.39 -4.67 -32.58
CA THR B 162 48.11 -3.86 -33.75
C THR B 162 49.20 -4.03 -34.81
N ASN B 168 45.34 -2.91 -35.51
CA ASN B 168 44.38 -3.92 -35.91
C ASN B 168 43.00 -3.62 -35.31
N CYS B 169 42.73 -4.23 -34.16
CA CYS B 169 41.44 -4.04 -33.51
C CYS B 169 41.37 -2.67 -32.87
N PRO B 170 40.31 -1.90 -33.11
CA PRO B 170 40.24 -0.54 -32.56
C PRO B 170 39.89 -0.54 -31.08
N ALA B 171 40.74 0.11 -30.28
CA ALA B 171 40.51 0.29 -28.85
C ALA B 171 39.90 1.66 -28.64
N THR B 172 38.57 1.69 -28.58
CA THR B 172 37.82 2.94 -28.60
C THR B 172 37.23 3.22 -27.22
N VAL B 173 37.38 4.46 -26.76
CA VAL B 173 36.76 4.85 -25.51
C VAL B 173 35.26 5.02 -25.73
N ILE B 174 34.47 4.36 -24.90
CA ILE B 174 33.01 4.41 -25.02
C ILE B 174 32.43 4.93 -23.72
N ASN B 175 32.67 4.19 -22.64
CA ASN B 175 32.12 4.53 -21.34
C ASN B 175 33.17 4.90 -20.32
N GLY B 176 34.16 4.03 -20.09
CA GLY B 176 35.19 4.32 -19.13
C GLY B 176 36.58 4.42 -19.71
N GLN B 177 36.87 3.61 -20.72
CA GLN B 177 38.21 3.56 -21.31
C GLN B 177 38.10 2.95 -22.69
N PHE B 178 39.27 2.77 -23.33
CA PHE B 178 39.39 2.17 -24.64
C PHE B 178 38.83 0.75 -24.65
N VAL B 179 37.86 0.51 -25.51
CA VAL B 179 37.26 -0.81 -25.65
C VAL B 179 37.78 -1.40 -26.96
N GLU B 180 38.57 -2.45 -26.84
CA GLU B 180 39.05 -3.18 -28.01
C GLU B 180 37.89 -3.85 -28.71
N ARG B 181 37.84 -3.73 -30.03
CA ARG B 181 36.69 -4.18 -30.80
C ARG B 181 37.09 -5.34 -31.71
N CYS B 182 36.49 -6.49 -31.48
CA CYS B 182 36.84 -7.69 -32.23
C CYS B 182 35.69 -8.67 -32.21
N TRP B 183 35.86 -9.76 -32.96
CA TRP B 183 34.90 -10.86 -33.02
C TRP B 183 35.48 -12.13 -32.43
N THR B 184 36.64 -12.55 -32.89
CA THR B 184 37.43 -13.57 -32.24
C THR B 184 38.73 -12.96 -31.72
N HIS B 185 39.62 -13.83 -31.26
CA HIS B 185 41.00 -13.42 -31.00
C HIS B 185 41.74 -13.03 -32.27
N SER B 186 41.25 -13.45 -33.43
CA SER B 186 41.78 -13.04 -34.72
C SER B 186 40.95 -11.91 -35.34
N HIS B 187 39.64 -12.13 -35.46
CA HIS B 187 38.78 -11.25 -36.25
C HIS B 187 38.52 -9.96 -35.48
N CYS B 188 39.13 -8.86 -35.94
CA CYS B 188 38.80 -7.55 -35.41
C CYS B 188 37.43 -7.09 -35.91
N GLN B 189 36.93 -6.03 -35.28
CA GLN B 189 35.70 -5.37 -35.73
C GLN B 189 36.08 -4.19 -36.61
N LYS B 190 35.65 -4.23 -37.86
CA LYS B 190 36.02 -3.21 -38.83
C LYS B 190 35.26 -1.92 -38.56
N VAL B 191 35.96 -0.79 -38.59
CA VAL B 191 35.37 0.52 -38.36
C VAL B 191 35.62 1.38 -39.60
N CYS B 192 34.55 1.76 -40.28
CA CYS B 192 34.65 2.73 -41.36
C CYS B 192 34.82 4.14 -40.79
N PRO B 193 35.45 5.04 -41.54
CA PRO B 193 35.62 6.42 -41.05
C PRO B 193 34.32 7.20 -40.93
N THR B 194 34.42 8.42 -40.41
CA THR B 194 33.26 9.25 -40.09
C THR B 194 32.68 9.96 -41.30
N ILE B 195 33.09 9.60 -42.52
CA ILE B 195 32.46 10.12 -43.72
C ILE B 195 31.87 9.03 -44.60
N CYS B 196 32.35 7.79 -44.52
CA CYS B 196 31.83 6.67 -45.31
C CYS B 196 30.80 5.88 -44.53
N LYS B 197 30.03 6.56 -43.66
CA LYS B 197 29.27 5.87 -42.64
C LYS B 197 28.04 5.19 -43.20
N SER B 198 27.35 5.84 -44.13
CA SER B 198 26.07 5.32 -44.59
C SER B 198 26.25 4.13 -45.51
N HIS B 199 26.94 4.33 -46.63
CA HIS B 199 27.09 3.27 -47.63
C HIS B 199 28.25 2.35 -47.34
N GLY B 200 28.95 2.55 -46.24
CA GLY B 200 30.07 1.71 -45.92
C GLY B 200 31.34 2.17 -46.60
N CYS B 201 32.42 1.48 -46.27
CA CYS B 201 33.74 1.80 -46.79
C CYS B 201 34.38 0.54 -47.36
N THR B 202 35.41 0.74 -48.15
CA THR B 202 36.21 -0.35 -48.69
C THR B 202 37.32 -0.69 -47.70
N ALA B 203 38.31 -1.47 -48.16
CA ALA B 203 39.33 -2.00 -47.26
C ALA B 203 40.27 -0.90 -46.77
N GLU B 204 40.77 -0.05 -47.68
CA GLU B 204 41.67 1.02 -47.26
C GLU B 204 40.93 2.17 -46.59
N GLY B 205 39.60 2.22 -46.68
CA GLY B 205 38.82 3.23 -46.00
C GLY B 205 38.13 4.23 -46.89
N LEU B 206 38.21 4.07 -48.21
CA LEU B 206 37.54 5.01 -49.10
C LEU B 206 36.04 4.74 -49.12
N CYS B 207 35.27 5.79 -49.37
CA CYS B 207 33.82 5.66 -49.39
C CYS B 207 33.37 4.86 -50.60
N CYS B 208 32.30 4.11 -50.40
CA CYS B 208 31.72 3.32 -51.47
C CYS B 208 30.76 4.20 -52.27
N HIS B 209 30.06 3.59 -53.21
CA HIS B 209 29.10 4.33 -54.01
C HIS B 209 27.87 4.67 -53.18
N SER B 210 27.19 5.75 -53.59
CA SER B 210 25.95 6.25 -52.99
C SER B 210 24.79 5.26 -53.05
N GLU B 211 24.92 4.13 -53.72
CA GLU B 211 23.95 3.06 -53.65
C GLU B 211 24.49 1.80 -53.01
N CYS B 212 25.78 1.76 -52.67
CA CYS B 212 26.33 0.63 -51.93
C CYS B 212 25.82 0.65 -50.49
N LEU B 213 26.19 -0.38 -49.74
CA LEU B 213 25.86 -0.44 -48.33
C LEU B 213 26.87 -1.32 -47.62
N GLY B 214 27.54 -0.78 -46.61
CA GLY B 214 28.44 -1.56 -45.79
C GLY B 214 29.75 -1.92 -46.44
N ASN B 215 29.69 -2.75 -47.47
CA ASN B 215 30.88 -3.22 -48.15
C ASN B 215 30.77 -2.93 -49.65
N CYS B 216 31.91 -2.70 -50.27
CA CYS B 216 31.99 -2.57 -51.71
C CYS B 216 33.30 -3.17 -52.18
N SER B 217 33.24 -3.89 -53.31
CA SER B 217 34.44 -4.47 -53.87
C SER B 217 35.36 -3.40 -54.45
N GLN B 218 34.80 -2.31 -54.94
CA GLN B 218 35.57 -1.15 -55.35
C GLN B 218 34.91 0.09 -54.77
N PRO B 219 35.70 1.06 -54.30
CA PRO B 219 35.12 2.29 -53.76
C PRO B 219 34.50 3.15 -54.85
N ASP B 220 33.30 3.65 -54.56
CA ASP B 220 32.48 4.48 -55.45
C ASP B 220 32.23 3.79 -56.79
N ASP B 221 31.56 2.65 -56.72
CA ASP B 221 31.18 1.97 -57.95
C ASP B 221 29.86 1.24 -57.74
N PRO B 222 28.78 1.65 -58.42
CA PRO B 222 27.52 0.91 -58.30
C PRO B 222 27.58 -0.47 -58.93
N THR B 223 28.49 -0.67 -59.88
CA THR B 223 28.68 -1.98 -60.47
C THR B 223 29.67 -2.84 -59.70
N LYS B 224 30.35 -2.27 -58.71
CA LYS B 224 31.31 -3.01 -57.91
C LYS B 224 31.09 -2.71 -56.43
N CYS B 225 29.84 -2.80 -55.98
CA CYS B 225 29.51 -2.79 -54.57
C CYS B 225 29.73 -4.17 -53.98
N VAL B 226 29.19 -4.40 -52.78
CA VAL B 226 28.88 -5.74 -52.29
C VAL B 226 27.39 -5.85 -51.96
N ALA B 227 26.86 -4.91 -51.20
CA ALA B 227 25.45 -4.88 -50.84
C ALA B 227 24.83 -3.56 -51.25
N CYS B 228 23.65 -3.63 -51.84
CA CYS B 228 22.93 -2.43 -52.22
C CYS B 228 22.39 -1.71 -51.00
N ARG B 229 22.32 -0.38 -51.08
CA ARG B 229 21.65 0.38 -50.04
C ARG B 229 20.16 0.10 -50.05
N ASN B 230 19.51 0.36 -51.18
CA ASN B 230 18.07 0.21 -51.25
C ASN B 230 17.66 -0.89 -52.23
N PHE B 231 18.06 -0.78 -53.49
CA PHE B 231 17.45 -1.54 -54.56
C PHE B 231 18.53 -2.14 -55.43
N TYR B 232 18.25 -3.33 -55.96
CA TYR B 232 19.18 -4.00 -56.86
C TYR B 232 18.57 -4.16 -58.23
N LEU B 233 19.40 -4.00 -59.26
CA LEU B 233 19.00 -4.31 -60.63
C LEU B 233 20.28 -4.65 -61.40
N ASP B 234 20.51 -5.96 -61.58
CA ASP B 234 21.33 -6.53 -62.65
C ASP B 234 22.77 -6.01 -62.63
N GLY B 235 23.46 -6.30 -61.52
CA GLY B 235 24.80 -5.82 -61.33
C GLY B 235 24.90 -4.36 -60.99
N ARG B 236 23.79 -3.68 -60.73
CA ARG B 236 23.84 -2.28 -60.33
C ARG B 236 22.92 -2.04 -59.16
N CYS B 237 23.47 -1.52 -58.07
CA CYS B 237 22.63 -1.01 -57.00
C CYS B 237 22.03 0.31 -57.45
N VAL B 238 20.71 0.41 -57.41
CA VAL B 238 19.99 1.52 -58.01
C VAL B 238 19.19 2.25 -56.95
N GLU B 239 18.92 3.53 -57.21
CA GLU B 239 18.17 4.34 -56.25
C GLU B 239 16.67 4.07 -56.36
N THR B 240 16.20 3.74 -57.56
CA THR B 240 14.79 3.43 -57.77
C THR B 240 14.66 2.53 -58.99
N CYS B 241 13.43 2.23 -59.34
CA CYS B 241 13.14 1.45 -60.54
C CYS B 241 13.00 2.37 -61.74
N PRO B 242 13.83 2.24 -62.77
CA PRO B 242 13.50 2.84 -64.05
C PRO B 242 12.35 2.08 -64.69
N PRO B 243 11.58 2.71 -65.57
CA PRO B 243 10.51 1.99 -66.24
C PRO B 243 11.07 0.94 -67.17
N PRO B 244 10.35 -0.18 -67.39
CA PRO B 244 9.03 -0.55 -66.87
C PRO B 244 9.09 -1.40 -65.61
N TYR B 245 9.88 -1.03 -64.63
CA TYR B 245 10.13 -1.91 -63.50
C TYR B 245 9.48 -1.37 -62.23
N TYR B 246 9.34 -2.28 -61.27
CA TYR B 246 8.48 -2.11 -60.11
C TYR B 246 9.20 -2.60 -58.89
N HIS B 247 9.04 -1.88 -57.79
CA HIS B 247 9.78 -2.22 -56.57
C HIS B 247 9.17 -3.45 -55.93
N PHE B 248 10.03 -4.40 -55.59
CA PHE B 248 9.57 -5.63 -54.94
C PHE B 248 10.30 -5.80 -53.62
N GLN B 249 9.53 -5.72 -52.53
CA GLN B 249 9.96 -6.01 -51.16
C GLN B 249 11.15 -5.14 -50.73
N ASP B 250 11.17 -3.91 -51.26
CA ASP B 250 12.11 -2.86 -50.89
C ASP B 250 13.55 -3.24 -51.24
N TRP B 251 13.76 -4.14 -52.20
CA TRP B 251 15.14 -4.47 -52.52
C TRP B 251 15.47 -4.61 -54.00
N ARG B 252 14.50 -4.61 -54.91
CA ARG B 252 14.83 -4.83 -56.29
C ARG B 252 13.73 -4.27 -57.20
N CYS B 253 14.00 -4.36 -58.50
CA CYS B 253 13.10 -3.92 -59.55
C CYS B 253 12.77 -5.11 -60.44
N VAL B 254 11.49 -5.39 -60.60
CA VAL B 254 11.03 -6.50 -61.44
C VAL B 254 10.09 -5.96 -62.50
N ASN B 255 9.92 -6.72 -63.57
CA ASN B 255 9.09 -6.24 -64.65
C ASN B 255 7.62 -6.56 -64.37
N PHE B 256 6.75 -6.19 -65.32
CA PHE B 256 5.34 -6.52 -65.19
C PHE B 256 5.11 -8.01 -65.32
N SER B 257 5.96 -8.70 -66.09
CA SER B 257 5.78 -10.13 -66.33
C SER B 257 5.96 -10.94 -65.06
N PHE B 258 6.96 -10.59 -64.26
CA PHE B 258 7.28 -11.33 -63.05
C PHE B 258 6.16 -11.30 -62.02
N CYS B 259 5.85 -10.10 -61.53
CA CYS B 259 4.77 -9.91 -60.57
C CYS B 259 3.41 -10.28 -61.15
N GLN B 260 3.25 -10.18 -62.47
CA GLN B 260 2.08 -10.72 -63.15
C GLN B 260 1.95 -12.21 -62.91
N ASP B 261 2.99 -12.95 -63.24
CA ASP B 261 2.94 -14.41 -63.16
C ASP B 261 2.97 -14.90 -61.73
N LEU B 262 3.39 -14.06 -60.79
CA LEU B 262 3.25 -14.39 -59.38
C LEU B 262 1.80 -14.52 -58.97
N HIS B 263 0.93 -13.69 -59.55
CA HIS B 263 -0.49 -13.72 -59.20
C HIS B 263 -1.16 -15.02 -59.65
N HIS B 264 -0.65 -15.62 -60.71
CA HIS B 264 -1.28 -16.75 -61.36
C HIS B 264 -1.06 -18.08 -60.65
N LYS B 265 -0.60 -18.07 -59.40
CA LYS B 265 -0.17 -19.30 -58.76
C LYS B 265 -0.96 -19.65 -57.49
N CYS B 266 -1.89 -18.81 -57.07
CA CYS B 266 -2.77 -19.15 -55.96
C CYS B 266 -4.08 -19.76 -56.43
N LYS B 267 -4.06 -20.44 -57.56
CA LYS B 267 -5.30 -20.95 -58.15
C LYS B 267 -5.34 -22.46 -58.06
N CYS B 274 -1.91 -16.79 -49.13
CA CYS B 274 -1.24 -17.23 -50.35
C CYS B 274 -0.61 -16.02 -51.05
N HIS B 275 -1.15 -14.84 -50.74
CA HIS B 275 -0.61 -13.53 -51.13
C HIS B 275 -0.55 -13.37 -52.66
N GLN B 276 -1.74 -13.31 -53.25
CA GLN B 276 -1.87 -12.75 -54.58
C GLN B 276 -1.48 -11.28 -54.56
N TYR B 277 -0.84 -10.81 -55.63
CA TYR B 277 -0.26 -9.49 -55.64
C TYR B 277 -0.98 -8.58 -56.61
N VAL B 278 -0.80 -7.28 -56.39
CA VAL B 278 -1.20 -6.21 -57.30
C VAL B 278 -0.03 -5.26 -57.45
N ILE B 279 -0.25 -4.18 -58.20
CA ILE B 279 0.77 -3.16 -58.44
C ILE B 279 0.17 -1.80 -58.11
N HIS B 280 0.90 -1.02 -57.32
CA HIS B 280 0.56 0.38 -57.14
C HIS B 280 1.82 1.16 -56.85
N ASN B 281 1.85 2.40 -57.34
CA ASN B 281 2.90 3.39 -57.07
C ASN B 281 4.25 2.86 -57.52
N ASN B 282 4.25 2.25 -58.71
CA ASN B 282 5.40 1.57 -59.32
C ASN B 282 5.95 0.47 -58.40
N LYS B 283 5.07 -0.27 -57.74
CA LYS B 283 5.49 -1.27 -56.77
C LYS B 283 4.64 -2.51 -56.91
N CYS B 284 5.27 -3.68 -56.86
CA CYS B 284 4.55 -4.92 -56.70
C CYS B 284 4.26 -5.14 -55.23
N ILE B 285 2.99 -5.02 -54.86
CA ILE B 285 2.57 -5.03 -53.46
C ILE B 285 1.57 -6.16 -53.27
N PRO B 286 1.36 -6.62 -52.02
CA PRO B 286 0.30 -7.62 -51.80
C PRO B 286 -1.11 -7.16 -52.10
N GLU B 287 -1.56 -6.10 -51.43
CA GLU B 287 -2.96 -5.69 -51.52
C GLU B 287 -3.08 -4.18 -51.56
N CYS B 288 -4.30 -3.72 -51.85
CA CYS B 288 -4.72 -2.32 -51.92
C CYS B 288 -5.40 -1.94 -50.61
N PRO B 289 -5.27 -0.68 -50.18
CA PRO B 289 -6.08 -0.20 -49.04
C PRO B 289 -7.52 0.09 -49.46
N SER B 290 -8.27 0.66 -48.52
CA SER B 290 -9.70 0.92 -48.71
C SER B 290 -9.94 1.93 -49.83
N GLY B 291 -11.15 1.87 -50.38
CA GLY B 291 -11.52 2.74 -51.47
C GLY B 291 -10.84 2.45 -52.79
N TYR B 292 -10.14 1.33 -52.90
CA TYR B 292 -9.46 0.96 -54.12
C TYR B 292 -10.06 -0.31 -54.70
N THR B 293 -9.62 -0.63 -55.91
CA THR B 293 -10.16 -1.72 -56.70
C THR B 293 -9.00 -2.33 -57.47
N MET B 294 -9.07 -3.63 -57.71
CA MET B 294 -8.07 -4.32 -58.51
C MET B 294 -8.23 -3.94 -59.99
N ASN B 295 -7.41 -4.56 -60.82
CA ASN B 295 -7.59 -4.46 -62.26
C ASN B 295 -7.37 -5.84 -62.87
N SER B 296 -8.27 -6.23 -63.76
CA SER B 296 -8.09 -7.49 -64.46
C SER B 296 -6.96 -7.42 -65.47
N SER B 297 -6.60 -6.23 -65.95
CA SER B 297 -5.53 -6.12 -66.91
C SER B 297 -4.17 -6.09 -66.23
N ASN B 298 -3.92 -5.09 -65.39
CA ASN B 298 -2.58 -4.89 -64.86
C ASN B 298 -2.50 -4.91 -63.34
N LEU B 299 -3.61 -5.17 -62.65
CA LEU B 299 -3.69 -5.24 -61.18
C LEU B 299 -3.24 -3.92 -60.54
N LEU B 300 -3.90 -2.84 -60.92
CA LEU B 300 -3.60 -1.52 -60.40
C LEU B 300 -4.65 -1.13 -59.37
N CYS B 301 -4.20 -0.55 -58.26
CA CYS B 301 -5.10 -0.12 -57.17
C CYS B 301 -5.83 1.15 -57.63
N THR B 302 -6.86 0.94 -58.42
CA THR B 302 -7.61 2.06 -58.95
C THR B 302 -8.52 2.64 -57.88
N PRO B 303 -8.64 3.96 -57.80
CA PRO B 303 -9.58 4.55 -56.84
C PRO B 303 -11.02 4.33 -57.27
N CYS B 304 -11.88 4.20 -56.27
CA CYS B 304 -13.30 4.03 -56.49
C CYS B 304 -14.04 4.67 -55.31
N LEU B 305 -15.31 4.36 -55.17
CA LEU B 305 -16.16 5.00 -54.18
C LEU B 305 -16.43 4.05 -53.01
N GLY B 306 -16.73 4.64 -51.87
CA GLY B 306 -17.02 3.87 -50.66
C GLY B 306 -15.94 4.00 -49.62
N LYS B 310 -11.07 -1.80 -46.32
CA LYS B 310 -10.17 -2.83 -45.81
C LYS B 310 -10.63 -3.28 -44.43
N VAL B 311 -11.46 -4.32 -44.41
CA VAL B 311 -11.97 -4.90 -43.18
C VAL B 311 -11.01 -6.01 -42.78
N CYS B 312 -10.11 -5.70 -41.87
CA CYS B 312 -9.16 -6.70 -41.37
C CYS B 312 -9.88 -7.52 -40.32
N HIS B 313 -10.65 -8.50 -40.79
CA HIS B 313 -11.45 -9.35 -39.92
C HIS B 313 -10.53 -10.30 -39.17
N LEU B 314 -10.55 -10.21 -37.84
CA LEU B 314 -9.60 -10.93 -36.99
C LEU B 314 -9.96 -12.41 -36.90
N LEU B 315 -9.11 -13.14 -36.21
CA LEU B 315 -9.40 -14.51 -35.80
C LEU B 315 -10.07 -14.46 -34.44
N GLU B 316 -11.34 -14.92 -34.40
CA GLU B 316 -12.22 -14.87 -33.24
C GLU B 316 -12.46 -13.45 -32.73
N GLY B 317 -12.30 -12.45 -33.60
CA GLY B 317 -12.55 -11.06 -33.26
C GLY B 317 -11.64 -10.51 -32.18
N GLU B 318 -10.44 -11.04 -32.05
CA GLU B 318 -9.63 -10.75 -30.87
C GLU B 318 -8.17 -10.97 -31.21
N LYS B 319 -7.33 -10.04 -30.75
CA LYS B 319 -5.90 -10.17 -30.93
C LYS B 319 -5.17 -9.47 -29.80
N THR B 320 -4.32 -10.21 -29.10
CA THR B 320 -3.36 -9.58 -28.21
C THR B 320 -2.28 -8.91 -29.05
N ILE B 321 -1.99 -7.66 -28.74
CA ILE B 321 -0.99 -6.91 -29.47
C ILE B 321 0.14 -6.60 -28.50
N ASP B 322 1.35 -7.00 -28.88
CA ASP B 322 2.48 -6.85 -27.98
C ASP B 322 3.73 -6.28 -28.61
N SER B 323 3.91 -6.37 -29.92
CA SER B 323 5.13 -5.86 -30.53
C SER B 323 4.86 -5.50 -31.98
N VAL B 324 5.95 -5.27 -32.70
CA VAL B 324 5.89 -4.98 -34.12
C VAL B 324 5.45 -6.22 -34.87
N THR B 325 5.79 -7.40 -34.36
CA THR B 325 5.41 -8.65 -35.01
C THR B 325 3.90 -8.83 -34.96
N SER B 326 3.28 -8.43 -33.85
CA SER B 326 1.83 -8.33 -33.84
C SER B 326 1.35 -7.18 -34.71
N ALA B 327 2.15 -6.12 -34.85
CA ALA B 327 1.65 -4.89 -35.45
C ALA B 327 1.53 -4.99 -36.97
N GLN B 328 2.54 -5.56 -37.63
CA GLN B 328 2.57 -5.59 -39.09
C GLN B 328 1.50 -6.47 -39.70
N GLU B 329 0.88 -7.35 -38.91
CA GLU B 329 -0.31 -8.05 -39.38
C GLU B 329 -1.47 -7.10 -39.62
N LEU B 330 -1.51 -5.99 -38.90
CA LEU B 330 -2.54 -4.99 -39.08
C LEU B 330 -1.97 -3.70 -39.67
N ARG B 331 -0.95 -3.84 -40.50
CA ARG B 331 -0.33 -2.68 -41.13
C ARG B 331 -1.24 -2.13 -42.23
N GLY B 332 -1.67 -0.89 -42.06
CA GLY B 332 -2.46 -0.23 -43.07
C GLY B 332 -3.93 -0.58 -43.07
N CYS B 333 -4.43 -1.23 -42.03
CA CYS B 333 -5.86 -1.54 -41.97
C CYS B 333 -6.69 -0.28 -41.74
N THR B 334 -7.95 -0.36 -42.13
CA THR B 334 -8.90 0.72 -41.96
C THR B 334 -10.11 0.34 -41.13
N VAL B 335 -10.55 -0.92 -41.21
CA VAL B 335 -11.72 -1.39 -40.50
C VAL B 335 -11.33 -2.64 -39.72
N ILE B 336 -11.65 -2.66 -38.43
CA ILE B 336 -11.35 -3.78 -37.56
C ILE B 336 -12.67 -4.43 -37.17
N ASN B 337 -12.93 -5.61 -37.73
CA ASN B 337 -14.11 -6.40 -37.35
C ASN B 337 -13.72 -7.32 -36.21
N GLY B 338 -13.48 -6.71 -35.05
CA GLY B 338 -13.09 -7.43 -33.87
C GLY B 338 -12.74 -6.55 -32.69
N SER B 339 -12.04 -7.10 -31.70
CA SER B 339 -11.60 -6.36 -30.53
C SER B 339 -10.08 -6.45 -30.42
N LEU B 340 -9.50 -5.45 -29.77
CA LEU B 340 -8.05 -5.36 -29.64
C LEU B 340 -7.68 -5.41 -28.18
N ILE B 341 -6.56 -6.06 -27.90
CA ILE B 341 -5.98 -6.14 -26.56
C ILE B 341 -4.60 -5.54 -26.64
N ILE B 342 -4.39 -4.47 -25.87
CA ILE B 342 -3.13 -3.78 -25.82
C ILE B 342 -2.44 -4.17 -24.52
N ASN B 343 -1.44 -5.03 -24.64
CA ASN B 343 -0.71 -5.52 -23.47
C ASN B 343 0.74 -5.61 -23.89
N ILE B 344 1.54 -4.67 -23.43
CA ILE B 344 2.96 -4.62 -23.72
C ILE B 344 3.68 -4.46 -22.39
N ARG B 345 4.17 -5.58 -21.85
CA ARG B 345 5.13 -5.53 -20.76
C ARG B 345 6.48 -5.17 -21.35
N GLY B 346 6.68 -3.89 -21.60
CA GLY B 346 7.76 -3.47 -22.47
C GLY B 346 9.02 -3.13 -21.72
N GLY B 347 9.30 -1.83 -21.63
CA GLY B 347 10.54 -1.38 -21.04
C GLY B 347 11.23 -0.46 -22.01
N ASN B 348 10.72 -0.39 -23.23
CA ASN B 348 11.24 0.49 -24.26
C ASN B 348 10.08 1.06 -25.04
N ASN B 349 10.17 2.33 -25.39
CA ASN B 349 9.13 2.99 -26.14
C ASN B 349 9.17 2.53 -27.59
N LEU B 350 8.15 1.81 -28.01
CA LEU B 350 8.01 1.39 -29.39
C LEU B 350 7.22 2.40 -30.21
N ALA B 351 6.93 3.56 -29.63
CA ALA B 351 5.75 4.35 -29.99
C ALA B 351 5.82 4.89 -31.41
N ALA B 352 7.02 5.28 -31.87
CA ALA B 352 7.17 5.79 -33.21
C ALA B 352 6.92 4.71 -34.24
N GLU B 353 7.59 3.57 -34.07
CA GLU B 353 7.33 2.44 -34.96
C GLU B 353 5.96 1.83 -34.68
N LEU B 354 5.47 1.97 -33.45
CA LEU B 354 4.08 1.64 -33.17
C LEU B 354 3.15 2.52 -33.97
N GLU B 355 3.47 3.80 -34.08
CA GLU B 355 2.63 4.68 -34.88
C GLU B 355 2.75 4.38 -36.36
N ALA B 356 3.93 3.88 -36.77
CA ALA B 356 4.29 3.71 -38.17
C ALA B 356 3.44 2.69 -38.91
N ASN B 357 2.75 1.80 -38.21
CA ASN B 357 1.93 0.80 -38.87
C ASN B 357 0.61 0.55 -38.14
N LEU B 358 0.04 1.58 -37.52
CA LEU B 358 -1.18 1.42 -36.75
C LEU B 358 -2.30 2.32 -37.19
N GLY B 359 -3.26 2.51 -36.29
CA GLY B 359 -4.66 2.67 -36.61
C GLY B 359 -5.03 3.91 -37.39
N LEU B 360 -4.68 3.89 -38.67
CA LEU B 360 -5.35 4.72 -39.66
C LEU B 360 -6.72 4.12 -39.93
N ILE B 361 -7.61 4.23 -38.95
CA ILE B 361 -8.88 3.53 -38.86
C ILE B 361 -9.86 4.53 -38.27
N GLU B 362 -11.12 4.16 -38.19
CA GLU B 362 -12.04 4.97 -37.41
C GLU B 362 -12.92 4.11 -36.52
N GLU B 363 -13.03 2.83 -36.84
CA GLU B 363 -14.05 1.98 -36.21
C GLU B 363 -13.42 0.75 -35.58
N ILE B 364 -13.99 0.35 -34.45
CA ILE B 364 -13.73 -0.95 -33.82
C ILE B 364 -15.08 -1.57 -33.56
N SER B 365 -15.31 -2.77 -34.10
CA SER B 365 -16.60 -3.42 -33.97
C SER B 365 -16.87 -3.86 -32.54
N GLY B 366 -15.89 -4.47 -31.91
CA GLY B 366 -15.99 -4.88 -30.53
C GLY B 366 -15.45 -3.83 -29.58
N TYR B 367 -14.95 -4.28 -28.44
CA TYR B 367 -14.47 -3.41 -27.40
C TYR B 367 -13.00 -3.09 -27.63
N LEU B 368 -12.40 -2.44 -26.64
CA LEU B 368 -10.96 -2.18 -26.62
C LEU B 368 -10.44 -2.47 -25.22
N LYS B 369 -9.29 -3.14 -25.14
CA LYS B 369 -8.71 -3.50 -23.86
C LYS B 369 -7.30 -2.95 -23.79
N ILE B 370 -6.94 -2.36 -22.64
CA ILE B 370 -5.57 -1.91 -22.38
C ILE B 370 -5.19 -2.39 -20.99
N ARG B 371 -4.33 -3.40 -20.93
CA ARG B 371 -4.02 -4.06 -19.66
C ARG B 371 -2.52 -4.05 -19.43
N ARG B 372 -2.11 -3.46 -18.31
CA ARG B 372 -0.80 -3.64 -17.69
C ARG B 372 0.36 -3.19 -18.57
N SER B 373 0.10 -2.32 -19.54
CA SER B 373 1.17 -1.82 -20.38
C SER B 373 1.96 -0.77 -19.62
N TYR B 374 3.28 -0.85 -19.72
CA TYR B 374 4.15 -0.09 -18.86
C TYR B 374 4.59 1.24 -19.46
N ALA B 375 5.27 1.20 -20.60
CA ALA B 375 5.97 2.37 -21.11
C ALA B 375 5.11 3.27 -21.98
N LEU B 376 3.81 2.96 -22.13
CA LEU B 376 2.97 3.78 -22.98
C LEU B 376 2.59 5.09 -22.31
N VAL B 377 3.29 6.16 -22.66
CA VAL B 377 3.03 7.46 -22.04
C VAL B 377 1.80 8.13 -22.64
N SER B 378 1.42 7.78 -23.87
CA SER B 378 0.34 8.47 -24.55
C SER B 378 -0.37 7.50 -25.48
N LEU B 379 -1.41 8.00 -26.15
CA LEU B 379 -2.11 7.27 -27.18
C LEU B 379 -2.18 8.05 -28.47
N SER B 380 -1.25 8.99 -28.69
CA SER B 380 -1.28 9.84 -29.88
C SER B 380 -0.96 9.07 -31.15
N PHE B 381 -0.39 7.87 -31.02
CA PHE B 381 -0.17 7.02 -32.17
C PHE B 381 -1.48 6.56 -32.79
N PHE B 382 -2.54 6.45 -31.99
CA PHE B 382 -3.88 6.39 -32.56
C PHE B 382 -4.16 7.71 -33.24
N ARG B 383 -4.15 7.72 -34.56
CA ARG B 383 -4.21 8.96 -35.30
C ARG B 383 -5.64 9.33 -35.69
N LYS B 384 -6.34 8.42 -36.36
CA LYS B 384 -7.60 8.75 -37.00
C LYS B 384 -8.81 8.17 -36.29
N LEU B 385 -8.64 7.54 -35.13
CA LEU B 385 -9.71 6.75 -34.52
C LEU B 385 -10.83 7.64 -34.00
N ARG B 386 -12.06 7.29 -34.37
CA ARG B 386 -13.24 8.05 -33.96
C ARG B 386 -14.30 7.22 -33.26
N LEU B 387 -14.58 6.02 -33.74
CA LEU B 387 -15.77 5.27 -33.34
C LEU B 387 -15.38 3.94 -32.73
N ILE B 388 -16.08 3.56 -31.67
CA ILE B 388 -16.08 2.20 -31.16
C ILE B 388 -17.51 1.71 -31.23
N ARG B 389 -17.75 0.65 -32.00
CA ARG B 389 -19.08 0.07 -32.05
C ARG B 389 -19.39 -0.67 -30.77
N GLY B 390 -18.42 -1.43 -30.26
CA GLY B 390 -18.61 -2.17 -29.02
C GLY B 390 -19.63 -3.27 -29.13
N GLU B 391 -19.75 -3.90 -30.30
CA GLU B 391 -20.79 -4.90 -30.53
C GLU B 391 -20.52 -6.17 -29.74
N THR B 392 -19.27 -6.41 -29.36
CA THR B 392 -18.92 -7.40 -28.35
C THR B 392 -18.23 -6.64 -27.23
N LEU B 393 -18.74 -6.80 -26.01
CA LEU B 393 -18.21 -6.03 -24.90
C LEU B 393 -17.18 -6.84 -24.11
N GLU B 394 -16.30 -6.10 -23.43
CA GLU B 394 -15.59 -6.66 -22.30
C GLU B 394 -16.59 -7.11 -21.25
N ILE B 395 -16.31 -8.25 -20.62
CA ILE B 395 -17.22 -8.82 -19.62
C ILE B 395 -17.33 -7.87 -18.44
N GLY B 396 -18.53 -7.78 -17.87
CA GLY B 396 -18.86 -6.68 -17.00
C GLY B 396 -19.45 -5.49 -17.72
N ASN B 397 -19.83 -5.65 -18.99
CA ASN B 397 -20.44 -4.63 -19.85
C ASN B 397 -19.55 -3.39 -19.97
N TYR B 398 -18.39 -3.62 -20.57
CA TYR B 398 -17.46 -2.56 -20.87
C TYR B 398 -17.13 -2.59 -22.35
N SER B 399 -17.10 -1.43 -22.97
CA SER B 399 -16.48 -1.27 -24.28
C SER B 399 -15.04 -0.84 -24.16
N PHE B 400 -14.61 -0.50 -22.94
CA PHE B 400 -13.30 0.08 -22.77
C PHE B 400 -12.70 -0.46 -21.48
N TYR B 401 -11.38 -0.54 -21.46
CA TYR B 401 -10.65 -1.15 -20.36
C TYR B 401 -9.35 -0.38 -20.18
N ALA B 402 -8.92 -0.26 -18.93
CA ALA B 402 -7.66 0.40 -18.62
C ALA B 402 -7.15 -0.11 -17.30
N LEU B 403 -5.91 -0.61 -17.30
CA LEU B 403 -5.33 -1.08 -16.05
C LEU B 403 -3.82 -0.95 -16.09
N ASP B 404 -3.25 -0.45 -14.99
CA ASP B 404 -1.84 -0.63 -14.61
C ASP B 404 -0.90 -0.02 -15.65
N ASN B 405 -0.99 1.29 -15.79
CA ASN B 405 -0.24 2.00 -16.81
C ASN B 405 0.65 3.02 -16.09
N GLN B 406 1.91 2.62 -15.88
CA GLN B 406 2.78 3.33 -14.96
C GLN B 406 3.38 4.60 -15.56
N ASN B 407 3.17 4.86 -16.84
CA ASN B 407 3.70 6.08 -17.44
C ASN B 407 2.64 6.84 -18.22
N LEU B 408 1.42 6.32 -18.30
CA LEU B 408 0.39 6.96 -19.09
C LEU B 408 -0.13 8.22 -18.39
N ARG B 409 0.04 9.37 -19.05
CA ARG B 409 -0.49 10.62 -18.55
C ARG B 409 -1.57 11.18 -19.46
N GLN B 410 -1.25 11.40 -20.73
CA GLN B 410 -2.19 11.95 -21.68
C GLN B 410 -2.81 10.84 -22.50
N LEU B 411 -4.12 10.94 -22.72
CA LEU B 411 -4.75 10.05 -23.69
C LEU B 411 -4.62 10.65 -25.09
N TRP B 412 -5.22 11.82 -25.29
CA TRP B 412 -5.04 12.59 -26.51
C TRP B 412 -5.17 14.06 -26.17
N ASP B 413 -4.86 14.90 -27.14
CA ASP B 413 -5.32 16.28 -27.11
C ASP B 413 -6.74 16.30 -27.66
N TRP B 414 -7.69 16.68 -26.82
CA TRP B 414 -9.08 16.74 -27.23
C TRP B 414 -9.41 17.96 -28.07
N SER B 415 -8.40 18.72 -28.49
CA SER B 415 -8.59 19.79 -29.47
C SER B 415 -9.16 19.24 -30.77
N LYS B 416 -8.41 18.38 -31.44
CA LYS B 416 -8.85 17.82 -32.70
C LYS B 416 -9.24 16.36 -32.62
N HIS B 417 -8.77 15.65 -31.61
CA HIS B 417 -9.14 14.25 -31.47
C HIS B 417 -10.58 14.12 -31.00
N ASN B 418 -11.29 13.17 -31.60
CA ASN B 418 -12.69 12.94 -31.30
C ASN B 418 -12.85 11.52 -30.79
N LEU B 419 -14.03 11.23 -30.26
CA LEU B 419 -14.33 9.89 -29.76
C LEU B 419 -15.83 9.66 -29.78
N THR B 420 -16.25 8.59 -30.42
CA THR B 420 -17.66 8.23 -30.48
C THR B 420 -17.83 6.82 -29.95
N ILE B 421 -18.69 6.66 -28.96
CA ILE B 421 -18.86 5.40 -28.24
C ILE B 421 -20.33 5.00 -28.30
N THR B 422 -20.59 3.82 -28.84
CA THR B 422 -21.97 3.35 -28.95
C THR B 422 -22.46 2.78 -27.63
N GLN B 423 -21.82 1.72 -27.15
CA GLN B 423 -22.27 1.04 -25.95
C GLN B 423 -21.13 0.85 -24.97
N GLY B 424 -21.34 0.11 -23.89
CA GLY B 424 -20.28 -0.23 -22.97
C GLY B 424 -19.90 0.89 -22.03
N LYS B 425 -18.99 0.57 -21.12
CA LYS B 425 -18.62 1.47 -20.03
C LYS B 425 -17.11 1.60 -19.92
N LEU B 426 -16.69 2.38 -18.93
CA LEU B 426 -15.29 2.71 -18.69
C LEU B 426 -14.79 2.03 -17.42
N PHE B 427 -13.51 1.69 -17.44
CA PHE B 427 -12.96 0.86 -16.36
C PHE B 427 -11.54 1.37 -16.08
N PHE B 428 -11.40 2.10 -14.98
CA PHE B 428 -10.20 2.88 -14.70
C PHE B 428 -9.67 2.50 -13.32
N HIS B 429 -8.50 1.87 -13.28
CA HIS B 429 -7.89 1.43 -12.05
C HIS B 429 -6.39 1.46 -12.18
N TYR B 430 -5.72 1.92 -11.11
CA TYR B 430 -4.27 1.80 -10.91
C TYR B 430 -3.49 2.50 -12.01
N ASN B 431 -3.89 3.73 -12.30
CA ASN B 431 -3.34 4.51 -13.39
C ASN B 431 -2.68 5.74 -12.77
N PRO B 432 -1.49 5.57 -12.18
CA PRO B 432 -1.03 6.49 -11.14
C PRO B 432 -0.63 7.86 -11.61
N LYS B 433 -0.57 8.10 -12.92
CA LYS B 433 -0.31 9.43 -13.44
C LYS B 433 -1.38 9.85 -14.43
N LEU B 434 -2.58 9.31 -14.27
CA LEU B 434 -3.73 9.61 -15.11
C LEU B 434 -4.73 10.37 -14.26
N CYS B 435 -4.66 11.70 -14.28
CA CYS B 435 -5.50 12.50 -13.42
C CYS B 435 -6.90 12.66 -14.00
N LEU B 436 -7.84 12.99 -13.12
CA LEU B 436 -9.27 12.80 -13.40
C LEU B 436 -9.83 13.84 -14.35
N SER B 437 -9.10 14.93 -14.60
CA SER B 437 -9.61 16.01 -15.44
C SER B 437 -9.83 15.55 -16.88
N GLU B 438 -8.80 14.95 -17.47
CA GLU B 438 -8.93 14.45 -18.83
C GLU B 438 -9.84 13.23 -18.88
N ILE B 439 -9.98 12.53 -17.76
CA ILE B 439 -10.94 11.43 -17.67
C ILE B 439 -12.36 11.95 -17.81
N HIS B 440 -12.68 13.02 -17.09
CA HIS B 440 -14.00 13.62 -17.23
C HIS B 440 -14.18 14.27 -18.59
N LYS B 441 -13.09 14.77 -19.18
CA LYS B 441 -13.16 15.27 -20.56
C LYS B 441 -13.47 14.14 -21.53
N MET B 442 -12.92 12.96 -21.28
CA MET B 442 -13.23 11.80 -22.10
C MET B 442 -14.67 11.37 -21.92
N GLU B 443 -15.17 11.46 -20.68
CA GLU B 443 -16.59 11.21 -20.44
C GLU B 443 -17.47 12.20 -21.19
N GLU B 444 -17.02 13.45 -21.28
CA GLU B 444 -17.81 14.47 -21.95
C GLU B 444 -17.80 14.26 -23.46
N VAL B 445 -16.63 14.09 -24.06
CA VAL B 445 -16.53 13.98 -25.51
C VAL B 445 -17.09 12.64 -25.97
N SER B 446 -17.05 11.62 -25.10
CA SER B 446 -17.71 10.36 -25.38
C SER B 446 -19.22 10.52 -25.49
N GLY B 447 -19.80 11.43 -24.72
CA GLY B 447 -21.24 11.54 -24.67
C GLY B 447 -21.91 10.42 -23.92
N THR B 448 -21.15 9.60 -23.20
CA THR B 448 -21.67 8.45 -22.47
C THR B 448 -21.49 8.64 -20.98
N LYS B 449 -21.64 9.89 -20.52
CA LYS B 449 -21.44 10.22 -19.12
C LYS B 449 -22.54 9.62 -18.24
N GLY B 450 -23.72 9.40 -18.80
CA GLY B 450 -24.82 8.82 -18.04
C GLY B 450 -24.82 7.31 -18.02
N ARG B 451 -23.66 6.70 -17.93
CA ARG B 451 -23.53 5.25 -17.88
C ARG B 451 -22.65 4.78 -16.73
N GLN B 452 -21.67 5.57 -16.33
CA GLN B 452 -20.66 5.11 -15.39
C GLN B 452 -21.22 5.09 -13.97
N GLU B 453 -21.14 3.94 -13.33
CA GLU B 453 -21.61 3.78 -11.97
C GLU B 453 -20.49 4.16 -10.99
N ARG B 454 -20.70 3.85 -9.72
CA ARG B 454 -19.66 4.06 -8.73
C ARG B 454 -18.54 3.04 -8.93
N ASN B 455 -17.30 3.49 -8.72
CA ASN B 455 -16.08 2.70 -8.79
C ASN B 455 -15.81 2.14 -10.18
N ASP B 456 -16.40 2.74 -11.22
CA ASP B 456 -15.88 2.55 -12.57
C ASP B 456 -14.59 3.31 -12.77
N ILE B 457 -14.32 4.28 -11.90
CA ILE B 457 -13.05 4.99 -11.84
C ILE B 457 -12.50 4.77 -10.44
N ALA B 458 -11.28 4.27 -10.35
CA ALA B 458 -10.57 4.21 -9.07
C ALA B 458 -10.22 5.63 -8.65
N LEU B 459 -10.96 6.16 -7.67
CA LEU B 459 -10.78 7.53 -7.23
C LEU B 459 -9.66 7.68 -6.22
N LYS B 460 -8.88 6.62 -5.98
CA LYS B 460 -7.73 6.69 -5.10
C LYS B 460 -6.40 6.49 -5.82
N THR B 461 -6.36 5.70 -6.89
CA THR B 461 -5.11 5.35 -7.53
C THR B 461 -4.88 6.02 -8.86
N ASN B 462 -5.88 6.69 -9.42
CA ASN B 462 -5.74 7.25 -10.76
C ASN B 462 -5.18 8.67 -10.64
N GLY B 463 -3.93 8.85 -11.07
CA GLY B 463 -3.33 10.17 -11.06
C GLY B 463 -2.79 10.62 -9.73
N ASP B 464 -2.38 9.69 -8.89
CA ASP B 464 -1.93 10.02 -7.53
C ASP B 464 -0.41 10.08 -7.41
N GLN B 465 0.29 10.52 -8.45
CA GLN B 465 1.73 10.72 -8.36
C GLN B 465 2.17 12.14 -8.67
N ALA B 466 1.26 12.98 -9.15
CA ALA B 466 1.56 14.39 -9.37
C ALA B 466 0.28 15.18 -9.21
N SER B 467 0.38 16.34 -8.56
CA SER B 467 -0.79 17.19 -8.38
C SER B 467 -1.17 17.80 -9.73
N CYS B 468 -2.43 17.61 -10.12
CA CYS B 468 -2.84 17.95 -11.48
C CYS B 468 -3.87 19.07 -11.53
N GLU B 469 -4.99 18.92 -10.83
CA GLU B 469 -6.30 19.20 -11.40
C GLU B 469 -6.56 20.64 -11.82
N ASN B 470 -6.80 21.54 -10.87
CA ASN B 470 -7.14 22.89 -11.28
C ASN B 470 -6.55 24.02 -10.45
N GLU B 471 -6.52 23.86 -9.14
CA GLU B 471 -6.43 25.02 -8.26
C GLU B 471 -4.99 25.48 -8.07
N LEU B 472 -4.77 26.77 -8.29
CA LEU B 472 -3.44 27.36 -8.31
C LEU B 472 -3.31 28.36 -7.17
N LEU B 473 -2.28 28.19 -6.37
CA LEU B 473 -1.91 29.14 -5.34
C LEU B 473 -1.22 30.33 -5.96
N LYS B 474 -1.48 31.51 -5.40
CA LYS B 474 -0.89 32.74 -5.91
C LYS B 474 -0.31 33.53 -4.75
N PHE B 475 0.98 33.82 -4.83
CA PHE B 475 1.70 34.44 -3.73
C PHE B 475 1.43 35.93 -3.67
N SER B 476 0.95 36.38 -2.52
CA SER B 476 0.65 37.80 -2.32
C SER B 476 1.93 38.59 -2.07
N TYR B 477 2.79 38.07 -1.22
CA TYR B 477 3.96 38.82 -0.75
C TYR B 477 5.17 37.90 -0.71
N ILE B 478 6.34 38.48 -0.98
CA ILE B 478 7.61 37.77 -1.00
C ILE B 478 8.60 38.58 -0.18
N ARG B 479 9.22 37.96 0.81
CA ARG B 479 10.28 38.57 1.59
C ARG B 479 11.51 37.68 1.55
N THR B 480 12.62 38.25 1.09
CA THR B 480 13.86 37.51 0.92
C THR B 480 14.93 38.09 1.84
N SER B 481 15.98 37.30 2.06
CA SER B 481 17.15 37.73 2.80
C SER B 481 18.32 36.86 2.33
N PHE B 482 19.44 36.94 3.07
CA PHE B 482 20.51 35.96 2.93
C PHE B 482 20.36 34.83 3.94
N ASP B 483 19.43 34.97 4.87
CA ASP B 483 19.18 33.95 5.88
C ASP B 483 17.70 33.71 6.16
N LYS B 484 16.80 34.47 5.55
CA LYS B 484 15.37 34.40 5.85
C LYS B 484 14.57 34.38 4.55
N ILE B 485 13.54 33.53 4.51
CA ILE B 485 12.57 33.55 3.43
C ILE B 485 11.18 33.51 4.03
N LEU B 486 10.31 34.43 3.61
CA LEU B 486 8.91 34.41 3.98
C LEU B 486 8.06 34.54 2.72
N LEU B 487 7.12 33.64 2.52
CA LEU B 487 6.19 33.73 1.43
C LEU B 487 4.77 33.86 1.97
N ARG B 488 4.01 34.76 1.36
CA ARG B 488 2.63 34.97 1.74
C ARG B 488 1.77 34.80 0.50
N TRP B 489 0.71 34.04 0.62
CA TRP B 489 -0.13 33.78 -0.53
C TRP B 489 -1.58 33.94 -0.11
N GLU B 490 -2.44 33.96 -1.11
CA GLU B 490 -3.85 34.08 -0.85
C GLU B 490 -4.35 32.79 -0.22
N PRO B 491 -4.94 32.84 0.96
CA PRO B 491 -5.41 31.59 1.60
C PRO B 491 -6.63 31.03 0.89
N TYR B 492 -6.44 29.93 0.17
CA TYR B 492 -7.58 29.23 -0.39
C TYR B 492 -8.31 28.49 0.72
N TRP B 493 -9.64 28.46 0.62
CA TRP B 493 -10.47 27.69 1.53
C TRP B 493 -11.45 26.87 0.71
N PRO B 494 -11.50 25.56 0.90
CA PRO B 494 -12.48 24.73 0.23
C PRO B 494 -13.87 25.01 0.75
N PRO B 495 -14.94 24.52 0.08
CA PRO B 495 -16.30 24.75 0.59
C PRO B 495 -16.59 24.14 1.95
N ASP B 496 -15.79 23.20 2.41
CA ASP B 496 -15.72 22.88 3.83
C ASP B 496 -14.35 23.25 4.34
N PHE B 497 -14.27 24.39 5.04
CA PHE B 497 -13.04 24.94 5.58
C PHE B 497 -12.37 24.02 6.59
N ARG B 498 -13.11 23.09 7.19
CA ARG B 498 -12.51 22.12 8.10
C ARG B 498 -11.57 21.15 7.38
N ASP B 499 -11.75 20.97 6.07
CA ASP B 499 -10.99 19.95 5.36
C ASP B 499 -9.53 20.33 5.16
N LEU B 500 -9.21 21.63 5.18
CA LEU B 500 -7.82 22.03 5.07
C LEU B 500 -7.06 21.65 6.33
N LEU B 501 -6.04 20.82 6.17
CA LEU B 501 -5.28 20.33 7.30
C LEU B 501 -3.87 20.87 7.35
N GLY B 502 -3.37 21.41 6.24
CA GLY B 502 -2.03 21.93 6.24
C GLY B 502 -1.57 22.29 4.85
N PHE B 503 -0.31 22.71 4.79
CA PHE B 503 0.31 23.24 3.59
C PHE B 503 1.59 22.48 3.36
N MET B 504 1.63 21.70 2.28
CA MET B 504 2.82 20.95 1.89
C MET B 504 3.70 21.89 1.08
N LEU B 505 4.97 22.01 1.45
CA LEU B 505 5.88 22.89 0.73
C LEU B 505 7.07 22.06 0.30
N PHE B 506 7.46 22.22 -0.97
CA PHE B 506 8.66 21.59 -1.49
C PHE B 506 9.65 22.68 -1.84
N TYR B 507 10.83 22.62 -1.24
CA TYR B 507 11.88 23.57 -1.56
C TYR B 507 13.18 22.83 -1.79
N LYS B 508 14.01 23.42 -2.64
CA LYS B 508 15.35 22.94 -2.95
C LYS B 508 16.04 24.05 -3.73
N GLU B 509 17.35 23.89 -3.90
CA GLU B 509 18.12 24.81 -4.71
C GLU B 509 18.08 24.38 -6.17
N ALA B 510 18.39 25.31 -7.06
CA ALA B 510 18.28 25.01 -8.48
C ALA B 510 19.35 25.72 -9.29
N PRO B 511 20.45 25.06 -9.66
CA PRO B 511 21.41 25.70 -10.57
C PRO B 511 20.85 25.90 -11.97
N TYR B 512 20.05 24.95 -12.46
CA TYR B 512 19.28 25.16 -13.67
C TYR B 512 17.90 25.68 -13.28
N GLN B 513 16.98 25.68 -14.24
CA GLN B 513 15.57 25.92 -13.96
C GLN B 513 14.71 24.85 -14.62
N ASN B 514 15.29 23.66 -14.80
CA ASN B 514 14.67 22.55 -15.52
C ASN B 514 13.83 21.67 -14.61
N VAL B 515 12.91 22.27 -13.86
CA VAL B 515 11.99 21.49 -13.04
C VAL B 515 10.56 21.88 -13.38
N VAL B 531 11.48 20.47 1.67
CA VAL B 531 10.22 19.87 2.05
C VAL B 531 9.87 20.21 3.50
N VAL B 532 8.77 20.93 3.72
CA VAL B 532 8.34 21.36 5.04
C VAL B 532 6.82 21.45 5.03
N ASP B 533 6.23 21.65 6.21
CA ASP B 533 4.79 21.74 6.38
C ASP B 533 4.42 23.00 7.15
N ILE B 534 3.22 23.51 6.86
CA ILE B 534 2.70 24.72 7.50
C ILE B 534 1.29 24.44 7.99
N ASP B 535 1.01 24.78 9.24
CA ASP B 535 -0.33 24.61 9.76
C ASP B 535 -1.27 25.67 9.17
N PRO B 536 -2.55 25.33 8.97
CA PRO B 536 -3.48 26.31 8.42
C PRO B 536 -3.86 27.35 9.46
N PRO B 537 -3.90 28.62 9.10
CA PRO B 537 -4.30 29.66 10.03
C PRO B 537 -5.81 29.72 10.17
N LEU B 538 -6.28 30.68 10.95
CA LEU B 538 -7.69 30.75 11.33
C LEU B 538 -8.48 31.48 10.25
N ARG B 539 -9.52 30.82 9.73
CA ARG B 539 -10.34 31.43 8.70
C ARG B 539 -11.26 32.50 9.29
N SER B 540 -12.26 32.07 10.07
CA SER B 540 -13.05 32.84 11.02
C SER B 540 -13.90 33.99 10.45
N ASN B 541 -13.67 34.39 9.20
CA ASN B 541 -14.32 35.51 8.51
C ASN B 541 -13.73 35.61 7.12
N ASP B 542 -14.43 36.34 6.25
CA ASP B 542 -13.74 36.99 5.15
C ASP B 542 -14.22 38.39 4.72
N PRO B 543 -14.54 39.36 5.63
CA PRO B 543 -14.31 40.76 5.25
C PRO B 543 -12.83 41.09 5.28
N LYS B 544 -12.18 40.82 6.41
CA LYS B 544 -10.73 40.98 6.59
C LYS B 544 -10.22 39.69 7.21
N SER B 545 -9.94 38.71 6.37
CA SER B 545 -9.31 37.49 6.83
C SER B 545 -7.82 37.76 6.90
N GLN B 546 -7.35 38.21 8.06
CA GLN B 546 -5.92 38.44 8.28
C GLN B 546 -5.29 37.09 8.61
N ASN B 547 -5.19 36.26 7.58
CA ASN B 547 -4.64 34.92 7.74
C ASN B 547 -3.78 34.54 6.56
N HIS B 548 -3.10 35.52 5.95
CA HIS B 548 -2.19 35.29 4.85
C HIS B 548 -1.02 34.44 5.35
N PRO B 549 -0.96 33.16 5.00
CA PRO B 549 -0.09 32.24 5.72
C PRO B 549 1.34 32.31 5.21
N GLY B 550 2.25 31.94 6.09
CA GLY B 550 3.66 32.10 5.81
C GLY B 550 4.50 31.02 6.43
N TRP B 551 5.72 30.90 5.90
CA TRP B 551 6.73 30.06 6.52
C TRP B 551 8.05 30.81 6.47
N LEU B 552 8.77 30.80 7.58
CA LEU B 552 10.11 31.35 7.62
C LEU B 552 11.13 30.26 7.36
N MET B 553 11.97 30.49 6.36
CA MET B 553 13.12 29.64 6.10
C MET B 553 14.37 30.30 6.67
N ARG B 554 15.13 29.51 7.42
CA ARG B 554 16.43 29.89 7.94
C ARG B 554 17.59 29.38 7.09
N GLY B 555 17.45 28.20 6.51
CA GLY B 555 18.54 27.55 5.79
C GLY B 555 18.80 28.15 4.42
N LEU B 556 19.37 29.35 4.40
CA LEU B 556 19.66 30.05 3.16
C LEU B 556 21.16 30.17 2.96
N LYS B 557 21.59 29.96 1.74
CA LYS B 557 22.92 30.35 1.33
C LYS B 557 22.82 31.59 0.47
N PRO B 558 23.70 32.56 0.64
CA PRO B 558 23.68 33.76 -0.22
C PRO B 558 24.09 33.42 -1.65
N TRP B 559 23.61 34.26 -2.59
CA TRP B 559 23.96 34.19 -4.02
C TRP B 559 23.48 32.88 -4.66
N THR B 560 22.49 32.23 -4.04
CA THR B 560 22.13 30.87 -4.40
C THR B 560 20.69 30.84 -4.89
N GLN B 561 20.48 30.17 -6.02
CA GLN B 561 19.17 30.07 -6.64
C GLN B 561 18.40 28.90 -6.04
N TYR B 562 17.16 29.16 -5.62
CA TYR B 562 16.31 28.18 -4.96
C TYR B 562 15.04 27.96 -5.78
N ALA B 563 14.53 26.73 -5.72
CA ALA B 563 13.28 26.37 -6.39
C ALA B 563 12.29 25.92 -5.32
N ILE B 564 11.19 26.67 -5.20
CA ILE B 564 10.24 26.49 -4.09
C ILE B 564 8.84 26.43 -4.69
N PHE B 565 8.02 25.48 -4.20
CA PHE B 565 6.60 25.47 -4.52
C PHE B 565 5.81 24.77 -3.43
N VAL B 566 4.52 25.11 -3.35
CA VAL B 566 3.66 24.79 -2.22
C VAL B 566 2.48 23.97 -2.72
N LYS B 567 2.08 22.96 -1.94
CA LYS B 567 0.87 22.19 -2.19
C LYS B 567 -0.04 22.30 -0.97
N THR B 568 -1.34 22.24 -1.20
CA THR B 568 -2.32 22.34 -0.13
C THR B 568 -2.73 20.96 0.35
N LEU B 569 -2.54 20.69 1.63
CA LEU B 569 -2.87 19.41 2.21
C LEU B 569 -4.29 19.48 2.77
N VAL B 570 -5.19 18.71 2.17
CA VAL B 570 -6.60 18.79 2.55
C VAL B 570 -7.14 17.40 2.85
N THR B 571 -8.41 17.33 3.22
CA THR B 571 -9.04 16.07 3.61
C THR B 571 -9.67 15.40 2.39
N PHE B 572 -9.41 14.11 2.23
CA PHE B 572 -10.09 13.34 1.21
C PHE B 572 -11.55 13.15 1.58
N SER B 573 -12.41 13.16 0.56
CA SER B 573 -13.80 12.77 0.70
C SER B 573 -14.16 11.84 -0.44
N ASP B 574 -15.13 10.96 -0.18
CA ASP B 574 -15.57 9.98 -1.17
C ASP B 574 -16.35 10.60 -2.31
N GLU B 575 -16.88 11.81 -2.13
CA GLU B 575 -17.65 12.50 -3.16
C GLU B 575 -16.72 13.13 -4.18
N ARG B 576 -17.26 14.04 -4.99
CA ARG B 576 -16.42 14.86 -5.85
C ARG B 576 -15.64 15.80 -4.94
N ARG B 577 -14.40 15.41 -4.68
CA ARG B 577 -13.59 16.05 -3.67
C ARG B 577 -13.08 17.39 -4.19
N THR B 578 -12.98 18.37 -3.29
CA THR B 578 -12.41 19.66 -3.67
C THR B 578 -10.93 19.50 -3.93
N TYR B 579 -10.54 19.69 -5.20
CA TYR B 579 -9.31 19.12 -5.77
C TYR B 579 -8.02 19.57 -5.09
N GLY B 580 -8.04 20.67 -4.37
CA GLY B 580 -6.85 21.14 -3.70
C GLY B 580 -5.94 21.92 -4.65
N ALA B 581 -5.10 22.75 -4.04
CA ALA B 581 -4.30 23.69 -4.81
C ALA B 581 -2.82 23.35 -4.72
N LYS B 582 -2.12 23.71 -5.79
CA LYS B 582 -0.67 23.66 -5.82
C LYS B 582 -0.20 25.02 -6.30
N SER B 583 1.02 25.37 -5.92
CA SER B 583 1.59 26.64 -6.33
C SER B 583 2.51 26.45 -7.52
N ASP B 584 3.03 27.56 -8.00
CA ASP B 584 3.99 27.50 -9.10
C ASP B 584 5.39 27.27 -8.55
N ILE B 585 6.19 26.56 -9.34
CA ILE B 585 7.61 26.44 -9.07
C ILE B 585 8.25 27.80 -9.27
N ILE B 586 8.65 28.44 -8.18
CA ILE B 586 9.26 29.75 -8.31
C ILE B 586 10.74 29.67 -7.97
N TYR B 587 11.51 30.59 -8.53
CA TYR B 587 12.95 30.60 -8.38
C TYR B 587 13.35 31.89 -7.69
N VAL B 588 14.01 31.76 -6.55
CA VAL B 588 14.41 32.89 -5.72
C VAL B 588 15.92 32.84 -5.50
N GLN B 589 16.63 33.88 -5.94
CA GLN B 589 18.05 33.98 -5.71
C GLN B 589 18.30 34.88 -4.51
N THR B 590 19.10 34.37 -3.58
CA THR B 590 19.34 35.06 -2.31
C THR B 590 20.44 36.11 -2.49
N ASP B 591 20.87 36.71 -1.38
CA ASP B 591 21.83 37.82 -1.42
C ASP B 591 23.24 37.33 -1.76
N ALA C 1 9.92 1.05 -6.23
CA ALA C 1 11.05 1.76 -6.81
C ALA C 1 11.67 0.95 -7.94
N ALA C 2 12.05 -0.28 -7.62
CA ALA C 2 12.65 -1.19 -8.60
C ALA C 2 11.62 -2.08 -9.27
N ALA C 3 10.36 -1.67 -9.31
CA ALA C 3 9.29 -2.47 -9.90
C ALA C 3 9.42 -2.63 -11.40
N LYS C 4 10.22 -1.78 -12.06
CA LYS C 4 10.53 -2.01 -13.47
C LYS C 4 11.30 -3.30 -13.66
N GLU C 5 12.14 -3.69 -12.70
CA GLU C 5 12.81 -4.98 -12.76
C GLU C 5 11.81 -6.11 -12.56
N LEU C 6 10.80 -5.86 -11.72
CA LEU C 6 9.75 -6.84 -11.47
C LEU C 6 8.95 -7.11 -12.73
N GLU C 7 8.58 -6.07 -13.47
CA GLU C 7 7.90 -6.30 -14.73
C GLU C 7 8.86 -6.76 -15.82
N GLU C 8 10.15 -6.46 -15.68
CA GLU C 8 11.14 -6.91 -16.63
C GLU C 8 11.30 -8.42 -16.57
N SER C 9 11.21 -8.98 -15.37
CA SER C 9 11.27 -10.44 -15.24
C SER C 9 10.06 -11.09 -15.90
N SER C 10 8.89 -10.46 -15.77
CA SER C 10 7.70 -10.96 -16.47
C SER C 10 7.82 -10.80 -17.97
N PHE C 11 8.51 -9.76 -18.41
CA PHE C 11 8.83 -9.58 -19.82
C PHE C 11 9.71 -10.71 -20.33
N ARG C 12 10.72 -11.06 -19.55
CA ARG C 12 11.56 -12.21 -19.86
C ARG C 12 10.73 -13.48 -19.95
N LYS C 13 9.78 -13.64 -19.02
CA LYS C 13 8.91 -14.80 -19.03
C LYS C 13 8.02 -14.83 -20.26
N THR C 14 7.55 -13.65 -20.69
CA THR C 14 6.72 -13.57 -21.88
C THR C 14 7.52 -13.92 -23.12
N PHE C 15 8.77 -13.47 -23.15
CA PHE C 15 9.67 -13.85 -24.23
C PHE C 15 9.93 -15.34 -24.25
N GLU C 16 10.02 -15.95 -23.06
CA GLU C 16 10.10 -17.41 -22.98
C GLU C 16 8.86 -18.05 -23.56
N ASP C 17 7.69 -17.49 -23.22
CA ASP C 17 6.42 -18.06 -23.65
C ASP C 17 6.24 -18.02 -25.15
N TYR C 18 6.68 -16.94 -25.79
CA TYR C 18 6.29 -16.75 -27.18
C TYR C 18 7.06 -17.67 -28.11
N LEU C 19 8.35 -17.86 -27.85
CA LEU C 19 9.13 -18.83 -28.62
C LEU C 19 8.56 -20.23 -28.47
N HIS C 20 8.16 -20.57 -27.24
CA HIS C 20 7.54 -21.86 -26.98
C HIS C 20 6.23 -22.00 -27.73
N ASN C 21 5.47 -20.90 -27.82
CA ASN C 21 4.23 -20.90 -28.58
C ASN C 21 4.48 -21.04 -30.07
N VAL C 22 5.62 -20.54 -30.55
CA VAL C 22 6.00 -20.79 -31.93
C VAL C 22 6.32 -22.27 -32.14
N VAL C 23 7.08 -22.85 -31.21
CA VAL C 23 7.51 -24.25 -31.32
C VAL C 23 6.33 -25.22 -31.16
N PHE C 24 5.27 -24.79 -30.50
CA PHE C 24 4.20 -25.67 -30.04
C PHE C 24 3.36 -26.25 -31.17
N VAL C 25 2.62 -25.44 -31.91
CA VAL C 25 1.76 -25.98 -32.98
C VAL C 25 2.30 -25.60 -34.35
N PRO C 26 3.29 -26.30 -34.88
CA PRO C 26 3.25 -26.63 -36.31
C PRO C 26 2.90 -28.10 -36.55
N SER C 27 2.96 -28.91 -35.50
CA SER C 27 2.79 -30.35 -35.61
C SER C 27 1.35 -30.90 -35.60
N PRO C 28 0.40 -30.45 -34.74
CA PRO C 28 -0.92 -31.10 -34.82
C PRO C 28 -1.74 -30.58 -35.99
N SER C 29 -1.87 -31.43 -37.01
CA SER C 29 -2.67 -31.12 -38.16
C SER C 29 -3.69 -32.20 -38.49
N ARG C 30 -3.41 -33.46 -38.15
CA ARG C 30 -4.34 -34.60 -38.24
C ARG C 30 -4.86 -34.86 -39.65
N ALA D 1 1.30 6.46 7.92
CA ALA D 1 1.81 6.19 9.26
C ALA D 1 0.96 6.89 10.31
N ALA D 2 0.83 8.21 10.16
CA ALA D 2 0.03 9.02 11.07
C ALA D 2 -1.40 9.20 10.60
N ALA D 3 -1.91 8.30 9.77
CA ALA D 3 -3.26 8.39 9.23
C ALA D 3 -4.34 8.23 10.28
N LYS D 4 -3.99 7.67 11.45
CA LYS D 4 -4.94 7.67 12.56
C LYS D 4 -5.27 9.09 13.03
N GLU D 5 -4.30 10.01 12.94
CA GLU D 5 -4.59 11.41 13.22
C GLU D 5 -5.49 12.01 12.16
N LEU D 6 -5.30 11.57 10.92
CA LEU D 6 -6.13 12.02 9.81
C LEU D 6 -7.58 11.62 10.00
N GLU D 7 -7.83 10.37 10.41
CA GLU D 7 -9.20 9.97 10.69
C GLU D 7 -9.67 10.55 12.02
N GLU D 8 -8.75 10.85 12.92
CA GLU D 8 -9.11 11.46 14.21
C GLU D 8 -9.68 12.86 14.01
N SER D 9 -9.13 13.60 13.05
CA SER D 9 -9.66 14.91 12.74
C SER D 9 -11.07 14.81 12.17
N SER D 10 -11.32 13.80 11.34
CA SER D 10 -12.66 13.55 10.84
C SER D 10 -13.61 13.12 11.94
N PHE D 11 -13.08 12.38 12.92
CA PHE D 11 -13.85 12.03 14.12
C PHE D 11 -14.26 13.27 14.90
N ARG D 12 -13.31 14.20 15.06
CA ARG D 12 -13.62 15.49 15.67
C ARG D 12 -14.70 16.21 14.89
N LYS D 13 -14.62 16.17 13.56
CA LYS D 13 -15.62 16.82 12.71
C LYS D 13 -16.98 16.16 12.86
N THR D 14 -16.99 14.83 13.01
CA THR D 14 -18.26 14.11 13.19
C THR D 14 -18.88 14.47 14.54
N PHE D 15 -18.03 14.61 15.55
CA PHE D 15 -18.49 15.06 16.86
C PHE D 15 -19.06 16.48 16.78
N GLU D 16 -18.43 17.33 15.96
CA GLU D 16 -18.99 18.65 15.70
C GLU D 16 -20.37 18.55 15.05
N ASP D 17 -20.48 17.64 14.09
CA ASP D 17 -21.71 17.48 13.33
C ASP D 17 -22.87 17.02 14.20
N TYR D 18 -22.61 16.11 15.12
CA TYR D 18 -23.72 15.44 15.80
C TYR D 18 -24.40 16.36 16.80
N LEU D 19 -23.62 17.14 17.55
CA LEU D 19 -24.20 18.13 18.43
C LEU D 19 -25.03 19.15 17.67
N HIS D 20 -24.51 19.57 16.51
CA HIS D 20 -25.24 20.49 15.66
C HIS D 20 -26.54 19.86 15.15
N ASN D 21 -26.50 18.56 14.87
CA ASN D 21 -27.69 17.85 14.44
C ASN D 21 -28.69 17.72 15.58
N VAL D 22 -28.22 17.67 16.82
CA VAL D 22 -29.11 17.72 17.96
C VAL D 22 -29.77 19.09 18.07
N VAL D 23 -28.97 20.15 17.91
CA VAL D 23 -29.45 21.52 18.04
C VAL D 23 -30.40 21.90 16.91
N PHE D 24 -30.29 21.23 15.76
CA PHE D 24 -30.94 21.65 14.53
C PHE D 24 -32.46 21.53 14.55
N VAL D 25 -33.01 20.32 14.64
CA VAL D 25 -34.46 20.17 14.61
C VAL D 25 -34.99 19.74 15.97
N PRO D 26 -35.17 20.65 16.92
CA PRO D 26 -36.36 20.59 17.76
C PRO D 26 -37.39 21.65 17.40
N SER D 27 -36.97 22.65 16.61
CA SER D 27 -37.81 23.80 16.30
C SER D 27 -38.81 23.66 15.14
N PRO D 28 -38.49 23.07 13.96
CA PRO D 28 -39.54 23.05 12.93
C PRO D 28 -40.57 21.97 13.19
N SER D 29 -41.75 22.41 13.60
CA SER D 29 -42.87 21.52 13.83
C SER D 29 -44.14 21.95 13.11
N ARG D 30 -44.32 23.25 12.86
CA ARG D 30 -45.39 23.83 12.04
C ARG D 30 -46.80 23.50 12.53
N GLY E 1 15.93 -45.45 -24.87
CA GLY E 1 16.49 -46.68 -24.36
C GLY E 1 16.61 -46.64 -22.85
N ILE E 2 17.12 -47.72 -22.27
CA ILE E 2 17.04 -47.89 -20.83
C ILE E 2 18.03 -46.99 -20.09
N VAL E 3 19.31 -47.07 -20.43
CA VAL E 3 20.27 -46.15 -19.85
C VAL E 3 20.16 -44.78 -20.50
N GLU E 4 19.51 -44.71 -21.66
CA GLU E 4 19.19 -43.45 -22.30
C GLU E 4 18.17 -42.66 -21.52
N GLN E 5 17.39 -43.32 -20.67
CA GLN E 5 16.41 -42.65 -19.85
C GLN E 5 16.75 -42.69 -18.38
N CYS E 6 17.24 -43.82 -17.86
CA CYS E 6 17.49 -43.95 -16.44
C CYS E 6 18.94 -43.67 -16.06
N CYS E 7 19.86 -43.61 -17.02
CA CYS E 7 21.25 -43.28 -16.72
C CYS E 7 21.73 -42.05 -17.45
N THR E 8 21.32 -41.86 -18.71
CA THR E 8 21.62 -40.61 -19.39
C THR E 8 20.83 -39.47 -18.74
N SER E 9 19.52 -39.59 -18.75
CA SER E 9 18.66 -38.79 -17.89
C SER E 9 18.43 -39.55 -16.58
N ILE E 10 17.46 -39.11 -15.81
CA ILE E 10 16.93 -39.88 -14.70
C ILE E 10 15.47 -40.16 -15.00
N CYS E 11 15.08 -41.43 -14.90
CA CYS E 11 13.70 -41.81 -15.13
C CYS E 11 12.79 -41.22 -14.07
N SER E 12 11.56 -40.92 -14.47
CA SER E 12 10.52 -40.57 -13.52
C SER E 12 9.69 -41.80 -13.22
N LEU E 13 8.85 -41.69 -12.19
CA LEU E 13 7.92 -42.76 -11.91
C LEU E 13 6.86 -42.87 -12.99
N TYR E 14 6.48 -41.74 -13.59
CA TYR E 14 5.54 -41.78 -14.70
C TYR E 14 6.17 -42.40 -15.95
N GLN E 15 7.46 -42.19 -16.16
CA GLN E 15 8.13 -42.83 -17.29
C GLN E 15 8.18 -44.34 -17.11
N LEU E 16 8.46 -44.79 -15.89
CA LEU E 16 8.46 -46.21 -15.58
C LEU E 16 7.05 -46.78 -15.46
N GLU E 17 6.04 -45.92 -15.40
CA GLU E 17 4.66 -46.38 -15.35
C GLU E 17 4.22 -47.03 -16.66
N ASN E 18 4.83 -46.64 -17.78
CA ASN E 18 4.61 -47.36 -19.03
C ASN E 18 5.27 -48.73 -19.01
N TYR E 19 6.18 -48.96 -18.08
CA TYR E 19 6.85 -50.23 -17.89
C TYR E 19 6.19 -51.04 -16.79
N CYS E 20 5.20 -50.46 -16.13
CA CYS E 20 4.06 -51.23 -15.66
C CYS E 20 3.09 -51.38 -16.83
N ASN E 21 2.28 -52.44 -16.77
CA ASN E 21 1.34 -52.71 -17.85
C ASN E 21 0.24 -51.65 -17.92
N PHE F 1 11.55 -41.64 -3.69
CA PHE F 1 11.94 -41.64 -5.10
C PHE F 1 13.35 -41.11 -5.26
N VAL F 2 14.27 -41.97 -5.68
CA VAL F 2 15.64 -41.53 -5.91
C VAL F 2 15.70 -40.69 -7.18
N ASN F 3 16.62 -39.73 -7.17
CA ASN F 3 16.85 -38.87 -8.33
C ASN F 3 18.31 -39.08 -8.70
N GLN F 4 18.57 -40.14 -9.47
CA GLN F 4 19.93 -40.58 -9.69
C GLN F 4 19.98 -41.46 -10.93
N HIS F 5 21.14 -41.46 -11.57
CA HIS F 5 21.36 -42.32 -12.71
C HIS F 5 21.50 -43.76 -12.24
N LEU F 6 20.83 -44.68 -12.93
CA LEU F 6 20.66 -46.03 -12.42
C LEU F 6 21.07 -47.08 -13.43
N CYS F 7 21.78 -48.10 -12.93
CA CYS F 7 22.14 -49.29 -13.68
C CYS F 7 22.07 -50.49 -12.74
N GLY F 8 22.43 -51.65 -13.30
CA GLY F 8 22.64 -52.93 -12.65
C GLY F 8 21.49 -53.35 -11.76
N SER F 9 21.84 -54.04 -10.68
CA SER F 9 20.85 -54.58 -9.76
C SER F 9 20.09 -53.48 -9.03
N HIS F 10 20.70 -52.30 -8.87
CA HIS F 10 19.98 -51.12 -8.40
C HIS F 10 18.79 -50.83 -9.30
N LEU F 11 19.03 -50.77 -10.61
CA LEU F 11 17.96 -50.53 -11.56
C LEU F 11 16.98 -51.71 -11.61
N VAL F 12 17.49 -52.93 -11.39
CA VAL F 12 16.62 -54.10 -11.41
C VAL F 12 15.63 -54.05 -10.25
N GLU F 13 16.14 -53.79 -9.03
CA GLU F 13 15.28 -53.74 -7.87
C GLU F 13 14.36 -52.52 -7.92
N ALA F 14 14.82 -51.44 -8.53
CA ALA F 14 13.96 -50.29 -8.76
C ALA F 14 12.80 -50.66 -9.68
N LEU F 15 13.09 -51.41 -10.75
CA LEU F 15 12.03 -51.81 -11.66
C LEU F 15 11.08 -52.79 -11.02
N TYR F 16 11.58 -53.66 -10.15
CA TYR F 16 10.69 -54.59 -9.47
C TYR F 16 9.82 -53.87 -8.45
N LEU F 17 10.37 -52.83 -7.82
CA LEU F 17 9.58 -52.03 -6.90
C LEU F 17 8.53 -51.22 -7.64
N VAL F 18 8.84 -50.76 -8.86
CA VAL F 18 7.85 -50.04 -9.65
C VAL F 18 6.75 -50.99 -10.11
N CYS F 19 7.14 -52.15 -10.64
CA CYS F 19 6.18 -53.09 -11.19
C CYS F 19 5.31 -53.70 -10.09
N GLY F 20 5.94 -54.40 -9.14
CA GLY F 20 5.16 -55.11 -8.16
C GLY F 20 4.48 -56.28 -8.85
N GLU F 21 3.19 -56.10 -9.13
CA GLU F 21 2.46 -57.01 -10.01
C GLU F 21 2.86 -56.77 -11.47
N ARG F 22 2.10 -57.41 -12.36
CA ARG F 22 2.54 -57.94 -13.66
C ARG F 22 3.57 -57.10 -14.42
N GLY F 23 3.26 -55.83 -14.66
CA GLY F 23 4.26 -54.90 -15.18
C GLY F 23 4.65 -55.05 -16.63
N PHE F 24 4.99 -56.25 -17.06
CA PHE F 24 5.55 -56.39 -18.40
C PHE F 24 5.09 -57.69 -19.02
N PHE F 25 4.63 -57.59 -20.26
CA PHE F 25 4.29 -58.75 -21.07
C PHE F 25 5.36 -58.93 -22.14
N TYR F 26 5.20 -59.99 -22.92
CA TYR F 26 6.13 -60.36 -23.97
C TYR F 26 5.38 -60.73 -25.24
N THR F 27 4.48 -59.85 -25.67
CA THR F 27 3.86 -60.08 -26.98
C THR F 27 4.26 -58.97 -27.94
N PRO F 28 5.40 -59.10 -28.64
CA PRO F 28 5.66 -58.15 -29.72
C PRO F 28 4.74 -58.35 -30.93
N LYS F 29 4.56 -59.58 -31.39
CA LYS F 29 3.54 -59.93 -32.37
C LYS F 29 2.42 -60.75 -31.76
N THR F 30 2.76 -61.72 -30.93
CA THR F 30 1.77 -62.57 -30.29
C THR F 30 2.29 -63.08 -28.95
N GLY G 1 -3.22 -23.32 -26.36
CA GLY G 1 -1.85 -22.87 -26.41
C GLY G 1 -0.98 -23.67 -25.49
N ILE G 2 0.31 -23.33 -25.43
CA ILE G 2 1.27 -24.21 -24.78
C ILE G 2 1.17 -24.14 -23.27
N VAL G 3 1.26 -22.94 -22.69
CA VAL G 3 1.05 -22.81 -21.26
C VAL G 3 -0.43 -22.88 -20.93
N GLU G 4 -1.28 -22.70 -21.94
CA GLU G 4 -2.72 -22.90 -21.81
C GLU G 4 -3.06 -24.36 -21.57
N GLN G 5 -2.19 -25.27 -21.96
CA GLN G 5 -2.41 -26.69 -21.75
C GLN G 5 -1.45 -27.29 -20.75
N CYS G 6 -0.17 -26.91 -20.78
CA CYS G 6 0.81 -27.53 -19.90
C CYS G 6 1.08 -26.73 -18.64
N CYS G 7 0.63 -25.49 -18.56
CA CYS G 7 0.79 -24.70 -17.35
C CYS G 7 -0.53 -24.23 -16.77
N THR G 8 -1.49 -23.84 -17.60
CA THR G 8 -2.83 -23.56 -17.10
C THR G 8 -3.48 -24.84 -16.62
N SER G 9 -3.63 -25.81 -17.51
CA SER G 9 -3.91 -27.18 -17.13
C SER G 9 -2.58 -27.91 -16.97
N ILE G 10 -2.64 -29.23 -16.91
CA ILE G 10 -1.48 -30.09 -17.05
C ILE G 10 -1.69 -30.95 -18.29
N CYS G 11 -0.70 -30.95 -19.19
CA CYS G 11 -0.78 -31.77 -20.38
C CYS G 11 -0.78 -33.25 -20.03
N SER G 12 -1.48 -34.03 -20.86
CA SER G 12 -1.38 -35.47 -20.80
C SER G 12 -0.38 -35.95 -21.84
N LEU G 13 -0.01 -37.21 -21.73
CA LEU G 13 0.85 -37.81 -22.75
C LEU G 13 0.11 -37.95 -24.07
N TYR G 14 -1.21 -38.17 -24.02
CA TYR G 14 -2.00 -38.21 -25.24
C TYR G 14 -2.13 -36.83 -25.87
N GLN G 15 -2.19 -35.78 -25.06
CA GLN G 15 -2.23 -34.43 -25.63
C GLN G 15 -0.92 -34.10 -26.32
N LEU G 16 0.21 -34.49 -25.72
CA LEU G 16 1.51 -34.29 -26.33
C LEU G 16 1.77 -35.27 -27.46
N GLU G 17 0.96 -36.31 -27.60
CA GLU G 17 1.10 -37.27 -28.69
C GLU G 17 0.77 -36.65 -30.03
N ASN G 18 -0.09 -35.63 -30.06
CA ASN G 18 -0.30 -34.85 -31.28
C ASN G 18 0.91 -33.99 -31.61
N TYR G 19 1.81 -33.79 -30.65
CA TYR G 19 3.04 -33.05 -30.84
C TYR G 19 4.20 -34.00 -31.08
N CYS G 20 3.96 -35.29 -31.01
CA CYS G 20 4.64 -36.22 -31.90
C CYS G 20 3.91 -36.23 -33.23
N ASN G 21 4.63 -36.60 -34.29
CA ASN G 21 4.04 -36.60 -35.63
C ASN G 21 2.97 -37.67 -35.77
N PHE H 1 5.42 -40.21 -15.32
CA PHE H 1 4.66 -39.09 -15.86
C PHE H 1 4.40 -38.08 -14.77
N VAL H 2 4.99 -36.89 -14.90
CA VAL H 2 4.76 -35.83 -13.93
C VAL H 2 3.36 -35.27 -14.12
N ASN H 3 2.76 -34.82 -13.02
CA ASN H 3 1.45 -34.20 -13.04
C ASN H 3 1.65 -32.82 -12.45
N GLN H 4 2.09 -31.88 -13.29
CA GLN H 4 2.55 -30.59 -12.80
C GLN H 4 2.53 -29.58 -13.93
N HIS H 5 2.36 -28.32 -13.56
CA HIS H 5 2.41 -27.25 -14.53
C HIS H 5 3.84 -27.03 -14.98
N LEU H 6 4.04 -26.89 -16.29
CA LEU H 6 5.38 -26.96 -16.84
C LEU H 6 5.69 -25.75 -17.72
N CYS H 7 6.91 -25.24 -17.56
CA CYS H 7 7.48 -24.20 -18.41
C CYS H 7 8.96 -24.48 -18.59
N GLY H 8 9.61 -23.58 -19.31
CA GLY H 8 11.04 -23.46 -19.53
C GLY H 8 11.69 -24.73 -20.00
N SER H 9 12.94 -24.92 -19.56
CA SER H 9 13.72 -26.08 -19.97
C SER H 9 13.16 -27.38 -19.43
N HIS H 10 12.42 -27.32 -18.31
CA HIS H 10 11.64 -28.48 -17.86
C HIS H 10 10.68 -28.93 -18.94
N LEU H 11 9.90 -27.98 -19.47
CA LEU H 11 8.97 -28.29 -20.54
C LEU H 11 9.68 -28.68 -21.83
N VAL H 12 10.87 -28.11 -22.07
CA VAL H 12 11.64 -28.44 -23.26
C VAL H 12 12.11 -29.89 -23.21
N GLU H 13 12.70 -30.29 -22.08
CA GLU H 13 13.19 -31.66 -21.95
C GLU H 13 12.04 -32.64 -21.89
N ALA H 14 10.89 -32.22 -21.33
CA ALA H 14 9.70 -33.04 -21.37
C ALA H 14 9.25 -33.29 -22.81
N LEU H 15 9.26 -32.24 -23.63
CA LEU H 15 8.85 -32.39 -25.02
C LEU H 15 9.84 -33.24 -25.81
N TYR H 16 11.13 -33.13 -25.48
CA TYR H 16 12.11 -33.96 -26.18
C TYR H 16 11.98 -35.41 -25.76
N LEU H 17 11.63 -35.65 -24.50
CA LEU H 17 11.39 -37.01 -24.04
C LEU H 17 10.13 -37.59 -24.67
N VAL H 18 9.11 -36.75 -24.89
CA VAL H 18 7.91 -37.22 -25.55
C VAL H 18 8.19 -37.53 -27.02
N CYS H 19 8.87 -36.61 -27.71
CA CYS H 19 9.11 -36.76 -29.13
C CYS H 19 10.10 -37.90 -29.40
N GLY H 20 11.31 -37.80 -28.86
CA GLY H 20 12.31 -38.79 -29.21
C GLY H 20 12.70 -38.58 -30.66
N GLU H 21 12.17 -39.44 -31.52
CA GLU H 21 12.24 -39.23 -32.96
C GLU H 21 11.27 -38.13 -33.38
N ARG H 22 11.11 -38.00 -34.71
CA ARG H 22 10.84 -36.75 -35.44
C ARG H 22 9.92 -35.75 -34.75
N GLY H 23 8.72 -36.18 -34.39
CA GLY H 23 7.86 -35.37 -33.53
C GLY H 23 7.19 -34.18 -34.17
N PHE H 24 7.95 -33.32 -34.84
CA PHE H 24 7.37 -32.08 -35.32
C PHE H 24 7.95 -31.71 -36.66
N PHE H 25 7.07 -31.36 -37.59
CA PHE H 25 7.44 -30.81 -38.88
C PHE H 25 7.16 -29.32 -38.90
N TYR H 26 7.50 -28.69 -40.02
CA TYR H 26 7.35 -27.25 -40.21
C TYR H 26 6.76 -26.98 -41.60
N THR H 27 5.65 -27.65 -41.90
CA THR H 27 4.96 -27.28 -43.13
C THR H 27 3.60 -26.70 -42.81
N PRO H 28 3.48 -25.39 -42.56
CA PRO H 28 2.14 -24.80 -42.46
C PRO H 28 1.43 -24.74 -43.81
N LYS H 29 2.09 -24.26 -44.86
CA LYS H 29 1.61 -24.37 -46.23
C LYS H 29 2.42 -25.36 -47.05
N THR H 30 3.74 -25.32 -46.91
CA THR H 30 4.62 -26.24 -47.64
C THR H 30 5.90 -26.49 -46.85
N GLY I 1 -30.84 17.00 7.10
CA GLY I 1 -29.95 17.22 8.22
C GLY I 1 -29.20 18.53 8.06
N ILE I 2 -28.33 18.84 9.02
CA ILE I 2 -27.76 20.18 9.09
C ILE I 2 -26.70 20.39 8.02
N VAL I 3 -25.69 19.52 7.97
CA VAL I 3 -24.70 19.62 6.90
C VAL I 3 -25.28 19.06 5.61
N GLU I 4 -26.36 18.30 5.70
CA GLU I 4 -27.11 17.84 4.54
C GLU I 4 -27.78 18.99 3.82
N GLN I 5 -28.03 20.09 4.51
CA GLN I 5 -28.63 21.25 3.90
C GLN I 5 -27.69 22.43 3.78
N CYS I 6 -26.87 22.70 4.81
CA CYS I 6 -26.02 23.86 4.80
C CYS I 6 -24.60 23.57 4.33
N CYS I 7 -24.20 22.31 4.22
CA CYS I 7 -22.88 21.96 3.72
C CYS I 7 -22.94 21.08 2.49
N THR I 8 -23.87 20.11 2.45
CA THR I 8 -24.08 19.37 1.21
C THR I 8 -24.66 20.27 0.14
N SER I 9 -25.82 20.85 0.42
CA SER I 9 -26.32 21.97 -0.34
C SER I 9 -25.85 23.26 0.34
N ILE I 10 -26.45 24.37 -0.03
CA ILE I 10 -26.33 25.62 0.72
C ILE I 10 -27.72 25.99 1.18
N CYS I 11 -27.85 26.26 2.49
CA CYS I 11 -29.13 26.67 3.04
C CYS I 11 -29.56 28.02 2.49
N SER I 12 -30.87 28.19 2.36
CA SER I 12 -31.44 29.50 2.07
C SER I 12 -31.88 30.15 3.37
N LEU I 13 -32.19 31.43 3.29
CA LEU I 13 -32.75 32.12 4.44
C LEU I 13 -34.15 31.61 4.76
N TYR I 14 -34.91 31.22 3.72
CA TYR I 14 -36.22 30.63 3.96
C TYR I 14 -36.11 29.24 4.58
N GLN I 15 -35.07 28.48 4.24
CA GLN I 15 -34.88 27.19 4.88
C GLN I 15 -34.54 27.35 6.35
N LEU I 16 -33.69 28.33 6.67
CA LEU I 16 -33.37 28.63 8.05
C LEU I 16 -34.49 29.35 8.79
N GLU I 17 -35.49 29.85 8.05
CA GLU I 17 -36.64 30.50 8.67
C GLU I 17 -37.50 29.53 9.45
N ASN I 18 -37.49 28.24 9.08
CA ASN I 18 -38.13 27.23 9.91
C ASN I 18 -37.34 26.97 11.19
N TYR I 19 -36.10 27.42 11.24
CA TYR I 19 -35.25 27.31 12.41
C TYR I 19 -35.24 28.60 13.20
N CYS I 20 -35.92 29.63 12.69
CA CYS I 20 -36.62 30.55 13.56
C CYS I 20 -37.97 29.93 13.92
N ASN I 21 -38.52 30.35 15.05
CA ASN I 21 -39.79 29.79 15.51
C ASN I 21 -40.94 30.20 14.60
N PHE J 1 -26.08 38.34 2.38
CA PHE J 1 -26.36 36.91 2.39
C PHE J 1 -25.28 36.14 1.66
N VAL J 2 -24.53 35.33 2.41
CA VAL J 2 -23.49 34.52 1.78
C VAL J 2 -24.13 33.39 0.99
N ASN J 3 -23.47 32.99 -0.08
CA ASN J 3 -23.91 31.88 -0.91
C ASN J 3 -22.76 30.88 -0.90
N GLN J 4 -22.72 30.06 0.14
CA GLN J 4 -21.55 29.24 0.39
C GLN J 4 -21.93 28.09 1.31
N HIS J 5 -21.20 27.00 1.17
CA HIS J 5 -21.40 25.86 2.04
C HIS J 5 -20.83 26.17 3.42
N LEU J 6 -21.61 25.84 4.46
CA LEU J 6 -21.31 26.34 5.80
C LEU J 6 -21.24 25.23 6.83
N CYS J 7 -20.24 25.33 7.70
CA CYS J 7 -20.09 24.46 8.86
C CYS J 7 -19.55 25.31 10.02
N GLY J 8 -19.31 24.62 11.13
CA GLY J 8 -18.64 25.08 12.34
C GLY J 8 -19.19 26.37 12.89
N SER J 9 -18.28 27.16 13.46
CA SER J 9 -18.66 28.41 14.10
C SER J 9 -19.16 29.44 13.08
N HIS J 10 -18.74 29.32 11.82
CA HIS J 10 -19.34 30.11 10.75
C HIS J 10 -20.83 29.85 10.67
N LEU J 11 -21.22 28.57 10.63
CA LEU J 11 -22.62 28.22 10.60
C LEU J 11 -23.33 28.58 11.90
N VAL J 12 -22.61 28.51 13.02
CA VAL J 12 -23.19 28.87 14.32
C VAL J 12 -23.55 30.35 14.36
N GLU J 13 -22.60 31.20 13.97
CA GLU J 13 -22.84 32.64 13.99
C GLU J 13 -23.86 33.04 12.93
N ALA J 14 -23.89 32.31 11.81
CA ALA J 14 -24.93 32.52 10.82
C ALA J 14 -26.31 32.21 11.38
N LEU J 15 -26.42 31.11 12.14
CA LEU J 15 -27.71 30.76 12.73
C LEU J 15 -28.11 31.75 13.81
N TYR J 16 -27.14 32.27 14.55
CA TYR J 16 -27.47 33.26 15.57
C TYR J 16 -27.89 34.57 14.94
N LEU J 17 -27.28 34.92 13.81
CA LEU J 17 -27.68 36.11 13.07
C LEU J 17 -29.06 35.94 12.47
N VAL J 18 -29.41 34.73 12.03
CA VAL J 18 -30.75 34.49 11.51
C VAL J 18 -31.78 34.55 12.62
N CYS J 19 -31.49 33.88 13.73
CA CYS J 19 -32.45 33.81 14.83
C CYS J 19 -32.62 35.15 15.51
N GLY J 20 -31.53 35.70 16.05
CA GLY J 20 -31.68 36.91 16.83
C GLY J 20 -32.41 36.57 18.11
N GLU J 21 -33.70 36.91 18.14
CA GLU J 21 -34.60 36.44 19.18
C GLU J 21 -34.93 34.97 18.95
N ARG J 22 -35.91 34.48 19.74
CA ARG J 22 -36.03 33.11 20.26
C ARG J 22 -35.59 31.99 19.32
N GLY J 23 -36.17 31.94 18.12
CA GLY J 23 -35.65 31.07 17.08
C GLY J 23 -35.95 29.58 17.24
N PHE J 24 -35.65 29.02 18.39
CA PHE J 24 -35.75 27.57 18.51
C PHE J 24 -36.24 27.19 19.89
N PHE J 25 -37.22 26.29 19.92
CA PHE J 25 -37.70 25.69 21.16
C PHE J 25 -37.21 24.26 21.23
N TYR J 26 -37.54 23.60 22.34
CA TYR J 26 -37.13 22.24 22.61
C TYR J 26 -38.32 21.43 23.15
N THR J 27 -39.43 21.47 22.43
CA THR J 27 -40.52 20.59 22.80
C THR J 27 -40.78 19.57 21.69
N PRO J 28 -40.07 18.44 21.70
CA PRO J 28 -40.47 17.36 20.76
C PRO J 28 -41.80 16.72 21.14
N LYS J 29 -41.97 16.34 22.41
CA LYS J 29 -43.26 15.92 22.94
C LYS J 29 -43.85 16.95 23.89
N THR J 30 -43.03 17.51 24.78
CA THR J 30 -43.48 18.52 25.73
C THR J 30 -42.34 19.46 26.09
N GLY K 1 -25.15 48.42 18.81
CA GLY K 1 -25.23 49.83 18.52
C GLY K 1 -24.20 50.24 17.49
N ILE K 2 -24.17 51.53 17.15
CA ILE K 2 -23.41 51.95 15.99
C ILE K 2 -21.91 51.97 16.27
N VAL K 3 -21.49 52.66 17.32
CA VAL K 3 -20.08 52.61 17.70
C VAL K 3 -19.77 51.31 18.40
N GLU K 4 -20.80 50.61 18.87
CA GLU K 4 -20.67 49.28 19.42
C GLU K 4 -20.27 48.27 18.36
N GLN K 5 -20.54 48.56 17.11
CA GLN K 5 -20.16 47.68 16.02
C GLN K 5 -19.09 48.26 15.13
N CYS K 6 -19.14 49.55 14.81
CA CYS K 6 -18.18 50.14 13.89
C CYS K 6 -17.02 50.83 14.59
N CYS K 7 -17.09 51.06 15.90
CA CYS K 7 -15.97 51.64 16.63
C CYS K 7 -15.48 50.75 17.75
N THR K 8 -16.37 50.07 18.47
CA THR K 8 -15.92 49.07 19.43
C THR K 8 -15.30 47.89 18.71
N SER K 9 -16.07 47.26 17.85
CA SER K 9 -15.54 46.35 16.84
C SER K 9 -15.27 47.14 15.57
N ILE K 10 -15.06 46.44 14.47
CA ILE K 10 -15.08 47.02 13.14
C ILE K 10 -16.21 46.36 12.37
N CYS K 11 -17.08 47.17 11.78
CA CYS K 11 -18.18 46.65 10.99
C CYS K 11 -17.67 45.93 9.74
N SER K 12 -18.40 44.91 9.34
CA SER K 12 -18.17 44.29 8.05
C SER K 12 -19.13 44.87 7.03
N LEU K 13 -18.86 44.57 5.75
CA LEU K 13 -19.79 44.97 4.72
C LEU K 13 -21.10 44.18 4.82
N TYR K 14 -21.04 42.94 5.27
CA TYR K 14 -22.26 42.18 5.51
C TYR K 14 -23.05 42.71 6.69
N GLN K 15 -22.37 43.22 7.71
CA GLN K 15 -23.09 43.83 8.82
C GLN K 15 -23.80 45.10 8.39
N LEU K 16 -23.14 45.91 7.56
CA LEU K 16 -23.75 47.11 7.02
C LEU K 16 -24.76 46.81 5.93
N GLU K 17 -24.78 45.58 5.41
CA GLU K 17 -25.75 45.19 4.40
C GLU K 17 -27.16 45.13 4.96
N ASN K 18 -27.32 44.88 6.25
CA ASN K 18 -28.63 45.04 6.89
C ASN K 18 -29.04 46.49 6.99
N TYR K 19 -28.10 47.42 6.83
CA TYR K 19 -28.35 48.84 6.83
C TYR K 19 -28.47 49.39 5.42
N CYS K 20 -28.26 48.53 4.43
CA CYS K 20 -29.00 48.62 3.19
C CYS K 20 -30.34 47.92 3.40
N ASN K 21 -31.34 48.32 2.61
CA ASN K 21 -32.68 47.74 2.76
C ASN K 21 -32.71 46.28 2.34
N PHE L 1 -12.06 48.09 1.19
CA PHE L 1 -12.75 47.97 2.48
C PHE L 1 -11.78 48.29 3.60
N VAL L 2 -12.05 49.39 4.31
CA VAL L 2 -11.20 49.75 5.44
C VAL L 2 -11.48 48.81 6.60
N ASN L 3 -10.46 48.56 7.40
CA ASN L 3 -10.56 47.73 8.59
C ASN L 3 -10.14 48.61 9.75
N GLN L 4 -11.08 49.41 10.25
CA GLN L 4 -10.74 50.47 11.18
C GLN L 4 -11.99 50.90 11.94
N HIS L 5 -11.76 51.39 13.15
CA HIS L 5 -12.86 51.91 13.95
C HIS L 5 -13.30 53.25 13.37
N LEU L 6 -14.61 53.43 13.25
CA LEU L 6 -15.14 54.54 12.46
C LEU L 6 -16.15 55.36 13.24
N CYS L 7 -16.04 56.68 13.10
CA CYS L 7 -16.99 57.64 13.62
C CYS L 7 -17.14 58.79 12.63
N GLY L 8 -17.94 59.77 13.01
CA GLY L 8 -18.15 61.06 12.38
C GLY L 8 -18.46 60.97 10.90
N SER L 9 -17.98 61.98 10.17
CA SER L 9 -18.23 62.07 8.74
C SER L 9 -17.55 60.96 7.96
N HIS L 10 -16.46 60.40 8.49
CA HIS L 10 -15.89 59.18 7.94
C HIS L 10 -16.92 58.06 7.91
N LEU L 11 -17.58 57.84 9.05
CA LEU L 11 -18.61 56.82 9.13
C LEU L 11 -19.83 57.19 8.29
N VAL L 12 -20.12 58.49 8.18
CA VAL L 12 -21.25 58.94 7.38
C VAL L 12 -21.03 58.63 5.90
N GLU L 13 -19.86 58.99 5.39
CA GLU L 13 -19.56 58.76 3.99
C GLU L 13 -19.39 57.28 3.71
N ALA L 14 -18.91 56.52 4.70
CA ALA L 14 -18.87 55.07 4.58
C ALA L 14 -20.26 54.49 4.44
N LEU L 15 -21.20 54.98 5.24
CA LEU L 15 -22.57 54.50 5.16
C LEU L 15 -23.24 54.90 3.86
N TYR L 16 -22.91 56.08 3.35
CA TYR L 16 -23.49 56.49 2.08
C TYR L 16 -22.91 55.68 0.93
N LEU L 17 -21.63 55.32 1.03
CA LEU L 17 -21.02 54.46 0.03
C LEU L 17 -21.60 53.05 0.10
N VAL L 18 -21.92 52.57 1.29
CA VAL L 18 -22.55 51.25 1.41
C VAL L 18 -23.96 51.28 0.84
N CYS L 19 -24.74 52.29 1.22
CA CYS L 19 -26.13 52.37 0.81
C CYS L 19 -26.26 52.64 -0.69
N GLY L 20 -25.71 53.77 -1.14
CA GLY L 20 -25.93 54.14 -2.52
C GLY L 20 -27.38 54.51 -2.70
N GLU L 21 -28.15 53.58 -3.27
CA GLU L 21 -29.60 53.69 -3.29
C GLU L 21 -30.16 53.37 -1.90
N ARG L 22 -31.50 53.24 -1.86
CA ARG L 22 -32.37 53.58 -0.72
C ARG L 22 -31.82 53.30 0.68
N GLY L 23 -31.42 52.06 0.94
CA GLY L 23 -30.68 51.76 2.15
C GLY L 23 -31.47 51.74 3.44
N PHE L 24 -32.23 52.79 3.72
CA PHE L 24 -32.86 52.88 5.03
C PHE L 24 -34.23 53.50 4.91
N PHE L 25 -35.20 52.87 5.56
CA PHE L 25 -36.54 53.40 5.70
C PHE L 25 -36.74 53.89 7.12
N TYR L 26 -37.92 54.45 7.37
CA TYR L 26 -38.28 55.01 8.66
C TYR L 26 -39.70 54.57 9.03
N THR L 27 -39.95 53.26 8.99
CA THR L 27 -41.22 52.79 9.51
C THR L 27 -40.98 51.90 10.71
N PRO L 28 -40.89 52.46 11.93
CA PRO L 28 -40.89 51.60 13.11
C PRO L 28 -42.24 50.94 13.36
N LYS L 29 -43.33 51.71 13.34
CA LYS L 29 -44.69 51.17 13.33
C LYS L 29 -45.37 51.35 11.98
N THR L 30 -45.22 52.52 11.37
CA THR L 30 -45.83 52.79 10.08
C THR L 30 -45.00 53.81 9.31
C1 NAG M . -39.43 24.62 45.17
C2 NAG M . -40.60 24.96 44.26
C3 NAG M . -41.29 26.22 44.76
C4 NAG M . -41.73 26.03 46.21
C5 NAG M . -40.55 25.61 47.08
C6 NAG M . -40.95 25.21 48.48
C7 NAG M . -40.17 24.17 41.99
C8 NAG M . -39.67 24.53 40.61
N2 NAG M . -40.15 25.15 42.89
O3 NAG M . -42.42 26.49 43.93
O4 NAG M . -42.30 27.24 46.72
O5 NAG M . -39.89 24.47 46.51
O6 NAG M . -42.21 24.55 48.50
O7 NAG M . -40.57 23.05 42.26
C1 NAG M . -43.71 27.05 46.92
C2 NAG M . -44.26 28.15 47.83
C3 NAG M . -45.77 28.02 47.98
C4 NAG M . -46.46 27.96 46.62
C5 NAG M . -45.83 26.86 45.77
C6 NAG M . -46.37 26.82 44.37
C7 NAG M . -42.50 28.81 49.41
C8 NAG M . -41.97 28.65 50.81
N2 NAG M . -43.61 28.11 49.13
O3 NAG M . -46.26 29.12 48.73
O4 NAG M . -47.84 27.70 46.78
O5 NAG M . -44.41 27.07 45.66
O6 NAG M . -45.43 26.22 43.48
O7 NAG M . -41.96 29.52 48.58
C1 FUC M . -42.04 23.12 48.53
C2 FUC M . -43.10 22.53 49.44
C3 FUC M . -44.50 22.78 48.86
C4 FUC M . -44.61 22.25 47.41
C5 FUC M . -43.45 22.79 46.56
C6 FUC M . -43.34 22.15 45.20
O2 FUC M . -43.01 23.01 50.77
O3 FUC M . -45.48 22.11 49.63
O4 FUC M . -44.56 20.84 47.43
O5 FUC M . -42.16 22.61 47.21
C1 NAG N . -17.79 3.89 40.49
C2 NAG N . -16.40 3.26 40.45
C3 NAG N . -16.47 1.88 39.82
C4 NAG N . -17.47 1.00 40.58
C5 NAG N . -18.83 1.68 40.66
C6 NAG N . -19.81 0.97 41.57
C7 NAG N . -14.18 4.25 40.13
C8 NAG N . -13.33 5.16 39.30
N2 NAG N . -15.45 4.10 39.74
O3 NAG N . -15.18 1.28 39.84
O4 NAG N . -17.51 -0.34 40.06
O5 NAG N . -18.70 3.01 41.19
O6 NAG N . -19.40 -0.38 41.81
O7 NAG N . -13.74 3.67 41.12
C1 NAG N . -18.09 -0.59 38.77
C2 NAG N . -17.31 -1.70 38.07
C3 NAG N . -17.98 -2.09 36.75
C4 NAG N . -19.45 -2.40 36.94
C5 NAG N . -20.13 -1.26 37.69
C6 NAG N . -21.57 -1.56 38.08
C7 NAG N . -14.94 -1.62 38.71
C8 NAG N . -13.57 -1.15 38.32
N2 NAG N . -15.92 -1.31 37.86
O3 NAG N . -17.31 -3.22 36.21
O4 NAG N . -20.06 -2.56 35.67
O5 NAG N . -19.44 -0.98 38.91
O6 NAG N . -21.63 -2.73 38.88
O7 NAG N . -15.15 -2.25 39.74
C1 BMA N . -20.59 -3.89 35.44
C2 BMA N . -21.94 -3.74 34.68
C3 BMA N . -22.50 -5.11 34.29
C4 BMA N . -21.45 -5.98 33.59
C5 BMA N . -20.17 -6.05 34.45
C6 BMA N . -19.05 -6.83 33.79
O2 BMA N . -21.76 -3.04 33.47
O3 BMA N . -23.65 -4.99 33.46
O4 BMA N . -21.96 -7.28 33.39
O5 BMA N . -19.69 -4.71 34.70
O6 BMA N . -17.87 -6.66 34.56
C1 NAG O . -46.95 2.88 46.45
C2 NAG O . -47.57 3.27 47.80
C3 NAG O . -48.27 4.62 47.68
C4 NAG O . -47.31 5.67 47.15
C5 NAG O . -46.69 5.19 45.83
C6 NAG O . -45.62 6.12 45.28
C7 NAG O . -48.17 1.27 49.10
C8 NAG O . -49.26 0.31 49.47
N2 NAG O . -48.51 2.25 48.25
O3 NAG O . -48.75 5.02 48.96
O4 NAG O . -48.01 6.90 46.94
O5 NAG O . -46.05 3.92 46.04
O6 NAG O . -44.45 6.10 46.08
O7 NAG O . -47.03 1.16 49.53
C1 NAG O . -47.52 7.92 47.83
C2 NAG O . -48.37 9.18 47.67
C3 NAG O . -47.89 10.26 48.65
C4 NAG O . -47.87 9.72 50.08
C5 NAG O . -47.03 8.45 50.14
C6 NAG O . -47.05 7.79 51.50
C7 NAG O . -49.34 10.29 45.72
C8 NAG O . -49.12 10.73 44.30
N2 NAG O . -48.32 9.67 46.31
O3 NAG O . -48.76 11.39 48.57
O4 NAG O . -47.31 10.70 50.96
O5 NAG O . -47.55 7.48 49.21
O6 NAG O . -45.97 8.23 52.31
O7 NAG O . -50.41 10.47 46.29
C1 FUC O . -44.11 7.48 46.37
C2 FUC O . -43.56 7.51 47.83
C3 FUC O . -42.17 6.90 47.91
C4 FUC O . -41.22 7.51 46.87
C5 FUC O . -41.83 7.39 45.47
C6 FUC O . -41.03 8.12 44.41
O2 FUC O . -44.44 6.87 48.74
O3 FUC O . -41.60 7.15 49.19
O4 FUC O . -41.01 8.88 47.17
O5 FUC O . -43.16 7.97 45.43
C1 NAG P . -29.67 -5.58 -9.77
C2 NAG P . -29.81 -4.74 -11.01
C3 NAG P . -31.29 -4.42 -11.24
C4 NAG P . -32.18 -5.66 -11.15
C5 NAG P . -31.78 -6.61 -10.00
C6 NAG P . -32.36 -8.00 -10.15
C7 NAG P . -27.75 -3.42 -11.25
C8 NAG P . -27.12 -2.07 -11.06
N2 NAG P . -29.04 -3.51 -10.89
O3 NAG P . -31.45 -3.82 -12.51
O4 NAG P . -33.50 -5.22 -10.88
O5 NAG P . -30.35 -6.79 -9.94
O6 NAG P . -32.47 -8.35 -11.52
O7 NAG P . -27.12 -4.38 -11.68
C1 NAG P . -34.47 -5.55 -11.89
C2 NAG P . -35.80 -5.80 -11.17
C3 NAG P . -36.89 -6.13 -12.19
C4 NAG P . -36.98 -5.05 -13.25
C5 NAG P . -35.60 -4.81 -13.89
C6 NAG P . -35.59 -3.65 -14.85
C7 NAG P . -35.47 -6.63 -8.89
C8 NAG P . -35.38 -7.84 -8.01
N2 NAG P . -35.68 -6.87 -10.19
O3 NAG P . -38.14 -6.25 -11.51
O4 NAG P . -37.91 -5.41 -14.27
O5 NAG P . -34.63 -4.52 -12.87
O6 NAG P . -34.70 -2.63 -14.42
O7 NAG P . -35.36 -5.49 -8.44
C1 NAG Q . -24.48 -23.28 13.69
C2 NAG Q . -25.50 -24.34 13.32
C3 NAG Q . -25.91 -25.12 14.56
C4 NAG Q . -24.69 -25.69 15.26
C5 NAG Q . -23.54 -24.68 15.40
C6 NAG Q . -22.22 -25.37 15.67
C7 NAG Q . -26.85 -23.82 11.33
C8 NAG Q . -28.11 -23.19 10.82
N2 NAG Q . -26.66 -23.77 12.65
O3 NAG Q . -26.82 -26.15 14.20
O4 NAG Q . -25.04 -26.16 16.56
O5 NAG Q . -23.33 -23.92 14.20
O6 NAG Q . -21.84 -26.15 14.54
O7 NAG Q . -26.04 -24.35 10.57
C1 FUC Q . -21.48 -27.51 14.89
C2 FUC Q . -22.15 -28.45 13.89
C3 FUC Q . -21.71 -28.02 12.50
C4 FUC Q . -20.18 -28.20 12.35
C5 FUC Q . -19.42 -27.53 13.54
C6 FUC Q . -18.01 -28.04 13.72
O2 FUC Q . -23.56 -28.50 13.98
O3 FUC Q . -22.38 -28.77 11.47
O4 FUC Q . -19.86 -29.58 12.27
O5 FUC Q . -20.08 -27.69 14.85
C1 NAG R . 24.01 -25.61 -55.98
C2 NAG R . 22.83 -26.55 -56.05
C3 NAG R . 23.27 -27.91 -56.54
C4 NAG R . 23.94 -27.78 -57.91
C5 NAG R . 25.06 -26.73 -57.86
C6 NAG R . 25.59 -26.37 -59.24
C7 NAG R . 20.90 -26.28 -54.57
C8 NAG R . 20.35 -26.46 -53.19
N2 NAG R . 22.16 -26.66 -54.76
O3 NAG R . 22.14 -28.77 -56.63
O4 NAG R . 24.47 -29.03 -58.33
O5 NAG R . 24.61 -25.51 -57.28
O6 NAG R . 24.58 -26.43 -60.23
O7 NAG R . 20.23 -25.81 -55.48
C1 NAG R . 23.69 -29.53 -59.42
C2 NAG R . 24.57 -30.41 -60.31
C3 NAG R . 23.75 -31.07 -61.42
C4 NAG R . 22.54 -31.79 -60.84
C5 NAG R . 21.73 -30.83 -59.97
C6 NAG R . 20.56 -31.47 -59.28
C7 NAG R . 26.86 -29.53 -60.31
C8 NAG R . 27.87 -28.69 -61.05
N2 NAG R . 25.66 -29.65 -60.89
O3 NAG R . 24.56 -32.00 -62.13
O4 NAG R . 21.71 -32.29 -61.88
O5 NAG R . 22.57 -30.29 -58.94
O6 NAG R . 19.53 -30.53 -59.00
O7 NAG R . 27.12 -30.06 -59.24
C1 FUC R . 23.97 -25.13 -60.44
C2 FUC R . 23.84 -24.88 -61.95
C3 FUC R . 22.82 -25.85 -62.57
C4 FUC R . 21.47 -25.84 -61.80
C5 FUC R . 21.72 -26.03 -60.30
C6 FUC R . 20.47 -25.82 -59.46
O2 FUC R . 25.10 -24.97 -62.60
O3 FUC R . 22.55 -25.47 -63.91
O4 FUC R . 20.78 -24.62 -62.03
O5 FUC R . 22.71 -25.09 -59.80
C1 NAG S . 21.92 0.97 -42.21
C2 NAG S . 22.36 2.18 -41.39
C3 NAG S . 21.28 3.26 -41.44
C4 NAG S . 20.95 3.62 -42.88
C5 NAG S . 20.58 2.37 -43.68
C6 NAG S . 20.44 2.64 -45.16
C7 NAG S . 23.78 2.23 -39.40
C8 NAG S . 23.96 1.78 -37.98
N2 NAG S . 22.67 1.82 -40.02
O3 NAG S . 21.75 4.41 -40.74
O4 NAG S . 19.94 4.64 -42.95
O5 NAG S . 21.61 1.38 -43.54
O6 NAG S . 20.29 4.03 -45.42
O7 NAG S . 24.61 2.95 -39.96
C1 NAG S . 18.61 4.33 -42.48
C2 NAG S . 18.01 5.57 -41.82
C3 NAG S . 16.55 5.32 -41.42
C4 NAG S . 15.74 4.79 -42.58
C5 NAG S . 16.43 3.58 -43.21
C6 NAG S . 15.76 3.08 -44.45
C7 NAG S . 19.79 6.87 -40.75
C8 NAG S . 20.50 7.19 -39.47
N2 NAG S . 18.80 5.99 -40.67
O3 NAG S . 15.99 6.53 -40.94
O4 NAG S . 14.45 4.40 -42.14
O5 NAG S . 17.78 3.92 -43.57
O6 NAG S . 15.29 4.16 -45.25
O7 NAG S . 20.12 7.39 -41.82
C1 BMA S . 13.43 5.27 -42.68
C2 BMA S . 12.28 4.35 -43.22
C3 BMA S . 11.05 5.20 -43.58
C4 BMA S . 10.68 6.20 -42.48
C5 BMA S . 11.92 7.06 -42.14
C6 BMA S . 11.67 8.06 -41.04
O2 BMA S . 11.86 3.45 -42.22
O3 BMA S . 9.92 4.37 -43.85
O4 BMA S . 9.63 7.04 -42.92
O5 BMA S . 12.96 6.18 -41.69
O6 BMA S . 12.84 8.84 -40.87
C1 NAG T . 10.53 -10.25 -67.17
C2 NAG T . 11.44 -10.51 -68.35
C3 NAG T . 11.61 -12.00 -68.55
C4 NAG T . 12.13 -12.66 -67.27
C5 NAG T . 11.26 -12.28 -66.07
C6 NAG T . 11.88 -12.68 -64.75
C7 NAG T . 11.43 -8.73 -70.02
C8 NAG T . 10.81 -8.21 -71.28
N2 NAG T . 10.94 -9.88 -69.55
O3 NAG T . 12.55 -12.21 -69.60
O4 NAG T . 12.13 -14.07 -67.44
O5 NAG T . 11.08 -10.85 -66.00
O6 NAG T . 13.02 -11.87 -64.46
O7 NAG T . 12.34 -8.14 -69.45
C1 NAG T . 13.47 -14.60 -67.40
C2 NAG T . 13.41 -16.10 -67.70
C3 NAG T . 14.82 -16.69 -67.72
C4 NAG T . 15.73 -15.90 -68.66
C5 NAG T . 15.69 -14.42 -68.30
C6 NAG T . 16.48 -13.56 -69.27
C7 NAG T . 11.79 -17.83 -67.08
C8 NAG T . 10.99 -18.43 -65.96
N2 NAG T . 12.57 -16.79 -66.74
O3 NAG T . 14.77 -18.05 -68.12
O4 NAG T . 17.06 -16.39 -68.54
O5 NAG T . 14.34 -13.94 -68.34
O6 NAG T . 17.87 -13.59 -68.97
O7 NAG T . 11.73 -18.25 -68.23
C1 FUC T . 14.13 -12.73 -64.14
C2 FUC T . 15.40 -12.16 -64.84
C3 FUC T . 15.92 -10.89 -64.14
C4 FUC T . 16.05 -11.11 -62.62
C5 FUC T . 14.73 -11.62 -62.05
C6 FUC T . 14.82 -11.97 -60.58
O2 FUC T . 15.18 -11.89 -66.21
O3 FUC T . 17.22 -10.58 -64.63
O4 FUC T . 17.08 -12.06 -62.37
O5 FUC T . 14.31 -12.82 -62.72
C1 NAG U . -24.75 -6.60 -19.53
C2 NAG U . -25.33 -7.66 -18.62
C3 NAG U . -26.10 -8.69 -19.45
C4 NAG U . -27.08 -8.03 -20.42
C5 NAG U . -26.50 -6.79 -21.11
C6 NAG U . -27.55 -5.91 -21.75
C7 NAG U . -23.95 -7.98 -16.61
C8 NAG U . -22.84 -8.76 -15.98
N2 NAG U . -24.26 -8.31 -17.87
O3 NAG U . -26.82 -9.56 -18.57
O4 NAG U . -27.39 -8.99 -21.42
O5 NAG U . -25.80 -5.95 -20.19
O6 NAG U . -28.66 -5.74 -20.88
O7 NAG U . -24.53 -7.08 -16.01
C1 NAG U . -28.79 -9.32 -21.49
C2 NAG U . -29.10 -9.60 -22.96
C3 NAG U . -30.57 -9.97 -23.13
C4 NAG U . -30.92 -11.15 -22.21
C5 NAG U . -30.52 -10.84 -20.77
C6 NAG U . -30.71 -12.02 -19.84
C7 NAG U . -27.63 -8.34 -24.46
C8 NAG U . -27.45 -7.10 -25.28
N2 NAG U . -28.77 -8.44 -23.80
O3 NAG U . -30.82 -10.33 -24.48
O4 NAG U . -32.32 -11.40 -22.26
O5 NAG U . -29.13 -10.48 -20.70
O6 NAG U . -29.46 -12.49 -19.35
O7 NAG U . -26.76 -9.21 -24.42
C1 NAG V . -13.04 15.53 -35.44
C2 NAG V . -14.34 15.93 -36.08
C3 NAG V . -14.05 16.72 -37.34
C4 NAG V . -13.16 17.93 -37.03
C5 NAG V . -11.99 17.61 -36.08
C6 NAG V . -11.50 18.86 -35.39
C7 NAG V . -16.24 14.45 -35.62
C8 NAG V . -17.01 13.25 -36.05
N2 NAG V . -15.18 14.79 -36.37
O3 NAG V . -15.27 17.14 -37.94
O4 NAG V . -12.63 18.46 -38.23
O5 NAG V . -12.35 16.69 -35.03
O6 NAG V . -12.52 19.39 -34.56
O7 NAG V . -16.56 15.10 -34.62
C1 FUC V . -12.71 20.81 -34.75
C2 FUC V . -14.22 21.10 -34.84
C3 FUC V . -14.87 20.61 -33.55
C4 FUC V . -14.30 21.41 -32.36
C5 FUC V . -12.75 21.36 -32.35
C6 FUC V . -12.12 22.42 -31.48
O2 FUC V . -14.85 20.52 -35.97
O3 FUC V . -16.28 20.81 -33.59
O4 FUC V . -14.75 22.75 -32.43
O5 FUC V . -12.15 21.55 -33.68
C1 NAG W . -36.61 33.77 28.17
C2 NAG W . -37.39 35.04 27.89
C3 NAG W . -38.88 34.71 27.72
C4 NAG W . -39.07 33.66 26.64
C5 NAG W . -38.18 32.44 26.91
C6 NAG W . -38.20 31.44 25.77
C7 NAG W . -36.34 37.03 28.87
C8 NAG W . -36.28 37.95 30.04
N2 NAG W . -37.21 36.02 28.95
O3 NAG W . -39.60 35.88 27.38
O4 NAG W . -40.42 33.24 26.61
O5 NAG W . -36.81 32.83 27.09
O6 NAG W . -37.57 31.98 24.62
O7 NAG W . -35.64 37.19 27.87
C1 NAG X . -20.24 16.16 53.63
C2 NAG X . -18.99 16.67 52.91
C3 NAG X . -18.30 17.75 53.75
C4 NAG X . -19.27 18.86 54.12
C5 NAG X . -20.51 18.27 54.80
C6 NAG X . -21.57 19.30 55.07
C7 NAG X . -17.31 15.55 51.53
C8 NAG X . -16.43 14.34 51.39
N2 NAG X . -18.07 15.58 52.62
O3 NAG X . -17.21 18.29 53.01
O4 NAG X . -18.65 19.78 55.00
O5 NAG X . -21.11 17.27 53.94
O6 NAG X . -21.00 20.59 55.27
O7 NAG X . -17.35 16.42 50.69
C1 NAG Y . 16.71 -36.07 -40.47
C2 NAG Y . 16.73 -37.57 -40.66
C3 NAG Y . 15.63 -37.97 -41.63
C4 NAG Y . 14.27 -37.42 -41.21
C5 NAG Y . 14.36 -35.93 -40.87
C6 NAG Y . 13.12 -35.42 -40.19
C7 NAG Y . 18.96 -38.52 -40.32
C8 NAG Y . 20.23 -38.97 -40.96
N2 NAG Y . 18.02 -38.03 -41.13
O3 NAG Y . 15.57 -39.39 -41.70
O4 NAG Y . 13.36 -37.57 -42.28
O5 NAG Y . 15.44 -35.67 -39.96
O6 NAG Y . 13.37 -35.08 -38.83
O7 NAG Y . 18.78 -38.59 -39.10
C1 NAG Z . 35.26 -8.27 -49.50
C2 NAG Z . 35.71 -8.19 -48.05
C3 NAG Z . 37.16 -8.63 -47.91
C4 NAG Z . 37.37 -10.01 -48.54
C5 NAG Z . 36.85 -10.02 -49.97
C6 NAG Z . 36.91 -11.38 -50.61
C7 NAG Z . 35.12 -6.59 -46.28
C8 NAG Z . 35.01 -5.14 -45.91
N2 NAG Z . 35.54 -6.84 -47.52
O3 NAG Z . 37.53 -8.67 -46.54
O4 NAG Z . 38.75 -10.34 -48.54
O5 NAG Z . 35.47 -9.60 -49.99
O6 NAG Z . 38.24 -11.82 -50.77
O7 NAG Z . 34.82 -7.49 -45.50
#